data_1JB1
# 
_entry.id   1JB1 
# 
_audit_conform.dict_name       mmcif_pdbx.dic 
_audit_conform.dict_version    5.398 
_audit_conform.dict_location   http://mmcif.pdb.org/dictionaries/ascii/mmcif_pdbx.dic 
# 
loop_
_database_2.database_id 
_database_2.database_code 
_database_2.pdbx_database_accession 
_database_2.pdbx_DOI 
PDB   1JB1         pdb_00001jb1 10.2210/pdb1jb1/pdb 
RCSB  RCSB013572   ?            ?                   
WWPDB D_1000013572 ?            ?                   
# 
loop_
_pdbx_audit_revision_history.ordinal 
_pdbx_audit_revision_history.data_content_type 
_pdbx_audit_revision_history.major_revision 
_pdbx_audit_revision_history.minor_revision 
_pdbx_audit_revision_history.revision_date 
1 'Structure model' 1 0 2001-08-08 
2 'Structure model' 1 1 2008-04-27 
3 'Structure model' 1 2 2011-07-13 
4 'Structure model' 1 3 2017-10-04 
5 'Structure model' 1 4 2024-11-06 
# 
_pdbx_audit_revision_details.ordinal             1 
_pdbx_audit_revision_details.revision_ordinal    1 
_pdbx_audit_revision_details.data_content_type   'Structure model' 
_pdbx_audit_revision_details.provider            repository 
_pdbx_audit_revision_details.type                'Initial release' 
_pdbx_audit_revision_details.description         ? 
_pdbx_audit_revision_details.details             ? 
# 
loop_
_pdbx_audit_revision_group.ordinal 
_pdbx_audit_revision_group.revision_ordinal 
_pdbx_audit_revision_group.data_content_type 
_pdbx_audit_revision_group.group 
1 2 'Structure model' 'Version format compliance' 
2 3 'Structure model' 'Version format compliance' 
3 4 'Structure model' 'Refinement description'    
4 5 'Structure model' 'Data collection'           
5 5 'Structure model' 'Database references'       
6 5 'Structure model' 'Derived calculations'      
7 5 'Structure model' 'Structure summary'         
# 
loop_
_pdbx_audit_revision_category.ordinal 
_pdbx_audit_revision_category.revision_ordinal 
_pdbx_audit_revision_category.data_content_type 
_pdbx_audit_revision_category.category 
1 4 'Structure model' software                  
2 5 'Structure model' chem_comp_atom            
3 5 'Structure model' chem_comp_bond            
4 5 'Structure model' database_2                
5 5 'Structure model' pdbx_entry_details        
6 5 'Structure model' pdbx_modification_feature 
7 5 'Structure model' struct_conn               
8 5 'Structure model' struct_ref_seq_dif        
9 5 'Structure model' struct_site               
# 
loop_
_pdbx_audit_revision_item.ordinal 
_pdbx_audit_revision_item.revision_ordinal 
_pdbx_audit_revision_item.data_content_type 
_pdbx_audit_revision_item.item 
1 5 'Structure model' '_database_2.pdbx_DOI'                
2 5 'Structure model' '_database_2.pdbx_database_accession' 
3 5 'Structure model' '_struct_conn.pdbx_leaving_atom_flag' 
4 5 'Structure model' '_struct_ref_seq_dif.details'         
5 5 'Structure model' '_struct_site.pdbx_auth_asym_id'      
6 5 'Structure model' '_struct_site.pdbx_auth_comp_id'      
7 5 'Structure model' '_struct_site.pdbx_auth_seq_id'       
# 
_pdbx_database_status.status_code                     REL 
_pdbx_database_status.entry_id                        1JB1 
_pdbx_database_status.recvd_initial_deposition_date   2001-06-01 
_pdbx_database_status.deposit_site                    RCSB 
_pdbx_database_status.process_site                    RCSB 
_pdbx_database_status.status_code_sf                  REL 
_pdbx_database_status.status_code_mr                  ? 
_pdbx_database_status.SG_entry                        ? 
_pdbx_database_status.pdb_format_compatible           Y 
_pdbx_database_status.status_code_cs                  ? 
_pdbx_database_status.methods_development_category    ? 
_pdbx_database_status.status_code_nmr_data            ? 
# 
loop_
_audit_author.name 
_audit_author.pdbx_ordinal 
'Fieulaine, S.'        1 
'Morera, S.'           2 
'Poncet, S.'           3 
'Monedero, V.'         4 
'Gueguen-Chaignon, V.' 5 
'Galinier, A.'         6 
'Janin, J.'            7 
'Deutscher, J.'        8 
'Nessler, S.'          9 
# 
_citation.id                        primary 
_citation.title                     
'X-ray structure of HPr kinase: a bacterial protein kinase with a P-loop nucleotide-binding domain.' 
_citation.journal_abbrev            'EMBO J.' 
_citation.journal_volume            20 
_citation.page_first                3917 
_citation.page_last                 3927 
_citation.year                      2001 
_citation.journal_id_ASTM           EMJODG 
_citation.country                   UK 
_citation.journal_id_ISSN           0261-4189 
_citation.journal_id_CSD            0897 
_citation.book_publisher            ? 
_citation.pdbx_database_id_PubMed   11483495 
_citation.pdbx_database_id_DOI      10.1093/emboj/20.15.3917 
# 
loop_
_citation_author.citation_id 
_citation_author.name 
_citation_author.ordinal 
_citation_author.identifier_ORCID 
primary 'Fieulaine, S.'        1 ? 
primary 'Morera, S.'           2 ? 
primary 'Poncet, S.'           3 ? 
primary 'Monedero, V.'         4 ? 
primary 'Gueguen-Chaignon, V.' 5 ? 
primary 'Galinier, A.'         6 ? 
primary 'Janin, J.'            7 ? 
primary 'Deutscher, J.'        8 ? 
primary 'Nessler, S.'          9 ? 
# 
loop_
_entity.id 
_entity.type 
_entity.src_method 
_entity.pdbx_description 
_entity.formula_weight 
_entity.pdbx_number_of_molecules 
_entity.pdbx_ec 
_entity.pdbx_mutation 
_entity.pdbx_fragment 
_entity.details 
1 polymer     man 'HPRK PROTEIN'  22961.021 1  '2.7.1.-, 3.1.3.-' ? 'C-Terminus (residues 128-319)' ? 
2 non-polymer syn 'PHOSPHATE ION' 94.971    1  ?                  ? ?                               ? 
3 water       nat water           18.015    50 ?                  ? ?                               ? 
# 
_entity_poly.entity_id                      1 
_entity_poly.type                           'polypeptide(L)' 
_entity_poly.nstd_linkage                   no 
_entity_poly.nstd_monomer                   yes 
_entity_poly.pdbx_seq_one_letter_code       
;(MSE)RGSHHHHHHGS(MSE)YLDSQLAERRS(MSE)HGVLVDIYGLGVLITGDSGVGKSETALELVQRGHRLIADDRVD
VYQQDEQTIVGAAPPILSHLLEIRGLGIIDV(MSE)NLFGAGAVREDTTISLIVHLENWTPDKTFDRLGSGEQTQLIFDV
PVPKITVPVKVGRNLAIIIEVAA(MSE)NFRAKS(MSE)GYDATKTFEKNLNHLIEHNEETDQNSSGDK
;
_entity_poly.pdbx_seq_one_letter_code_can   
;MRGSHHHHHHGSMYLDSQLAERRSMHGVLVDIYGLGVLITGDSGVGKSETALELVQRGHRLIADDRVDVYQQDEQTIVGA
APPILSHLLEIRGLGIIDVMNLFGAGAVREDTTISLIVHLENWTPDKTFDRLGSGEQTQLIFDVPVPKITVPVKVGRNLA
IIIEVAAMNFRAKSMGYDATKTFEKNLNHLIEHNEETDQNSSGDK
;
_entity_poly.pdbx_strand_id                 A 
_entity_poly.pdbx_target_identifier         ? 
# 
loop_
_pdbx_entity_nonpoly.entity_id 
_pdbx_entity_nonpoly.name 
_pdbx_entity_nonpoly.comp_id 
2 'PHOSPHATE ION' PO4 
3 water           HOH 
# 
loop_
_entity_poly_seq.entity_id 
_entity_poly_seq.num 
_entity_poly_seq.mon_id 
_entity_poly_seq.hetero 
1 1   MSE n 
1 2   ARG n 
1 3   GLY n 
1 4   SER n 
1 5   HIS n 
1 6   HIS n 
1 7   HIS n 
1 8   HIS n 
1 9   HIS n 
1 10  HIS n 
1 11  GLY n 
1 12  SER n 
1 13  MSE n 
1 14  TYR n 
1 15  LEU n 
1 16  ASP n 
1 17  SER n 
1 18  GLN n 
1 19  LEU n 
1 20  ALA n 
1 21  GLU n 
1 22  ARG n 
1 23  ARG n 
1 24  SER n 
1 25  MSE n 
1 26  HIS n 
1 27  GLY n 
1 28  VAL n 
1 29  LEU n 
1 30  VAL n 
1 31  ASP n 
1 32  ILE n 
1 33  TYR n 
1 34  GLY n 
1 35  LEU n 
1 36  GLY n 
1 37  VAL n 
1 38  LEU n 
1 39  ILE n 
1 40  THR n 
1 41  GLY n 
1 42  ASP n 
1 43  SER n 
1 44  GLY n 
1 45  VAL n 
1 46  GLY n 
1 47  LYS n 
1 48  SER n 
1 49  GLU n 
1 50  THR n 
1 51  ALA n 
1 52  LEU n 
1 53  GLU n 
1 54  LEU n 
1 55  VAL n 
1 56  GLN n 
1 57  ARG n 
1 58  GLY n 
1 59  HIS n 
1 60  ARG n 
1 61  LEU n 
1 62  ILE n 
1 63  ALA n 
1 64  ASP n 
1 65  ASP n 
1 66  ARG n 
1 67  VAL n 
1 68  ASP n 
1 69  VAL n 
1 70  TYR n 
1 71  GLN n 
1 72  GLN n 
1 73  ASP n 
1 74  GLU n 
1 75  GLN n 
1 76  THR n 
1 77  ILE n 
1 78  VAL n 
1 79  GLY n 
1 80  ALA n 
1 81  ALA n 
1 82  PRO n 
1 83  PRO n 
1 84  ILE n 
1 85  LEU n 
1 86  SER n 
1 87  HIS n 
1 88  LEU n 
1 89  LEU n 
1 90  GLU n 
1 91  ILE n 
1 92  ARG n 
1 93  GLY n 
1 94  LEU n 
1 95  GLY n 
1 96  ILE n 
1 97  ILE n 
1 98  ASP n 
1 99  VAL n 
1 100 MSE n 
1 101 ASN n 
1 102 LEU n 
1 103 PHE n 
1 104 GLY n 
1 105 ALA n 
1 106 GLY n 
1 107 ALA n 
1 108 VAL n 
1 109 ARG n 
1 110 GLU n 
1 111 ASP n 
1 112 THR n 
1 113 THR n 
1 114 ILE n 
1 115 SER n 
1 116 LEU n 
1 117 ILE n 
1 118 VAL n 
1 119 HIS n 
1 120 LEU n 
1 121 GLU n 
1 122 ASN n 
1 123 TRP n 
1 124 THR n 
1 125 PRO n 
1 126 ASP n 
1 127 LYS n 
1 128 THR n 
1 129 PHE n 
1 130 ASP n 
1 131 ARG n 
1 132 LEU n 
1 133 GLY n 
1 134 SER n 
1 135 GLY n 
1 136 GLU n 
1 137 GLN n 
1 138 THR n 
1 139 GLN n 
1 140 LEU n 
1 141 ILE n 
1 142 PHE n 
1 143 ASP n 
1 144 VAL n 
1 145 PRO n 
1 146 VAL n 
1 147 PRO n 
1 148 LYS n 
1 149 ILE n 
1 150 THR n 
1 151 VAL n 
1 152 PRO n 
1 153 VAL n 
1 154 LYS n 
1 155 VAL n 
1 156 GLY n 
1 157 ARG n 
1 158 ASN n 
1 159 LEU n 
1 160 ALA n 
1 161 ILE n 
1 162 ILE n 
1 163 ILE n 
1 164 GLU n 
1 165 VAL n 
1 166 ALA n 
1 167 ALA n 
1 168 MSE n 
1 169 ASN n 
1 170 PHE n 
1 171 ARG n 
1 172 ALA n 
1 173 LYS n 
1 174 SER n 
1 175 MSE n 
1 176 GLY n 
1 177 TYR n 
1 178 ASP n 
1 179 ALA n 
1 180 THR n 
1 181 LYS n 
1 182 THR n 
1 183 PHE n 
1 184 GLU n 
1 185 LYS n 
1 186 ASN n 
1 187 LEU n 
1 188 ASN n 
1 189 HIS n 
1 190 LEU n 
1 191 ILE n 
1 192 GLU n 
1 193 HIS n 
1 194 ASN n 
1 195 GLU n 
1 196 GLU n 
1 197 THR n 
1 198 ASP n 
1 199 GLN n 
1 200 ASN n 
1 201 SER n 
1 202 SER n 
1 203 GLY n 
1 204 ASP n 
1 205 LYS n 
# 
_entity_src_gen.entity_id                          1 
_entity_src_gen.pdbx_src_id                        1 
_entity_src_gen.pdbx_alt_source_flag               sample 
_entity_src_gen.pdbx_seq_type                      ? 
_entity_src_gen.pdbx_beg_seq_num                   ? 
_entity_src_gen.pdbx_end_seq_num                   ? 
_entity_src_gen.gene_src_common_name               ? 
_entity_src_gen.gene_src_genus                     Lactobacillus 
_entity_src_gen.pdbx_gene_src_gene                 PTSK 
_entity_src_gen.gene_src_species                   ? 
_entity_src_gen.gene_src_strain                    ? 
_entity_src_gen.gene_src_tissue                    ? 
_entity_src_gen.gene_src_tissue_fraction           ? 
_entity_src_gen.gene_src_details                   ? 
_entity_src_gen.pdbx_gene_src_fragment             ? 
_entity_src_gen.pdbx_gene_src_scientific_name      'Lactobacillus casei' 
_entity_src_gen.pdbx_gene_src_ncbi_taxonomy_id     1582 
_entity_src_gen.pdbx_gene_src_variant              ? 
_entity_src_gen.pdbx_gene_src_cell_line            ? 
_entity_src_gen.pdbx_gene_src_atcc                 ? 
_entity_src_gen.pdbx_gene_src_organ                ? 
_entity_src_gen.pdbx_gene_src_organelle            ? 
_entity_src_gen.pdbx_gene_src_cell                 ? 
_entity_src_gen.pdbx_gene_src_cellular_location    ? 
_entity_src_gen.host_org_common_name               ? 
_entity_src_gen.pdbx_host_org_scientific_name      'Escherichia coli' 
_entity_src_gen.pdbx_host_org_ncbi_taxonomy_id     562 
_entity_src_gen.host_org_genus                     Escherichia 
_entity_src_gen.pdbx_host_org_gene                 ? 
_entity_src_gen.pdbx_host_org_organ                ? 
_entity_src_gen.host_org_species                   ? 
_entity_src_gen.pdbx_host_org_tissue               ? 
_entity_src_gen.pdbx_host_org_tissue_fraction      ? 
_entity_src_gen.pdbx_host_org_strain               NM522 
_entity_src_gen.pdbx_host_org_variant              ? 
_entity_src_gen.pdbx_host_org_cell_line            ? 
_entity_src_gen.pdbx_host_org_atcc                 ? 
_entity_src_gen.pdbx_host_org_culture_collection   ? 
_entity_src_gen.pdbx_host_org_cell                 ? 
_entity_src_gen.pdbx_host_org_organelle            ? 
_entity_src_gen.pdbx_host_org_cellular_location    ? 
_entity_src_gen.pdbx_host_org_vector_type          plasmid 
_entity_src_gen.pdbx_host_org_vector               ? 
_entity_src_gen.host_org_details                   ? 
_entity_src_gen.expression_system_id               ? 
_entity_src_gen.plasmid_name                       pQE30 
_entity_src_gen.plasmid_details                    ? 
_entity_src_gen.pdbx_description                   ? 
# 
loop_
_chem_comp.id 
_chem_comp.type 
_chem_comp.mon_nstd_flag 
_chem_comp.name 
_chem_comp.pdbx_synonyms 
_chem_comp.formula 
_chem_comp.formula_weight 
ALA 'L-peptide linking' y ALANINE          ? 'C3 H7 N O2'     89.093  
ARG 'L-peptide linking' y ARGININE         ? 'C6 H15 N4 O2 1' 175.209 
ASN 'L-peptide linking' y ASPARAGINE       ? 'C4 H8 N2 O3'    132.118 
ASP 'L-peptide linking' y 'ASPARTIC ACID'  ? 'C4 H7 N O4'     133.103 
GLN 'L-peptide linking' y GLUTAMINE        ? 'C5 H10 N2 O3'   146.144 
GLU 'L-peptide linking' y 'GLUTAMIC ACID'  ? 'C5 H9 N O4'     147.129 
GLY 'peptide linking'   y GLYCINE          ? 'C2 H5 N O2'     75.067  
HIS 'L-peptide linking' y HISTIDINE        ? 'C6 H10 N3 O2 1' 156.162 
HOH non-polymer         . WATER            ? 'H2 O'           18.015  
ILE 'L-peptide linking' y ISOLEUCINE       ? 'C6 H13 N O2'    131.173 
LEU 'L-peptide linking' y LEUCINE          ? 'C6 H13 N O2'    131.173 
LYS 'L-peptide linking' y LYSINE           ? 'C6 H15 N2 O2 1' 147.195 
MET 'L-peptide linking' y METHIONINE       ? 'C5 H11 N O2 S'  149.211 
MSE 'L-peptide linking' n SELENOMETHIONINE ? 'C5 H11 N O2 Se' 196.106 
PHE 'L-peptide linking' y PHENYLALANINE    ? 'C9 H11 N O2'    165.189 
PO4 non-polymer         . 'PHOSPHATE ION'  ? 'O4 P -3'        94.971  
PRO 'L-peptide linking' y PROLINE          ? 'C5 H9 N O2'     115.130 
SER 'L-peptide linking' y SERINE           ? 'C3 H7 N O3'     105.093 
THR 'L-peptide linking' y THREONINE        ? 'C4 H9 N O3'     119.119 
TRP 'L-peptide linking' y TRYPTOPHAN       ? 'C11 H12 N2 O2'  204.225 
TYR 'L-peptide linking' y TYROSINE         ? 'C9 H11 N O3'    181.189 
VAL 'L-peptide linking' y VALINE           ? 'C5 H11 N O2'    117.146 
# 
loop_
_pdbx_poly_seq_scheme.asym_id 
_pdbx_poly_seq_scheme.entity_id 
_pdbx_poly_seq_scheme.seq_id 
_pdbx_poly_seq_scheme.mon_id 
_pdbx_poly_seq_scheme.ndb_seq_num 
_pdbx_poly_seq_scheme.pdb_seq_num 
_pdbx_poly_seq_scheme.auth_seq_num 
_pdbx_poly_seq_scheme.pdb_mon_id 
_pdbx_poly_seq_scheme.auth_mon_id 
_pdbx_poly_seq_scheme.pdb_strand_id 
_pdbx_poly_seq_scheme.pdb_ins_code 
_pdbx_poly_seq_scheme.hetero 
A 1 1   MSE 1   115 ?   ?   ?   A . n 
A 1 2   ARG 2   116 ?   ?   ?   A . n 
A 1 3   GLY 3   117 ?   ?   ?   A . n 
A 1 4   SER 4   118 ?   ?   ?   A . n 
A 1 5   HIS 5   119 ?   ?   ?   A . n 
A 1 6   HIS 6   120 ?   ?   ?   A . n 
A 1 7   HIS 7   121 ?   ?   ?   A . n 
A 1 8   HIS 8   122 ?   ?   ?   A . n 
A 1 9   HIS 9   123 ?   ?   ?   A . n 
A 1 10  HIS 10  124 ?   ?   ?   A . n 
A 1 11  GLY 11  125 ?   ?   ?   A . n 
A 1 12  SER 12  126 ?   ?   ?   A . n 
A 1 13  MSE 13  127 ?   ?   ?   A . n 
A 1 14  TYR 14  128 ?   ?   ?   A . n 
A 1 15  LEU 15  129 ?   ?   ?   A . n 
A 1 16  ASP 16  130 ?   ?   ?   A . n 
A 1 17  SER 17  131 ?   ?   ?   A . n 
A 1 18  GLN 18  132 ?   ?   ?   A . n 
A 1 19  LEU 19  133 ?   ?   ?   A . n 
A 1 20  ALA 20  134 ?   ?   ?   A . n 
A 1 21  GLU 21  135 135 GLU GLU A . n 
A 1 22  ARG 22  136 136 ARG ARG A . n 
A 1 23  ARG 23  137 137 ARG ALA A . n 
A 1 24  SER 24  138 138 SER SER A . n 
A 1 25  MSE 25  139 139 MSE MSE A . n 
A 1 26  HIS 26  140 140 HIS ALA A . n 
A 1 27  GLY 27  141 141 GLY GLY A . n 
A 1 28  VAL 28  142 142 VAL VAL A . n 
A 1 29  LEU 29  143 143 LEU LEU A . n 
A 1 30  VAL 30  144 144 VAL VAL A . n 
A 1 31  ASP 31  145 145 ASP ASP A . n 
A 1 32  ILE 32  146 146 ILE ILE A . n 
A 1 33  TYR 33  147 147 TYR TYR A . n 
A 1 34  GLY 34  148 148 GLY GLY A . n 
A 1 35  LEU 35  149 149 LEU LEU A . n 
A 1 36  GLY 36  150 150 GLY GLY A . n 
A 1 37  VAL 37  151 151 VAL VAL A . n 
A 1 38  LEU 38  152 152 LEU LEU A . n 
A 1 39  ILE 39  153 153 ILE ILE A . n 
A 1 40  THR 40  154 154 THR THR A . n 
A 1 41  GLY 41  155 155 GLY GLY A . n 
A 1 42  ASP 42  156 156 ASP ASP A . n 
A 1 43  SER 43  157 157 SER SER A . n 
A 1 44  GLY 44  158 158 GLY GLY A . n 
A 1 45  VAL 45  159 159 VAL VAL A . n 
A 1 46  GLY 46  160 160 GLY GLY A . n 
A 1 47  LYS 47  161 161 LYS LYS A . n 
A 1 48  SER 48  162 162 SER SER A . n 
A 1 49  GLU 49  163 163 GLU GLU A . n 
A 1 50  THR 50  164 164 THR THR A . n 
A 1 51  ALA 51  165 165 ALA ALA A . n 
A 1 52  LEU 52  166 166 LEU LEU A . n 
A 1 53  GLU 53  167 167 GLU GLU A . n 
A 1 54  LEU 54  168 168 LEU LEU A . n 
A 1 55  VAL 55  169 169 VAL VAL A . n 
A 1 56  GLN 56  170 170 GLN GLN A . n 
A 1 57  ARG 57  171 171 ARG ARG A . n 
A 1 58  GLY 58  172 172 GLY GLY A . n 
A 1 59  HIS 59  173 173 HIS HIS A . n 
A 1 60  ARG 60  174 174 ARG ARG A . n 
A 1 61  LEU 61  175 175 LEU LEU A . n 
A 1 62  ILE 62  176 176 ILE ILE A . n 
A 1 63  ALA 63  177 177 ALA ALA A . n 
A 1 64  ASP 64  178 178 ASP ASP A . n 
A 1 65  ASP 65  179 179 ASP ASP A . n 
A 1 66  ARG 66  180 180 ARG ARG A . n 
A 1 67  VAL 67  181 181 VAL VAL A . n 
A 1 68  ASP 68  182 182 ASP ASP A . n 
A 1 69  VAL 69  183 183 VAL VAL A . n 
A 1 70  TYR 70  184 184 TYR ALA A . n 
A 1 71  GLN 71  185 185 GLN GLN A . n 
A 1 72  GLN 72  186 186 GLN GLN A . n 
A 1 73  ASP 73  187 187 ASP ASP A . n 
A 1 74  GLU 74  188 188 GLU GLU A . n 
A 1 75  GLN 75  189 189 GLN GLN A . n 
A 1 76  THR 76  190 190 THR THR A . n 
A 1 77  ILE 77  191 191 ILE ILE A . n 
A 1 78  VAL 78  192 192 VAL VAL A . n 
A 1 79  GLY 79  193 193 GLY GLY A . n 
A 1 80  ALA 80  194 194 ALA ALA A . n 
A 1 81  ALA 81  195 195 ALA ALA A . n 
A 1 82  PRO 82  196 196 PRO PRO A . n 
A 1 83  PRO 83  197 197 PRO PRO A . n 
A 1 84  ILE 84  198 198 ILE ILE A . n 
A 1 85  LEU 85  199 199 LEU LEU A . n 
A 1 86  SER 86  200 200 SER SER A . n 
A 1 87  HIS 87  201 201 HIS HIS A . n 
A 1 88  LEU 88  202 202 LEU LEU A . n 
A 1 89  LEU 89  203 203 LEU LEU A . n 
A 1 90  GLU 90  204 204 GLU ALA A . n 
A 1 91  ILE 91  205 205 ILE ILE A . n 
A 1 92  ARG 92  206 206 ARG ALA A . n 
A 1 93  GLY 93  207 207 GLY GLY A . n 
A 1 94  LEU 94  208 208 LEU LEU A . n 
A 1 95  GLY 95  209 209 GLY GLY A . n 
A 1 96  ILE 96  210 210 ILE ILE A . n 
A 1 97  ILE 97  211 211 ILE ILE A . n 
A 1 98  ASP 98  212 212 ASP ASP A . n 
A 1 99  VAL 99  213 213 VAL VAL A . n 
A 1 100 MSE 100 214 214 MSE MSE A . n 
A 1 101 ASN 101 215 215 ASN ASN A . n 
A 1 102 LEU 102 216 216 LEU LEU A . n 
A 1 103 PHE 103 217 217 PHE PHE A . n 
A 1 104 GLY 104 218 218 GLY GLY A . n 
A 1 105 ALA 105 219 219 ALA ALA A . n 
A 1 106 GLY 106 220 220 GLY GLY A . n 
A 1 107 ALA 107 221 221 ALA ALA A . n 
A 1 108 VAL 108 222 222 VAL VAL A . n 
A 1 109 ARG 109 223 223 ARG ARG A . n 
A 1 110 GLU 110 224 224 GLU GLU A . n 
A 1 111 ASP 111 225 225 ASP ASP A . n 
A 1 112 THR 112 226 226 THR THR A . n 
A 1 113 THR 113 227 227 THR THR A . n 
A 1 114 ILE 114 228 228 ILE ILE A . n 
A 1 115 SER 115 229 229 SER SER A . n 
A 1 116 LEU 116 230 230 LEU LEU A . n 
A 1 117 ILE 117 231 231 ILE ILE A . n 
A 1 118 VAL 118 232 232 VAL VAL A . n 
A 1 119 HIS 119 233 233 HIS HIS A . n 
A 1 120 LEU 120 234 234 LEU LEU A . n 
A 1 121 GLU 121 235 235 GLU GLU A . n 
A 1 122 ASN 122 236 236 ASN ASN A . n 
A 1 123 TRP 123 237 237 TRP TRP A . n 
A 1 124 THR 124 238 238 THR THR A . n 
A 1 125 PRO 125 239 239 PRO ALA A . n 
A 1 126 ASP 126 240 240 ASP ALA A . n 
A 1 127 LYS 127 241 ?   ?   ?   A . n 
A 1 128 THR 128 242 ?   ?   ?   A . n 
A 1 129 PHE 129 243 ?   ?   ?   A . n 
A 1 130 ASP 130 244 ?   ?   ?   A . n 
A 1 131 ARG 131 245 ?   ?   ?   A . n 
A 1 132 LEU 132 246 ?   ?   ?   A . n 
A 1 133 GLY 133 247 ?   ?   ?   A . n 
A 1 134 SER 134 248 ?   ?   ?   A . n 
A 1 135 GLY 135 249 ?   ?   ?   A . n 
A 1 136 GLU 136 250 ?   ?   ?   A . n 
A 1 137 GLN 137 251 ?   ?   ?   A . n 
A 1 138 THR 138 252 ?   ?   ?   A . n 
A 1 139 GLN 139 253 253 GLN GLN A . n 
A 1 140 LEU 140 254 254 LEU ALA A . n 
A 1 141 ILE 141 255 255 ILE ILE A . n 
A 1 142 PHE 142 256 256 PHE ALA A . n 
A 1 143 ASP 143 257 257 ASP ALA A . n 
A 1 144 VAL 144 258 258 VAL VAL A . n 
A 1 145 PRO 145 259 259 PRO PRO A . n 
A 1 146 VAL 146 260 260 VAL VAL A . n 
A 1 147 PRO 147 261 261 PRO PRO A . n 
A 1 148 LYS 148 262 262 LYS LYS A . n 
A 1 149 ILE 149 263 263 ILE ILE A . n 
A 1 150 THR 150 264 264 THR THR A . n 
A 1 151 VAL 151 265 265 VAL VAL A . n 
A 1 152 PRO 152 266 266 PRO PRO A . n 
A 1 153 VAL 153 267 267 VAL VAL A . n 
A 1 154 LYS 154 268 268 LYS ALA A . n 
A 1 155 VAL 155 269 269 VAL VAL A . n 
A 1 156 GLY 156 270 270 GLY GLY A . n 
A 1 157 ARG 157 271 271 ARG ALA A . n 
A 1 158 ASN 158 272 272 ASN ASN A . n 
A 1 159 LEU 159 273 273 LEU LEU A . n 
A 1 160 ALA 160 274 274 ALA ALA A . n 
A 1 161 ILE 161 275 275 ILE ILE A . n 
A 1 162 ILE 162 276 276 ILE ILE A . n 
A 1 163 ILE 163 277 277 ILE ILE A . n 
A 1 164 GLU 164 278 278 GLU GLU A . n 
A 1 165 VAL 165 279 279 VAL VAL A . n 
A 1 166 ALA 166 280 280 ALA ALA A . n 
A 1 167 ALA 167 281 281 ALA ALA A . n 
A 1 168 MSE 168 282 282 MSE MSE A . n 
A 1 169 ASN 169 283 283 ASN ASN A . n 
A 1 170 PHE 170 284 284 PHE PHE A . n 
A 1 171 ARG 171 285 285 ARG ARG A . n 
A 1 172 ALA 172 286 286 ALA ALA A . n 
A 1 173 LYS 173 287 287 LYS LYS A . n 
A 1 174 SER 174 288 288 SER SER A . n 
A 1 175 MSE 175 289 289 MSE MSE A . n 
A 1 176 GLY 176 290 290 GLY GLY A . n 
A 1 177 TYR 177 291 291 TYR TYR A . n 
A 1 178 ASP 178 292 292 ASP ASP A . n 
A 1 179 ALA 179 293 293 ALA ALA A . n 
A 1 180 THR 180 294 294 THR THR A . n 
A 1 181 LYS 181 295 295 LYS LYS A . n 
A 1 182 THR 182 296 296 THR THR A . n 
A 1 183 PHE 183 297 297 PHE PHE A . n 
A 1 184 GLU 184 298 298 GLU ALA A . n 
A 1 185 LYS 185 299 299 LYS LYS A . n 
A 1 186 ASN 186 300 300 ASN ASN A . n 
A 1 187 LEU 187 301 301 LEU LEU A . n 
A 1 188 ASN 188 302 302 ASN ASN A . n 
A 1 189 HIS 189 303 303 HIS HIS A . n 
A 1 190 LEU 190 304 304 LEU LEU A . n 
A 1 191 ILE 191 305 305 ILE ILE A . n 
A 1 192 GLU 192 306 306 GLU GLU A . n 
A 1 193 HIS 193 307 307 HIS ALA A . n 
A 1 194 ASN 194 308 ?   ?   ?   A . n 
A 1 195 GLU 195 309 ?   ?   ?   A . n 
A 1 196 GLU 196 310 ?   ?   ?   A . n 
A 1 197 THR 197 311 ?   ?   ?   A . n 
A 1 198 ASP 198 312 ?   ?   ?   A . n 
A 1 199 GLN 199 313 ?   ?   ?   A . n 
A 1 200 ASN 200 314 ?   ?   ?   A . n 
A 1 201 SER 201 315 ?   ?   ?   A . n 
A 1 202 SER 202 316 ?   ?   ?   A . n 
A 1 203 GLY 203 317 ?   ?   ?   A . n 
A 1 204 ASP 204 318 ?   ?   ?   A . n 
A 1 205 LYS 205 319 ?   ?   ?   A . n 
# 
loop_
_pdbx_nonpoly_scheme.asym_id 
_pdbx_nonpoly_scheme.entity_id 
_pdbx_nonpoly_scheme.mon_id 
_pdbx_nonpoly_scheme.ndb_seq_num 
_pdbx_nonpoly_scheme.pdb_seq_num 
_pdbx_nonpoly_scheme.auth_seq_num 
_pdbx_nonpoly_scheme.pdb_mon_id 
_pdbx_nonpoly_scheme.auth_mon_id 
_pdbx_nonpoly_scheme.pdb_strand_id 
_pdbx_nonpoly_scheme.pdb_ins_code 
B 2 PO4 1  400 400 PO4 PO4 A . 
C 3 HOH 1  401 401 HOH HOH A . 
C 3 HOH 2  402 402 HOH HOH A . 
C 3 HOH 3  403 403 HOH HOH A . 
C 3 HOH 4  404 404 HOH HOH A . 
C 3 HOH 5  405 405 HOH HOH A . 
C 3 HOH 6  406 406 HOH HOH A . 
C 3 HOH 7  407 407 HOH HOH A . 
C 3 HOH 8  408 408 HOH HOH A . 
C 3 HOH 9  410 410 HOH HOH A . 
C 3 HOH 10 411 411 HOH HOH A . 
C 3 HOH 11 412 412 HOH HOH A . 
C 3 HOH 12 413 413 HOH HOH A . 
C 3 HOH 13 414 414 HOH HOH A . 
C 3 HOH 14 415 415 HOH HOH A . 
C 3 HOH 15 416 416 HOH HOH A . 
C 3 HOH 16 417 417 HOH HOH A . 
C 3 HOH 17 418 418 HOH HOH A . 
C 3 HOH 18 419 419 HOH HOH A . 
C 3 HOH 19 420 420 HOH HOH A . 
C 3 HOH 20 421 421 HOH HOH A . 
C 3 HOH 21 422 422 HOH HOH A . 
C 3 HOH 22 423 423 HOH HOH A . 
C 3 HOH 23 424 424 HOH HOH A . 
C 3 HOH 24 425 425 HOH HOH A . 
C 3 HOH 25 426 426 HOH HOH A . 
C 3 HOH 26 427 427 HOH HOH A . 
C 3 HOH 27 428 428 HOH HOH A . 
C 3 HOH 28 429 429 HOH HOH A . 
C 3 HOH 29 430 430 HOH HOH A . 
C 3 HOH 30 431 431 HOH HOH A . 
C 3 HOH 31 432 432 HOH HOH A . 
C 3 HOH 32 433 433 HOH HOH A . 
C 3 HOH 33 434 434 HOH HOH A . 
C 3 HOH 34 435 435 HOH HOH A . 
C 3 HOH 35 436 436 HOH HOH A . 
C 3 HOH 36 437 437 HOH HOH A . 
C 3 HOH 37 438 438 HOH HOH A . 
C 3 HOH 38 439 439 HOH HOH A . 
C 3 HOH 39 440 440 HOH HOH A . 
C 3 HOH 40 441 441 HOH HOH A . 
C 3 HOH 41 442 442 HOH HOH A . 
C 3 HOH 42 443 443 HOH HOH A . 
C 3 HOH 43 444 444 HOH HOH A . 
C 3 HOH 44 445 445 HOH HOH A . 
C 3 HOH 45 446 446 HOH HOH A . 
C 3 HOH 46 447 447 HOH HOH A . 
C 3 HOH 47 448 448 HOH HOH A . 
C 3 HOH 48 449 449 HOH HOH A . 
C 3 HOH 49 450 450 HOH HOH A . 
C 3 HOH 50 451 451 HOH HOH A . 
# 
loop_
_pdbx_unobs_or_zero_occ_atoms.id 
_pdbx_unobs_or_zero_occ_atoms.PDB_model_num 
_pdbx_unobs_or_zero_occ_atoms.polymer_flag 
_pdbx_unobs_or_zero_occ_atoms.occupancy_flag 
_pdbx_unobs_or_zero_occ_atoms.auth_asym_id 
_pdbx_unobs_or_zero_occ_atoms.auth_comp_id 
_pdbx_unobs_or_zero_occ_atoms.auth_seq_id 
_pdbx_unobs_or_zero_occ_atoms.PDB_ins_code 
_pdbx_unobs_or_zero_occ_atoms.auth_atom_id 
_pdbx_unobs_or_zero_occ_atoms.label_alt_id 
_pdbx_unobs_or_zero_occ_atoms.label_asym_id 
_pdbx_unobs_or_zero_occ_atoms.label_comp_id 
_pdbx_unobs_or_zero_occ_atoms.label_seq_id 
_pdbx_unobs_or_zero_occ_atoms.label_atom_id 
1  1 Y 1 A ARG 137 ? CG  ? A ARG 23  CG  
2  1 Y 1 A ARG 137 ? CD  ? A ARG 23  CD  
3  1 Y 1 A ARG 137 ? NE  ? A ARG 23  NE  
4  1 Y 1 A ARG 137 ? CZ  ? A ARG 23  CZ  
5  1 Y 1 A ARG 137 ? NH1 ? A ARG 23  NH1 
6  1 Y 1 A ARG 137 ? NH2 ? A ARG 23  NH2 
7  1 Y 1 A HIS 140 ? CG  ? A HIS 26  CG  
8  1 Y 1 A HIS 140 ? ND1 ? A HIS 26  ND1 
9  1 Y 1 A HIS 140 ? CD2 ? A HIS 26  CD2 
10 1 Y 1 A HIS 140 ? CE1 ? A HIS 26  CE1 
11 1 Y 1 A HIS 140 ? NE2 ? A HIS 26  NE2 
12 1 Y 1 A TYR 184 ? CG  ? A TYR 70  CG  
13 1 Y 1 A TYR 184 ? CD1 ? A TYR 70  CD1 
14 1 Y 1 A TYR 184 ? CD2 ? A TYR 70  CD2 
15 1 Y 1 A TYR 184 ? CE1 ? A TYR 70  CE1 
16 1 Y 1 A TYR 184 ? CE2 ? A TYR 70  CE2 
17 1 Y 1 A TYR 184 ? CZ  ? A TYR 70  CZ  
18 1 Y 1 A TYR 184 ? OH  ? A TYR 70  OH  
19 1 Y 1 A GLU 204 ? CG  ? A GLU 90  CG  
20 1 Y 1 A GLU 204 ? CD  ? A GLU 90  CD  
21 1 Y 1 A GLU 204 ? OE1 ? A GLU 90  OE1 
22 1 Y 1 A GLU 204 ? OE2 ? A GLU 90  OE2 
23 1 Y 1 A ARG 206 ? CG  ? A ARG 92  CG  
24 1 Y 1 A ARG 206 ? CD  ? A ARG 92  CD  
25 1 Y 1 A ARG 206 ? NE  ? A ARG 92  NE  
26 1 Y 1 A ARG 206 ? CZ  ? A ARG 92  CZ  
27 1 Y 1 A ARG 206 ? NH1 ? A ARG 92  NH1 
28 1 Y 1 A ARG 206 ? NH2 ? A ARG 92  NH2 
29 1 Y 1 A PRO 239 ? CG  ? A PRO 125 CG  
30 1 Y 1 A PRO 239 ? CD  ? A PRO 125 CD  
31 1 Y 1 A ASP 240 ? CG  ? A ASP 126 CG  
32 1 Y 1 A ASP 240 ? OD1 ? A ASP 126 OD1 
33 1 Y 1 A ASP 240 ? OD2 ? A ASP 126 OD2 
34 1 Y 1 A LEU 254 ? CG  ? A LEU 140 CG  
35 1 Y 1 A LEU 254 ? CD1 ? A LEU 140 CD1 
36 1 Y 1 A LEU 254 ? CD2 ? A LEU 140 CD2 
37 1 Y 1 A PHE 256 ? CG  ? A PHE 142 CG  
38 1 Y 1 A PHE 256 ? CD1 ? A PHE 142 CD1 
39 1 Y 1 A PHE 256 ? CD2 ? A PHE 142 CD2 
40 1 Y 1 A PHE 256 ? CE1 ? A PHE 142 CE1 
41 1 Y 1 A PHE 256 ? CE2 ? A PHE 142 CE2 
42 1 Y 1 A PHE 256 ? CZ  ? A PHE 142 CZ  
43 1 Y 1 A ASP 257 ? CG  ? A ASP 143 CG  
44 1 Y 1 A ASP 257 ? OD1 ? A ASP 143 OD1 
45 1 Y 1 A ASP 257 ? OD2 ? A ASP 143 OD2 
46 1 Y 1 A LYS 268 ? CG  ? A LYS 154 CG  
47 1 Y 1 A LYS 268 ? CD  ? A LYS 154 CD  
48 1 Y 1 A LYS 268 ? CE  ? A LYS 154 CE  
49 1 Y 1 A LYS 268 ? NZ  ? A LYS 154 NZ  
50 1 Y 1 A ARG 271 ? CG  ? A ARG 157 CG  
51 1 Y 1 A ARG 271 ? CD  ? A ARG 157 CD  
52 1 Y 1 A ARG 271 ? NE  ? A ARG 157 NE  
53 1 Y 1 A ARG 271 ? CZ  ? A ARG 157 CZ  
54 1 Y 1 A ARG 271 ? NH1 ? A ARG 157 NH1 
55 1 Y 1 A ARG 271 ? NH2 ? A ARG 157 NH2 
56 1 Y 1 A GLU 298 ? CG  ? A GLU 184 CG  
57 1 Y 1 A GLU 298 ? CD  ? A GLU 184 CD  
58 1 Y 1 A GLU 298 ? OE1 ? A GLU 184 OE1 
59 1 Y 1 A GLU 298 ? OE2 ? A GLU 184 OE2 
60 1 Y 1 A HIS 307 ? CG  ? A HIS 193 CG  
61 1 Y 1 A HIS 307 ? ND1 ? A HIS 193 ND1 
62 1 Y 1 A HIS 307 ? CD2 ? A HIS 193 CD2 
63 1 Y 1 A HIS 307 ? CE1 ? A HIS 193 CE1 
64 1 Y 1 A HIS 307 ? NE2 ? A HIS 193 NE2 
# 
loop_
_software.name 
_software.classification 
_software.version 
_software.citation_id 
_software.pdbx_ordinal 
DENZO  'data reduction' .         ? 1 
SCALA  'data scaling'   .         ? 2 
MADSYS phasing          .         ? 3 
CNS    refinement       1.0       ? 4 
CCP4   'data scaling'   '(SCALA)' ? 5 
# 
_cell.entry_id           1JB1 
_cell.length_a           107.738 
_cell.length_b           107.738 
_cell.length_c           66.498 
_cell.angle_alpha        90.00 
_cell.angle_beta         90.00 
_cell.angle_gamma        120.00 
_cell.Z_PDB              12 
_cell.pdbx_unique_axis   ? 
_cell.length_a_esd       ? 
_cell.length_b_esd       ? 
_cell.length_c_esd       ? 
_cell.angle_alpha_esd    ? 
_cell.angle_beta_esd     ? 
_cell.angle_gamma_esd    ? 
# 
_symmetry.entry_id                         1JB1 
_symmetry.space_group_name_H-M             'P 63 2 2' 
_symmetry.pdbx_full_space_group_name_H-M   ? 
_symmetry.cell_setting                     ? 
_symmetry.Int_Tables_number                182 
_symmetry.space_group_name_Hall            ? 
# 
_exptl.entry_id          1JB1 
_exptl.method            'X-RAY DIFFRACTION' 
_exptl.crystals_number   2 
# 
_exptl_crystal.id                    1 
_exptl_crystal.density_meas          ? 
_exptl_crystal.density_Matthews      2.43 
_exptl_crystal.density_percent_sol   49.29 
_exptl_crystal.description           ? 
_exptl_crystal.F_000                 ? 
_exptl_crystal.preparation           ? 
# 
_exptl_crystal_grow.crystal_id      1 
_exptl_crystal_grow.method          'VAPOR DIFFUSION, HANGING DROP' 
_exptl_crystal_grow.temp            291 
_exptl_crystal_grow.temp_details    ? 
_exptl_crystal_grow.pH              5.2 
_exptl_crystal_grow.pdbx_details    'ammonium phosphate, sodium citrate, pH 5.2, VAPOR DIFFUSION, HANGING DROP, temperature 291K' 
_exptl_crystal_grow.pdbx_pH_range   . 
# 
loop_
_diffrn.id 
_diffrn.ambient_temp 
_diffrn.ambient_temp_details 
_diffrn.crystal_id 
1 100 ? 1 
2 100 ? 1 
# 
loop_
_diffrn_detector.diffrn_id 
_diffrn_detector.detector 
_diffrn_detector.type 
_diffrn_detector.pdbx_collection_date 
_diffrn_detector.details 
1 CCD 'ADSC QUANTUM 4' 2000-09-23 ? 
2 CCD 'ADSC QUANTUM 4' 2000-09-23 ? 
# 
_diffrn_radiation.diffrn_id                        1 
_diffrn_radiation.wavelength_id                    1 
_diffrn_radiation.pdbx_monochromatic_or_laue_m_l   M 
_diffrn_radiation.monochromator                    'Double crystal, Si(111) or Si(311)' 
_diffrn_radiation.pdbx_diffrn_protocol             MAD 
_diffrn_radiation.pdbx_scattering_type             x-ray 
# 
loop_
_diffrn_radiation_wavelength.id 
_diffrn_radiation_wavelength.wavelength 
_diffrn_radiation_wavelength.wt 
1 0.9393 1.0 
2 0.9792 1.0 
3 0.9790 1.0 
# 
loop_
_diffrn_source.diffrn_id 
_diffrn_source.source 
_diffrn_source.type 
_diffrn_source.pdbx_synchrotron_site 
_diffrn_source.pdbx_synchrotron_beamline 
_diffrn_source.pdbx_wavelength 
_diffrn_source.pdbx_wavelength_list 
1 SYNCHROTRON 'ESRF BEAMLINE ID14-4' ESRF ID14-4 ? '0.9393, 0.9792, 0.9790' 
2 SYNCHROTRON 'ESRF BEAMLINE ID14-4' ESRF ID14-4 ? 0.9393                   
# 
_reflns.entry_id                     1JB1 
_reflns.observed_criterion_sigma_I   1 
_reflns.observed_criterion_sigma_F   2 
_reflns.d_resolution_low             20 
_reflns.d_resolution_high            2.8 
_reflns.number_obs                   5892 
_reflns.number_all                   5909 
_reflns.percent_possible_obs         99.3 
_reflns.pdbx_Rmerge_I_obs            0.051 
_reflns.pdbx_Rsym_value              0.051 
_reflns.pdbx_netI_over_sigmaI        5.1 
_reflns.B_iso_Wilson_estimate        75 
_reflns.pdbx_redundancy              6.5 
_reflns.R_free_details               ? 
_reflns.limit_h_max                  ? 
_reflns.limit_h_min                  ? 
_reflns.limit_k_max                  ? 
_reflns.limit_k_min                  ? 
_reflns.limit_l_max                  ? 
_reflns.limit_l_min                  ? 
_reflns.observed_criterion_F_max     ? 
_reflns.observed_criterion_F_min     ? 
_reflns.pdbx_chi_squared             ? 
_reflns.pdbx_scaling_rejects         ? 
_reflns.pdbx_diffrn_id               1 
_reflns.pdbx_ordinal                 1 
# 
_reflns_shell.d_res_high             2.8 
_reflns_shell.d_res_low              2.95 
_reflns_shell.percent_possible_all   100 
_reflns_shell.Rmerge_I_obs           0.426 
_reflns_shell.pdbx_Rsym_value        0.426 
_reflns_shell.meanI_over_sigI_obs    2 
_reflns_shell.pdbx_redundancy        6.7 
_reflns_shell.percent_possible_obs   ? 
_reflns_shell.number_unique_all      5909 
_reflns_shell.number_measured_all    ? 
_reflns_shell.number_measured_obs    ? 
_reflns_shell.number_unique_obs      ? 
_reflns_shell.pdbx_chi_squared       ? 
_reflns_shell.pdbx_diffrn_id         ? 
_reflns_shell.pdbx_ordinal           1 
# 
_refine.entry_id                                 1JB1 
_refine.ls_number_reflns_obs                     5892 
_refine.ls_number_reflns_all                     5909 
_refine.pdbx_ls_sigma_I                          0 
_refine.pdbx_ls_sigma_F                          2.0 
_refine.pdbx_data_cutoff_high_absF               ? 
_refine.pdbx_data_cutoff_low_absF                ? 
_refine.ls_d_res_low                             20 
_refine.ls_d_res_high                            2.8 
_refine.ls_percent_reflns_obs                    ? 
_refine.ls_R_factor_obs                          ? 
_refine.ls_R_factor_all                          ? 
_refine.ls_R_factor_R_work                       0.235 
_refine.ls_R_factor_R_free                       0.288 
_refine.ls_R_factor_R_free_error                 ? 
_refine.ls_R_factor_R_free_error_details         ? 
_refine.ls_percent_reflns_R_free                 ? 
_refine.ls_number_reflns_R_free                  335 
_refine.ls_number_parameters                     ? 
_refine.ls_number_restraints                     ? 
_refine.occupancy_min                            ? 
_refine.occupancy_max                            ? 
_refine.B_iso_mean                               ? 
_refine.aniso_B[1][1]                            ? 
_refine.aniso_B[2][2]                            ? 
_refine.aniso_B[3][3]                            ? 
_refine.aniso_B[1][2]                            ? 
_refine.aniso_B[1][3]                            ? 
_refine.aniso_B[2][3]                            ? 
_refine.solvent_model_details                    ? 
_refine.solvent_model_param_ksol                 ? 
_refine.solvent_model_param_bsol                 ? 
_refine.pdbx_ls_cross_valid_method               ? 
_refine.details                                  ? 
_refine.pdbx_starting_model                      ? 
_refine.pdbx_method_to_determine_struct          MAD 
_refine.pdbx_isotropic_thermal_model             ? 
_refine.pdbx_stereochemistry_target_values       'Engh & Huber' 
_refine.pdbx_stereochem_target_val_spec_case     ? 
_refine.pdbx_R_Free_selection_details            RANDOM 
_refine.pdbx_overall_ESU_R_Free                  ? 
_refine.overall_SU_B                             ? 
_refine.ls_redundancy_reflns_obs                 ? 
_refine.B_iso_min                                ? 
_refine.B_iso_max                                ? 
_refine.correlation_coeff_Fo_to_Fc               ? 
_refine.correlation_coeff_Fo_to_Fc_free          ? 
_refine.overall_SU_R_Cruickshank_DPI             ? 
_refine.overall_SU_R_free                        ? 
_refine.overall_SU_ML                            ? 
_refine.pdbx_overall_ESU_R                       ? 
_refine.pdbx_data_cutoff_high_rms_absF           ? 
_refine.pdbx_solvent_vdw_probe_radii             ? 
_refine.pdbx_solvent_ion_probe_radii             ? 
_refine.pdbx_solvent_shrinkage_radii             ? 
_refine.ls_wR_factor_R_free                      ? 
_refine.ls_wR_factor_R_work                      ? 
_refine.overall_FOM_free_R_set                   ? 
_refine.overall_FOM_work_R_set                   ? 
_refine.pdbx_overall_phase_error                 ? 
_refine.pdbx_refine_id                           'X-RAY DIFFRACTION' 
_refine.pdbx_diffrn_id                           1 
_refine.pdbx_TLS_residual_ADP_flag               ? 
_refine.pdbx_overall_SU_R_free_Cruickshank_DPI   ? 
_refine.pdbx_overall_SU_R_Blow_DPI               ? 
_refine.pdbx_overall_SU_R_free_Blow_DPI          ? 
# 
_refine_hist.pdbx_refine_id                   'X-RAY DIFFRACTION' 
_refine_hist.cycle_id                         LAST 
_refine_hist.pdbx_number_atoms_protein        1181 
_refine_hist.pdbx_number_atoms_nucleic_acid   0 
_refine_hist.pdbx_number_atoms_ligand         5 
_refine_hist.number_atoms_solvent             50 
_refine_hist.number_atoms_total               1236 
_refine_hist.d_res_high                       2.8 
_refine_hist.d_res_low                        20 
# 
loop_
_refine_ls_restr.type 
_refine_ls_restr.dev_ideal 
_refine_ls_restr.dev_ideal_target 
_refine_ls_restr.weight 
_refine_ls_restr.number 
_refine_ls_restr.pdbx_refine_id 
_refine_ls_restr.pdbx_restraint_function 
c_bond_d    0.01 ? ? ? 'X-RAY DIFFRACTION' ? 
c_angle_deg 3.05 ? ? ? 'X-RAY DIFFRACTION' ? 
# 
_struct.entry_id                  1JB1 
_struct.title                     'Lactobacillus casei HprK/P Bound to Phosphate' 
_struct.pdbx_model_details        ? 
_struct.pdbx_CASP_flag            ? 
_struct.pdbx_model_type_details   ? 
# 
_struct_keywords.entry_id        1JB1 
_struct_keywords.pdbx_keywords   TRANSFERASE/HYDROLASE 
_struct_keywords.text            
'catabolite repression, HPr phosphorylation, Lactobacillus casei, P-loop, protein kinase, hexamer, TRANSFERASE-HYDROLASE COMPLEX' 
# 
loop_
_struct_asym.id 
_struct_asym.pdbx_blank_PDB_chainid_flag 
_struct_asym.pdbx_modified 
_struct_asym.entity_id 
_struct_asym.details 
A N N 1 ? 
B N N 2 ? 
C N N 3 ? 
# 
_struct_ref.id                         1 
_struct_ref.db_name                    UNP 
_struct_ref.db_code                    HPRK_LACCA 
_struct_ref.entity_id                  1 
_struct_ref.pdbx_db_accession          Q9RE09 
_struct_ref.pdbx_align_begin           128 
_struct_ref.pdbx_seq_one_letter_code   
;YLDSQLAERRSMHGVLVDIYGLGVLITGDSGVGKSETALELVQRGHRLIADDRVDVYQQDEQTIVGAAPPILSHLLEIRG
LGIIDVMNLFGAGAVREDTTISLIVHLENWTPDKTFDRLGSGEQTQLIFDVPVPKITVPVKVGRNLAIIIEVAAMNFRAK
SMGYDATKTFEKNLNHLIEHNEETDQNSSGDK
;
_struct_ref.pdbx_db_isoform            ? 
# 
_struct_ref_seq.align_id                      1 
_struct_ref_seq.ref_id                        1 
_struct_ref_seq.pdbx_PDB_id_code              1JB1 
_struct_ref_seq.pdbx_strand_id                A 
_struct_ref_seq.seq_align_beg                 14 
_struct_ref_seq.pdbx_seq_align_beg_ins_code   ? 
_struct_ref_seq.seq_align_end                 205 
_struct_ref_seq.pdbx_seq_align_end_ins_code   ? 
_struct_ref_seq.pdbx_db_accession             Q9RE09 
_struct_ref_seq.db_align_beg                  128 
_struct_ref_seq.pdbx_db_align_beg_ins_code    ? 
_struct_ref_seq.db_align_end                  319 
_struct_ref_seq.pdbx_db_align_end_ins_code    ? 
_struct_ref_seq.pdbx_auth_seq_align_beg       128 
_struct_ref_seq.pdbx_auth_seq_align_end       319 
# 
loop_
_struct_ref_seq_dif.align_id 
_struct_ref_seq_dif.pdbx_pdb_id_code 
_struct_ref_seq_dif.mon_id 
_struct_ref_seq_dif.pdbx_pdb_strand_id 
_struct_ref_seq_dif.seq_num 
_struct_ref_seq_dif.pdbx_pdb_ins_code 
_struct_ref_seq_dif.pdbx_seq_db_name 
_struct_ref_seq_dif.pdbx_seq_db_accession_code 
_struct_ref_seq_dif.db_mon_id 
_struct_ref_seq_dif.pdbx_seq_db_seq_num 
_struct_ref_seq_dif.details 
_struct_ref_seq_dif.pdbx_auth_seq_num 
_struct_ref_seq_dif.pdbx_ordinal 
1 1JB1 MSE A 1   ? UNP Q9RE09 ?   ?   'expression tag'   115 1  
1 1JB1 ARG A 2   ? UNP Q9RE09 ?   ?   'expression tag'   116 2  
1 1JB1 GLY A 3   ? UNP Q9RE09 ?   ?   'expression tag'   117 3  
1 1JB1 SER A 4   ? UNP Q9RE09 ?   ?   'expression tag'   118 4  
1 1JB1 HIS A 5   ? UNP Q9RE09 ?   ?   'expression tag'   119 5  
1 1JB1 HIS A 6   ? UNP Q9RE09 ?   ?   'expression tag'   120 6  
1 1JB1 HIS A 7   ? UNP Q9RE09 ?   ?   'expression tag'   121 7  
1 1JB1 HIS A 8   ? UNP Q9RE09 ?   ?   'expression tag'   122 8  
1 1JB1 HIS A 9   ? UNP Q9RE09 ?   ?   'expression tag'   123 9  
1 1JB1 HIS A 10  ? UNP Q9RE09 ?   ?   'expression tag'   124 10 
1 1JB1 GLY A 11  ? UNP Q9RE09 ?   ?   'expression tag'   125 11 
1 1JB1 SER A 12  ? UNP Q9RE09 ?   ?   'expression tag'   126 12 
1 1JB1 MSE A 13  ? UNP Q9RE09 ?   ?   'expression tag'   127 13 
1 1JB1 MSE A 25  ? UNP Q9RE09 MET 139 'modified residue' 139 14 
1 1JB1 MSE A 100 ? UNP Q9RE09 MET 214 'modified residue' 214 15 
1 1JB1 MSE A 168 ? UNP Q9RE09 MET 282 'modified residue' 282 16 
1 1JB1 MSE A 175 ? UNP Q9RE09 MET 289 'modified residue' 289 17 
# 
_pdbx_struct_assembly.id                   1 
_pdbx_struct_assembly.details              author_and_software_defined_assembly 
_pdbx_struct_assembly.method_details       PISA 
_pdbx_struct_assembly.oligomeric_details   hexameric 
_pdbx_struct_assembly.oligomeric_count     6 
# 
loop_
_pdbx_struct_assembly_prop.biol_id 
_pdbx_struct_assembly_prop.type 
_pdbx_struct_assembly_prop.value 
_pdbx_struct_assembly_prop.details 
1 'ABSA (A^2)' 17800 ? 
1 MORE         -176  ? 
1 'SSA (A^2)'  41040 ? 
# 
_pdbx_struct_assembly_gen.assembly_id       1 
_pdbx_struct_assembly_gen.oper_expression   1,2,3,4,5,6 
_pdbx_struct_assembly_gen.asym_id_list      A,B,C 
# 
loop_
_pdbx_struct_oper_list.id 
_pdbx_struct_oper_list.type 
_pdbx_struct_oper_list.name 
_pdbx_struct_oper_list.symmetry_operation 
_pdbx_struct_oper_list.matrix[1][1] 
_pdbx_struct_oper_list.matrix[1][2] 
_pdbx_struct_oper_list.matrix[1][3] 
_pdbx_struct_oper_list.vector[1] 
_pdbx_struct_oper_list.matrix[2][1] 
_pdbx_struct_oper_list.matrix[2][2] 
_pdbx_struct_oper_list.matrix[2][3] 
_pdbx_struct_oper_list.vector[2] 
_pdbx_struct_oper_list.matrix[3][1] 
_pdbx_struct_oper_list.matrix[3][2] 
_pdbx_struct_oper_list.matrix[3][3] 
_pdbx_struct_oper_list.vector[3] 
1 'identity operation'         1_555  x,y,z            1.0000000000  0.0000000000  0.0000000000  0.0000000000  0.0000000000  1.0000000000  0.0000000000  0.0000000000   0.0000000000  0.0000000000  1.0000000000  0.0000000000   
2 'crystal symmetry operation' 2_655  -y+1,x-y,z       0.6429877260  0.3266493756  -0.6927243100 11.4907898541 0.7653082644  -0.2391985363 0.5975678377  -26.5079814229 0.0294965201  -0.9143764245 -0.4037891896 -4.0377218024  
3 'crystal symmetry operation' 3_665  -x+y+1,-x+1,z    0.6429877260  0.7653082644  0.0294965201  13.0174391607 0.3266493756  -0.2391985363 -0.9143764245 -13.7861273126 -0.6927243100 0.5975678377  -0.4037891896 22.1698782010  
4 'crystal symmetry operation' 10_665 -y+1,-x+1,-z+1/2 -0.8240278386 -0.0246084814 0.5660146145  34.4759383820 -0.0246084814 -0.9965586752 -0.0791532026 -14.9946616279 0.5660146145  -0.0791532026 0.8205865138  -11.3703799879 
5 'crystal symmetry operation' 11_655 -x+y+1,y,-z+1/2  -0.5319773989 -0.7808322857 0.3275682963  23.3741192738 -0.7808322857 0.3027128537  -0.5465033119 11.4589249460  0.3275682963  -0.5465033119 -0.7707354549 -6.0815334313  
6 'crystal symmetry operation' 12_555 x,x-y,-z+1/2     -0.9299702145 -0.2865168729 -0.2303551209 36.6369368475 -0.2865168729 0.1722428941  0.9424651012  -3.3311331250  -0.2303551209 0.9424651012  -0.2422726797 15.2812000130 
# 
_struct_biol.id                    1 
_struct_biol.details               ? 
_struct_biol.pdbx_parent_biol_id   ? 
# 
loop_
_struct_conf.conf_type_id 
_struct_conf.id 
_struct_conf.pdbx_PDB_helix_id 
_struct_conf.beg_label_comp_id 
_struct_conf.beg_label_asym_id 
_struct_conf.beg_label_seq_id 
_struct_conf.pdbx_beg_PDB_ins_code 
_struct_conf.end_label_comp_id 
_struct_conf.end_label_asym_id 
_struct_conf.end_label_seq_id 
_struct_conf.pdbx_end_PDB_ins_code 
_struct_conf.beg_auth_comp_id 
_struct_conf.beg_auth_asym_id 
_struct_conf.beg_auth_seq_id 
_struct_conf.end_auth_comp_id 
_struct_conf.end_auth_asym_id 
_struct_conf.end_auth_seq_id 
_struct_conf.pdbx_PDB_helix_class 
_struct_conf.details 
_struct_conf.pdbx_PDB_helix_length 
HELX_P HELX_P1 1 GLY A 46  ? ARG A 57  ? GLY A 160 ARG A 171 1 ? 12 
HELX_P HELX_P2 2 PRO A 82  ? SER A 86  ? PRO A 196 SER A 200 5 ? 5  
HELX_P HELX_P3 3 VAL A 99  ? GLY A 104 ? VAL A 213 GLY A 218 1 ? 6  
HELX_P HELX_P4 4 ALA A 105 ? ALA A 107 ? ALA A 219 ALA A 221 5 ? 3  
HELX_P HELX_P5 5 ASN A 158 ? MSE A 175 ? ASN A 272 MSE A 289 1 ? 18 
HELX_P HELX_P6 6 ASP A 178 ? GLU A 192 ? ASP A 292 GLU A 306 1 ? 15 
# 
_struct_conf_type.id          HELX_P 
_struct_conf_type.criteria    ? 
_struct_conf_type.reference   ? 
# 
loop_
_struct_conn.id 
_struct_conn.conn_type_id 
_struct_conn.pdbx_leaving_atom_flag 
_struct_conn.pdbx_PDB_id 
_struct_conn.ptnr1_label_asym_id 
_struct_conn.ptnr1_label_comp_id 
_struct_conn.ptnr1_label_seq_id 
_struct_conn.ptnr1_label_atom_id 
_struct_conn.pdbx_ptnr1_label_alt_id 
_struct_conn.pdbx_ptnr1_PDB_ins_code 
_struct_conn.pdbx_ptnr1_standard_comp_id 
_struct_conn.ptnr1_symmetry 
_struct_conn.ptnr2_label_asym_id 
_struct_conn.ptnr2_label_comp_id 
_struct_conn.ptnr2_label_seq_id 
_struct_conn.ptnr2_label_atom_id 
_struct_conn.pdbx_ptnr2_label_alt_id 
_struct_conn.pdbx_ptnr2_PDB_ins_code 
_struct_conn.ptnr1_auth_asym_id 
_struct_conn.ptnr1_auth_comp_id 
_struct_conn.ptnr1_auth_seq_id 
_struct_conn.ptnr2_auth_asym_id 
_struct_conn.ptnr2_auth_comp_id 
_struct_conn.ptnr2_auth_seq_id 
_struct_conn.ptnr2_symmetry 
_struct_conn.pdbx_ptnr3_label_atom_id 
_struct_conn.pdbx_ptnr3_label_seq_id 
_struct_conn.pdbx_ptnr3_label_comp_id 
_struct_conn.pdbx_ptnr3_label_asym_id 
_struct_conn.pdbx_ptnr3_label_alt_id 
_struct_conn.pdbx_ptnr3_PDB_ins_code 
_struct_conn.details 
_struct_conn.pdbx_dist_value 
_struct_conn.pdbx_value_order 
_struct_conn.pdbx_role 
covale1 covale both ? A SER 24  C ? ? ? 1_555 A MSE 25  N ? ? A SER 138 A MSE 139 1_555 ? ? ? ? ? ? ? 1.330 ? ? 
covale2 covale both ? A MSE 25  C ? ? ? 1_555 A HIS 26  N ? ? A MSE 139 A HIS 140 1_555 ? ? ? ? ? ? ? 1.327 ? ? 
covale3 covale both ? A VAL 99  C ? ? ? 1_555 A MSE 100 N ? ? A VAL 213 A MSE 214 1_555 ? ? ? ? ? ? ? 1.323 ? ? 
covale4 covale both ? A MSE 100 C ? ? ? 1_555 A ASN 101 N ? ? A MSE 214 A ASN 215 1_555 ? ? ? ? ? ? ? 1.329 ? ? 
covale5 covale both ? A ALA 167 C ? ? ? 1_555 A MSE 168 N ? ? A ALA 281 A MSE 282 1_555 ? ? ? ? ? ? ? 1.333 ? ? 
covale6 covale both ? A MSE 168 C ? ? ? 1_555 A ASN 169 N ? ? A MSE 282 A ASN 283 1_555 ? ? ? ? ? ? ? 1.321 ? ? 
covale7 covale both ? A SER 174 C ? ? ? 1_555 A MSE 175 N ? ? A SER 288 A MSE 289 1_555 ? ? ? ? ? ? ? 1.329 ? ? 
covale8 covale both ? A MSE 175 C ? ? ? 1_555 A GLY 176 N ? ? A MSE 289 A GLY 290 1_555 ? ? ? ? ? ? ? 1.329 ? ? 
# 
_struct_conn_type.id          covale 
_struct_conn_type.criteria    ? 
_struct_conn_type.reference   ? 
# 
loop_
_pdbx_modification_feature.ordinal 
_pdbx_modification_feature.label_comp_id 
_pdbx_modification_feature.label_asym_id 
_pdbx_modification_feature.label_seq_id 
_pdbx_modification_feature.label_alt_id 
_pdbx_modification_feature.modified_residue_label_comp_id 
_pdbx_modification_feature.modified_residue_label_asym_id 
_pdbx_modification_feature.modified_residue_label_seq_id 
_pdbx_modification_feature.modified_residue_label_alt_id 
_pdbx_modification_feature.auth_comp_id 
_pdbx_modification_feature.auth_asym_id 
_pdbx_modification_feature.auth_seq_id 
_pdbx_modification_feature.PDB_ins_code 
_pdbx_modification_feature.symmetry 
_pdbx_modification_feature.modified_residue_auth_comp_id 
_pdbx_modification_feature.modified_residue_auth_asym_id 
_pdbx_modification_feature.modified_residue_auth_seq_id 
_pdbx_modification_feature.modified_residue_PDB_ins_code 
_pdbx_modification_feature.modified_residue_symmetry 
_pdbx_modification_feature.comp_id_linking_atom 
_pdbx_modification_feature.modified_residue_id_linking_atom 
_pdbx_modification_feature.modified_residue_id 
_pdbx_modification_feature.ref_pcm_id 
_pdbx_modification_feature.ref_comp_id 
_pdbx_modification_feature.type 
_pdbx_modification_feature.category 
1 MSE A 25  ? . . . . MSE A 139 ? 1_555 . . . . . . . MET 1 MSE Selenomethionine 'Named protein modification' 
2 MSE A 100 ? . . . . MSE A 214 ? 1_555 . . . . . . . MET 1 MSE Selenomethionine 'Named protein modification' 
3 MSE A 168 ? . . . . MSE A 282 ? 1_555 . . . . . . . MET 1 MSE Selenomethionine 'Named protein modification' 
4 MSE A 175 ? . . . . MSE A 289 ? 1_555 . . . . . . . MET 1 MSE Selenomethionine 'Named protein modification' 
# 
loop_
_struct_sheet.id 
_struct_sheet.type 
_struct_sheet.number_strands 
_struct_sheet.details 
A ? 4 ? 
B ? 5 ? 
C ? 2 ? 
# 
loop_
_struct_sheet_order.sheet_id 
_struct_sheet_order.range_id_1 
_struct_sheet_order.range_id_2 
_struct_sheet_order.offset 
_struct_sheet_order.sense 
A 1 2 ? anti-parallel 
A 2 3 ? anti-parallel 
A 3 4 ? anti-parallel 
B 1 2 ? anti-parallel 
B 2 3 ? anti-parallel 
B 3 4 ? parallel      
B 4 5 ? parallel      
C 1 2 ? anti-parallel 
# 
loop_
_struct_sheet_range.sheet_id 
_struct_sheet_range.id 
_struct_sheet_range.beg_label_comp_id 
_struct_sheet_range.beg_label_asym_id 
_struct_sheet_range.beg_label_seq_id 
_struct_sheet_range.pdbx_beg_PDB_ins_code 
_struct_sheet_range.end_label_comp_id 
_struct_sheet_range.end_label_asym_id 
_struct_sheet_range.end_label_seq_id 
_struct_sheet_range.pdbx_end_PDB_ins_code 
_struct_sheet_range.beg_auth_comp_id 
_struct_sheet_range.beg_auth_asym_id 
_struct_sheet_range.beg_auth_seq_id 
_struct_sheet_range.end_auth_comp_id 
_struct_sheet_range.end_auth_asym_id 
_struct_sheet_range.end_auth_seq_id 
A 1 ARG A 23  ? HIS A 26  ? ARG A 137 HIS A 140 
A 2 ARG A 66  ? VAL A 69  ? ARG A 180 VAL A 183 
A 3 VAL A 78  ? ALA A 80  ? VAL A 192 ALA A 194 
A 4 ASP A 111 ? THR A 113 ? ASP A 225 THR A 227 
B 1 ARG A 60  ? ALA A 63  ? ARG A 174 ALA A 177 
B 2 VAL A 28  ? ILE A 32  ? VAL A 142 ILE A 146 
B 3 LEU A 35  ? THR A 40  ? LEU A 149 THR A 154 
B 4 LEU A 116 ? GLU A 121 ? LEU A 230 GLU A 235 
B 5 LYS A 148 ? PRO A 152 ? LYS A 262 PRO A 266 
C 1 LEU A 88  ? ILE A 91  ? LEU A 202 ILE A 205 
C 2 GLY A 95  ? ASP A 98  ? GLY A 209 ASP A 212 
# 
loop_
_pdbx_struct_sheet_hbond.sheet_id 
_pdbx_struct_sheet_hbond.range_id_1 
_pdbx_struct_sheet_hbond.range_id_2 
_pdbx_struct_sheet_hbond.range_1_label_atom_id 
_pdbx_struct_sheet_hbond.range_1_label_comp_id 
_pdbx_struct_sheet_hbond.range_1_label_asym_id 
_pdbx_struct_sheet_hbond.range_1_label_seq_id 
_pdbx_struct_sheet_hbond.range_1_PDB_ins_code 
_pdbx_struct_sheet_hbond.range_1_auth_atom_id 
_pdbx_struct_sheet_hbond.range_1_auth_comp_id 
_pdbx_struct_sheet_hbond.range_1_auth_asym_id 
_pdbx_struct_sheet_hbond.range_1_auth_seq_id 
_pdbx_struct_sheet_hbond.range_2_label_atom_id 
_pdbx_struct_sheet_hbond.range_2_label_comp_id 
_pdbx_struct_sheet_hbond.range_2_label_asym_id 
_pdbx_struct_sheet_hbond.range_2_label_seq_id 
_pdbx_struct_sheet_hbond.range_2_PDB_ins_code 
_pdbx_struct_sheet_hbond.range_2_auth_atom_id 
_pdbx_struct_sheet_hbond.range_2_auth_comp_id 
_pdbx_struct_sheet_hbond.range_2_auth_asym_id 
_pdbx_struct_sheet_hbond.range_2_auth_seq_id 
A 1 2 O MSE A 25  ? O MSE A 139 N VAL A 67  ? N VAL A 181 
A 2 3 N ASP A 68  ? N ASP A 182 O ALA A 80  ? O ALA A 194 
A 3 4 N GLY A 79  ? N GLY A 193 O THR A 112 ? O THR A 226 
B 1 2 O ALA A 63  ? O ALA A 177 N LEU A 29  ? N LEU A 143 
B 2 3 N ILE A 32  ? N ILE A 146 O LEU A 35  ? O LEU A 149 
B 3 4 N LEU A 38  ? N LEU A 152 O LEU A 116 ? O LEU A 230 
B 4 5 N HIS A 119 ? N HIS A 233 O ILE A 149 ? O ILE A 263 
C 1 2 O ILE A 91  ? O ILE A 205 N GLY A 95  ? N GLY A 209 
# 
_struct_site.id                   AC1 
_struct_site.pdbx_evidence_code   Software 
_struct_site.pdbx_auth_asym_id    A 
_struct_site.pdbx_auth_comp_id    PO4 
_struct_site.pdbx_auth_seq_id     400 
_struct_site.pdbx_auth_ins_code   ? 
_struct_site.pdbx_num_residues    7 
_struct_site.details              'BINDING SITE FOR RESIDUE PO4 A 400' 
# 
loop_
_struct_site_gen.id 
_struct_site_gen.site_id 
_struct_site_gen.pdbx_num_res 
_struct_site_gen.label_comp_id 
_struct_site_gen.label_asym_id 
_struct_site_gen.label_seq_id 
_struct_site_gen.pdbx_auth_ins_code 
_struct_site_gen.auth_comp_id 
_struct_site_gen.auth_asym_id 
_struct_site_gen.auth_seq_id 
_struct_site_gen.label_atom_id 
_struct_site_gen.label_alt_id 
_struct_site_gen.symmetry 
_struct_site_gen.details 
1 AC1 7 SER A 43 ? SER A 157 . ? 1_555 ? 
2 AC1 7 GLY A 44 ? GLY A 158 . ? 1_555 ? 
3 AC1 7 VAL A 45 ? VAL A 159 . ? 1_555 ? 
4 AC1 7 GLY A 46 ? GLY A 160 . ? 1_555 ? 
5 AC1 7 LYS A 47 ? LYS A 161 . ? 1_555 ? 
6 AC1 7 SER A 48 ? SER A 162 . ? 1_555 ? 
7 AC1 7 GLU A 49 ? GLU A 163 . ? 1_555 ? 
# 
_pdbx_entry_details.entry_id                   1JB1 
_pdbx_entry_details.compound_details           ? 
_pdbx_entry_details.source_details             ? 
_pdbx_entry_details.nonpolymer_details         ? 
_pdbx_entry_details.sequence_details           ? 
_pdbx_entry_details.has_ligand_of_interest     ? 
_pdbx_entry_details.has_protein_modification   Y 
# 
loop_
_pdbx_validate_torsion.id 
_pdbx_validate_torsion.PDB_model_num 
_pdbx_validate_torsion.auth_comp_id 
_pdbx_validate_torsion.auth_asym_id 
_pdbx_validate_torsion.auth_seq_id 
_pdbx_validate_torsion.PDB_ins_code 
_pdbx_validate_torsion.label_alt_id 
_pdbx_validate_torsion.phi 
_pdbx_validate_torsion.psi 
1  1 ASP A 156 ? ? -35.13  130.51  
2  1 ASP A 179 ? ? 72.72   -44.80  
3  1 ASP A 187 ? ? -110.78 -156.25 
4  1 ARG A 206 ? ? -44.64  105.49  
5  1 GLU A 235 ? ? -116.03 -149.24 
6  1 ASN A 236 ? ? -130.96 -89.37  
7  1 THR A 238 ? ? -170.98 -129.90 
8  1 LEU A 254 ? ? -71.21  -168.68 
9  1 ILE A 255 ? ? -162.26 -167.06 
10 1 ASP A 257 ? ? -6.95   70.80   
11 1 VAL A 258 ? ? 104.97  48.07   
12 1 PRO A 259 ? ? 23.03   84.23   
13 1 PRO A 261 ? ? -37.01  130.75  
14 1 VAL A 269 ? ? -37.83  139.65  
# 
loop_
_pdbx_struct_mod_residue.id 
_pdbx_struct_mod_residue.label_asym_id 
_pdbx_struct_mod_residue.label_comp_id 
_pdbx_struct_mod_residue.label_seq_id 
_pdbx_struct_mod_residue.auth_asym_id 
_pdbx_struct_mod_residue.auth_comp_id 
_pdbx_struct_mod_residue.auth_seq_id 
_pdbx_struct_mod_residue.PDB_ins_code 
_pdbx_struct_mod_residue.parent_comp_id 
_pdbx_struct_mod_residue.details 
1 A MSE 25  A MSE 139 ? MET SELENOMETHIONINE 
2 A MSE 100 A MSE 214 ? MET SELENOMETHIONINE 
3 A MSE 168 A MSE 282 ? MET SELENOMETHIONINE 
4 A MSE 175 A MSE 289 ? MET SELENOMETHIONINE 
# 
_pdbx_struct_special_symmetry.id              1 
_pdbx_struct_special_symmetry.PDB_model_num   1 
_pdbx_struct_special_symmetry.auth_asym_id    A 
_pdbx_struct_special_symmetry.auth_comp_id    HOH 
_pdbx_struct_special_symmetry.auth_seq_id     439 
_pdbx_struct_special_symmetry.PDB_ins_code    ? 
_pdbx_struct_special_symmetry.label_asym_id   C 
_pdbx_struct_special_symmetry.label_comp_id   HOH 
_pdbx_struct_special_symmetry.label_seq_id    . 
# 
loop_
_pdbx_unobs_or_zero_occ_residues.id 
_pdbx_unobs_or_zero_occ_residues.PDB_model_num 
_pdbx_unobs_or_zero_occ_residues.polymer_flag 
_pdbx_unobs_or_zero_occ_residues.occupancy_flag 
_pdbx_unobs_or_zero_occ_residues.auth_asym_id 
_pdbx_unobs_or_zero_occ_residues.auth_comp_id 
_pdbx_unobs_or_zero_occ_residues.auth_seq_id 
_pdbx_unobs_or_zero_occ_residues.PDB_ins_code 
_pdbx_unobs_or_zero_occ_residues.label_asym_id 
_pdbx_unobs_or_zero_occ_residues.label_comp_id 
_pdbx_unobs_or_zero_occ_residues.label_seq_id 
1  1 Y 1 A MSE 115 ? A MSE 1   
2  1 Y 1 A ARG 116 ? A ARG 2   
3  1 Y 1 A GLY 117 ? A GLY 3   
4  1 Y 1 A SER 118 ? A SER 4   
5  1 Y 1 A HIS 119 ? A HIS 5   
6  1 Y 1 A HIS 120 ? A HIS 6   
7  1 Y 1 A HIS 121 ? A HIS 7   
8  1 Y 1 A HIS 122 ? A HIS 8   
9  1 Y 1 A HIS 123 ? A HIS 9   
10 1 Y 1 A HIS 124 ? A HIS 10  
11 1 Y 1 A GLY 125 ? A GLY 11  
12 1 Y 1 A SER 126 ? A SER 12  
13 1 Y 1 A MSE 127 ? A MSE 13  
14 1 Y 1 A TYR 128 ? A TYR 14  
15 1 Y 1 A LEU 129 ? A LEU 15  
16 1 Y 1 A ASP 130 ? A ASP 16  
17 1 Y 1 A SER 131 ? A SER 17  
18 1 Y 1 A GLN 132 ? A GLN 18  
19 1 Y 1 A LEU 133 ? A LEU 19  
20 1 Y 1 A ALA 134 ? A ALA 20  
21 1 Y 1 A LYS 241 ? A LYS 127 
22 1 Y 1 A THR 242 ? A THR 128 
23 1 Y 1 A PHE 243 ? A PHE 129 
24 1 Y 1 A ASP 244 ? A ASP 130 
25 1 Y 1 A ARG 245 ? A ARG 131 
26 1 Y 1 A LEU 246 ? A LEU 132 
27 1 Y 1 A GLY 247 ? A GLY 133 
28 1 Y 1 A SER 248 ? A SER 134 
29 1 Y 1 A GLY 249 ? A GLY 135 
30 1 Y 1 A GLU 250 ? A GLU 136 
31 1 Y 1 A GLN 251 ? A GLN 137 
32 1 Y 1 A THR 252 ? A THR 138 
33 1 Y 1 A ASN 308 ? A ASN 194 
34 1 Y 1 A GLU 309 ? A GLU 195 
35 1 Y 1 A GLU 310 ? A GLU 196 
36 1 Y 1 A THR 311 ? A THR 197 
37 1 Y 1 A ASP 312 ? A ASP 198 
38 1 Y 1 A GLN 313 ? A GLN 199 
39 1 Y 1 A ASN 314 ? A ASN 200 
40 1 Y 1 A SER 315 ? A SER 201 
41 1 Y 1 A SER 316 ? A SER 202 
42 1 Y 1 A GLY 317 ? A GLY 203 
43 1 Y 1 A ASP 318 ? A ASP 204 
44 1 Y 1 A LYS 319 ? A LYS 205 
# 
loop_
_chem_comp_atom.comp_id 
_chem_comp_atom.atom_id 
_chem_comp_atom.type_symbol 
_chem_comp_atom.pdbx_aromatic_flag 
_chem_comp_atom.pdbx_stereo_config 
_chem_comp_atom.pdbx_ordinal 
ALA N    N  N N 1   
ALA CA   C  N S 2   
ALA C    C  N N 3   
ALA O    O  N N 4   
ALA CB   C  N N 5   
ALA OXT  O  N N 6   
ALA H    H  N N 7   
ALA H2   H  N N 8   
ALA HA   H  N N 9   
ALA HB1  H  N N 10  
ALA HB2  H  N N 11  
ALA HB3  H  N N 12  
ALA HXT  H  N N 13  
ARG N    N  N N 14  
ARG CA   C  N S 15  
ARG C    C  N N 16  
ARG O    O  N N 17  
ARG CB   C  N N 18  
ARG CG   C  N N 19  
ARG CD   C  N N 20  
ARG NE   N  N N 21  
ARG CZ   C  N N 22  
ARG NH1  N  N N 23  
ARG NH2  N  N N 24  
ARG OXT  O  N N 25  
ARG H    H  N N 26  
ARG H2   H  N N 27  
ARG HA   H  N N 28  
ARG HB2  H  N N 29  
ARG HB3  H  N N 30  
ARG HG2  H  N N 31  
ARG HG3  H  N N 32  
ARG HD2  H  N N 33  
ARG HD3  H  N N 34  
ARG HE   H  N N 35  
ARG HH11 H  N N 36  
ARG HH12 H  N N 37  
ARG HH21 H  N N 38  
ARG HH22 H  N N 39  
ARG HXT  H  N N 40  
ASN N    N  N N 41  
ASN CA   C  N S 42  
ASN C    C  N N 43  
ASN O    O  N N 44  
ASN CB   C  N N 45  
ASN CG   C  N N 46  
ASN OD1  O  N N 47  
ASN ND2  N  N N 48  
ASN OXT  O  N N 49  
ASN H    H  N N 50  
ASN H2   H  N N 51  
ASN HA   H  N N 52  
ASN HB2  H  N N 53  
ASN HB3  H  N N 54  
ASN HD21 H  N N 55  
ASN HD22 H  N N 56  
ASN HXT  H  N N 57  
ASP N    N  N N 58  
ASP CA   C  N S 59  
ASP C    C  N N 60  
ASP O    O  N N 61  
ASP CB   C  N N 62  
ASP CG   C  N N 63  
ASP OD1  O  N N 64  
ASP OD2  O  N N 65  
ASP OXT  O  N N 66  
ASP H    H  N N 67  
ASP H2   H  N N 68  
ASP HA   H  N N 69  
ASP HB2  H  N N 70  
ASP HB3  H  N N 71  
ASP HD2  H  N N 72  
ASP HXT  H  N N 73  
GLN N    N  N N 74  
GLN CA   C  N S 75  
GLN C    C  N N 76  
GLN O    O  N N 77  
GLN CB   C  N N 78  
GLN CG   C  N N 79  
GLN CD   C  N N 80  
GLN OE1  O  N N 81  
GLN NE2  N  N N 82  
GLN OXT  O  N N 83  
GLN H    H  N N 84  
GLN H2   H  N N 85  
GLN HA   H  N N 86  
GLN HB2  H  N N 87  
GLN HB3  H  N N 88  
GLN HG2  H  N N 89  
GLN HG3  H  N N 90  
GLN HE21 H  N N 91  
GLN HE22 H  N N 92  
GLN HXT  H  N N 93  
GLU N    N  N N 94  
GLU CA   C  N S 95  
GLU C    C  N N 96  
GLU O    O  N N 97  
GLU CB   C  N N 98  
GLU CG   C  N N 99  
GLU CD   C  N N 100 
GLU OE1  O  N N 101 
GLU OE2  O  N N 102 
GLU OXT  O  N N 103 
GLU H    H  N N 104 
GLU H2   H  N N 105 
GLU HA   H  N N 106 
GLU HB2  H  N N 107 
GLU HB3  H  N N 108 
GLU HG2  H  N N 109 
GLU HG3  H  N N 110 
GLU HE2  H  N N 111 
GLU HXT  H  N N 112 
GLY N    N  N N 113 
GLY CA   C  N N 114 
GLY C    C  N N 115 
GLY O    O  N N 116 
GLY OXT  O  N N 117 
GLY H    H  N N 118 
GLY H2   H  N N 119 
GLY HA2  H  N N 120 
GLY HA3  H  N N 121 
GLY HXT  H  N N 122 
HIS N    N  N N 123 
HIS CA   C  N S 124 
HIS C    C  N N 125 
HIS O    O  N N 126 
HIS CB   C  N N 127 
HIS CG   C  Y N 128 
HIS ND1  N  Y N 129 
HIS CD2  C  Y N 130 
HIS CE1  C  Y N 131 
HIS NE2  N  Y N 132 
HIS OXT  O  N N 133 
HIS H    H  N N 134 
HIS H2   H  N N 135 
HIS HA   H  N N 136 
HIS HB2  H  N N 137 
HIS HB3  H  N N 138 
HIS HD1  H  N N 139 
HIS HD2  H  N N 140 
HIS HE1  H  N N 141 
HIS HE2  H  N N 142 
HIS HXT  H  N N 143 
HOH O    O  N N 144 
HOH H1   H  N N 145 
HOH H2   H  N N 146 
ILE N    N  N N 147 
ILE CA   C  N S 148 
ILE C    C  N N 149 
ILE O    O  N N 150 
ILE CB   C  N S 151 
ILE CG1  C  N N 152 
ILE CG2  C  N N 153 
ILE CD1  C  N N 154 
ILE OXT  O  N N 155 
ILE H    H  N N 156 
ILE H2   H  N N 157 
ILE HA   H  N N 158 
ILE HB   H  N N 159 
ILE HG12 H  N N 160 
ILE HG13 H  N N 161 
ILE HG21 H  N N 162 
ILE HG22 H  N N 163 
ILE HG23 H  N N 164 
ILE HD11 H  N N 165 
ILE HD12 H  N N 166 
ILE HD13 H  N N 167 
ILE HXT  H  N N 168 
LEU N    N  N N 169 
LEU CA   C  N S 170 
LEU C    C  N N 171 
LEU O    O  N N 172 
LEU CB   C  N N 173 
LEU CG   C  N N 174 
LEU CD1  C  N N 175 
LEU CD2  C  N N 176 
LEU OXT  O  N N 177 
LEU H    H  N N 178 
LEU H2   H  N N 179 
LEU HA   H  N N 180 
LEU HB2  H  N N 181 
LEU HB3  H  N N 182 
LEU HG   H  N N 183 
LEU HD11 H  N N 184 
LEU HD12 H  N N 185 
LEU HD13 H  N N 186 
LEU HD21 H  N N 187 
LEU HD22 H  N N 188 
LEU HD23 H  N N 189 
LEU HXT  H  N N 190 
LYS N    N  N N 191 
LYS CA   C  N S 192 
LYS C    C  N N 193 
LYS O    O  N N 194 
LYS CB   C  N N 195 
LYS CG   C  N N 196 
LYS CD   C  N N 197 
LYS CE   C  N N 198 
LYS NZ   N  N N 199 
LYS OXT  O  N N 200 
LYS H    H  N N 201 
LYS H2   H  N N 202 
LYS HA   H  N N 203 
LYS HB2  H  N N 204 
LYS HB3  H  N N 205 
LYS HG2  H  N N 206 
LYS HG3  H  N N 207 
LYS HD2  H  N N 208 
LYS HD3  H  N N 209 
LYS HE2  H  N N 210 
LYS HE3  H  N N 211 
LYS HZ1  H  N N 212 
LYS HZ2  H  N N 213 
LYS HZ3  H  N N 214 
LYS HXT  H  N N 215 
MET N    N  N N 216 
MET CA   C  N S 217 
MET C    C  N N 218 
MET O    O  N N 219 
MET CB   C  N N 220 
MET CG   C  N N 221 
MET SD   S  N N 222 
MET CE   C  N N 223 
MET OXT  O  N N 224 
MET H    H  N N 225 
MET H2   H  N N 226 
MET HA   H  N N 227 
MET HB2  H  N N 228 
MET HB3  H  N N 229 
MET HG2  H  N N 230 
MET HG3  H  N N 231 
MET HE1  H  N N 232 
MET HE2  H  N N 233 
MET HE3  H  N N 234 
MET HXT  H  N N 235 
MSE N    N  N N 236 
MSE CA   C  N S 237 
MSE C    C  N N 238 
MSE O    O  N N 239 
MSE OXT  O  N N 240 
MSE CB   C  N N 241 
MSE CG   C  N N 242 
MSE SE   SE N N 243 
MSE CE   C  N N 244 
MSE H    H  N N 245 
MSE H2   H  N N 246 
MSE HA   H  N N 247 
MSE HXT  H  N N 248 
MSE HB2  H  N N 249 
MSE HB3  H  N N 250 
MSE HG2  H  N N 251 
MSE HG3  H  N N 252 
MSE HE1  H  N N 253 
MSE HE2  H  N N 254 
MSE HE3  H  N N 255 
PHE N    N  N N 256 
PHE CA   C  N S 257 
PHE C    C  N N 258 
PHE O    O  N N 259 
PHE CB   C  N N 260 
PHE CG   C  Y N 261 
PHE CD1  C  Y N 262 
PHE CD2  C  Y N 263 
PHE CE1  C  Y N 264 
PHE CE2  C  Y N 265 
PHE CZ   C  Y N 266 
PHE OXT  O  N N 267 
PHE H    H  N N 268 
PHE H2   H  N N 269 
PHE HA   H  N N 270 
PHE HB2  H  N N 271 
PHE HB3  H  N N 272 
PHE HD1  H  N N 273 
PHE HD2  H  N N 274 
PHE HE1  H  N N 275 
PHE HE2  H  N N 276 
PHE HZ   H  N N 277 
PHE HXT  H  N N 278 
PO4 P    P  N N 279 
PO4 O1   O  N N 280 
PO4 O2   O  N N 281 
PO4 O3   O  N N 282 
PO4 O4   O  N N 283 
PRO N    N  N N 284 
PRO CA   C  N S 285 
PRO C    C  N N 286 
PRO O    O  N N 287 
PRO CB   C  N N 288 
PRO CG   C  N N 289 
PRO CD   C  N N 290 
PRO OXT  O  N N 291 
PRO H    H  N N 292 
PRO HA   H  N N 293 
PRO HB2  H  N N 294 
PRO HB3  H  N N 295 
PRO HG2  H  N N 296 
PRO HG3  H  N N 297 
PRO HD2  H  N N 298 
PRO HD3  H  N N 299 
PRO HXT  H  N N 300 
SER N    N  N N 301 
SER CA   C  N S 302 
SER C    C  N N 303 
SER O    O  N N 304 
SER CB   C  N N 305 
SER OG   O  N N 306 
SER OXT  O  N N 307 
SER H    H  N N 308 
SER H2   H  N N 309 
SER HA   H  N N 310 
SER HB2  H  N N 311 
SER HB3  H  N N 312 
SER HG   H  N N 313 
SER HXT  H  N N 314 
THR N    N  N N 315 
THR CA   C  N S 316 
THR C    C  N N 317 
THR O    O  N N 318 
THR CB   C  N R 319 
THR OG1  O  N N 320 
THR CG2  C  N N 321 
THR OXT  O  N N 322 
THR H    H  N N 323 
THR H2   H  N N 324 
THR HA   H  N N 325 
THR HB   H  N N 326 
THR HG1  H  N N 327 
THR HG21 H  N N 328 
THR HG22 H  N N 329 
THR HG23 H  N N 330 
THR HXT  H  N N 331 
TRP N    N  N N 332 
TRP CA   C  N S 333 
TRP C    C  N N 334 
TRP O    O  N N 335 
TRP CB   C  N N 336 
TRP CG   C  Y N 337 
TRP CD1  C  Y N 338 
TRP CD2  C  Y N 339 
TRP NE1  N  Y N 340 
TRP CE2  C  Y N 341 
TRP CE3  C  Y N 342 
TRP CZ2  C  Y N 343 
TRP CZ3  C  Y N 344 
TRP CH2  C  Y N 345 
TRP OXT  O  N N 346 
TRP H    H  N N 347 
TRP H2   H  N N 348 
TRP HA   H  N N 349 
TRP HB2  H  N N 350 
TRP HB3  H  N N 351 
TRP HD1  H  N N 352 
TRP HE1  H  N N 353 
TRP HE3  H  N N 354 
TRP HZ2  H  N N 355 
TRP HZ3  H  N N 356 
TRP HH2  H  N N 357 
TRP HXT  H  N N 358 
TYR N    N  N N 359 
TYR CA   C  N S 360 
TYR C    C  N N 361 
TYR O    O  N N 362 
TYR CB   C  N N 363 
TYR CG   C  Y N 364 
TYR CD1  C  Y N 365 
TYR CD2  C  Y N 366 
TYR CE1  C  Y N 367 
TYR CE2  C  Y N 368 
TYR CZ   C  Y N 369 
TYR OH   O  N N 370 
TYR OXT  O  N N 371 
TYR H    H  N N 372 
TYR H2   H  N N 373 
TYR HA   H  N N 374 
TYR HB2  H  N N 375 
TYR HB3  H  N N 376 
TYR HD1  H  N N 377 
TYR HD2  H  N N 378 
TYR HE1  H  N N 379 
TYR HE2  H  N N 380 
TYR HH   H  N N 381 
TYR HXT  H  N N 382 
VAL N    N  N N 383 
VAL CA   C  N S 384 
VAL C    C  N N 385 
VAL O    O  N N 386 
VAL CB   C  N N 387 
VAL CG1  C  N N 388 
VAL CG2  C  N N 389 
VAL OXT  O  N N 390 
VAL H    H  N N 391 
VAL H2   H  N N 392 
VAL HA   H  N N 393 
VAL HB   H  N N 394 
VAL HG11 H  N N 395 
VAL HG12 H  N N 396 
VAL HG13 H  N N 397 
VAL HG21 H  N N 398 
VAL HG22 H  N N 399 
VAL HG23 H  N N 400 
VAL HXT  H  N N 401 
# 
loop_
_chem_comp_bond.comp_id 
_chem_comp_bond.atom_id_1 
_chem_comp_bond.atom_id_2 
_chem_comp_bond.value_order 
_chem_comp_bond.pdbx_aromatic_flag 
_chem_comp_bond.pdbx_stereo_config 
_chem_comp_bond.pdbx_ordinal 
ALA N   CA   sing N N 1   
ALA N   H    sing N N 2   
ALA N   H2   sing N N 3   
ALA CA  C    sing N N 4   
ALA CA  CB   sing N N 5   
ALA CA  HA   sing N N 6   
ALA C   O    doub N N 7   
ALA C   OXT  sing N N 8   
ALA CB  HB1  sing N N 9   
ALA CB  HB2  sing N N 10  
ALA CB  HB3  sing N N 11  
ALA OXT HXT  sing N N 12  
ARG N   CA   sing N N 13  
ARG N   H    sing N N 14  
ARG N   H2   sing N N 15  
ARG CA  C    sing N N 16  
ARG CA  CB   sing N N 17  
ARG CA  HA   sing N N 18  
ARG C   O    doub N N 19  
ARG C   OXT  sing N N 20  
ARG CB  CG   sing N N 21  
ARG CB  HB2  sing N N 22  
ARG CB  HB3  sing N N 23  
ARG CG  CD   sing N N 24  
ARG CG  HG2  sing N N 25  
ARG CG  HG3  sing N N 26  
ARG CD  NE   sing N N 27  
ARG CD  HD2  sing N N 28  
ARG CD  HD3  sing N N 29  
ARG NE  CZ   sing N N 30  
ARG NE  HE   sing N N 31  
ARG CZ  NH1  sing N N 32  
ARG CZ  NH2  doub N N 33  
ARG NH1 HH11 sing N N 34  
ARG NH1 HH12 sing N N 35  
ARG NH2 HH21 sing N N 36  
ARG NH2 HH22 sing N N 37  
ARG OXT HXT  sing N N 38  
ASN N   CA   sing N N 39  
ASN N   H    sing N N 40  
ASN N   H2   sing N N 41  
ASN CA  C    sing N N 42  
ASN CA  CB   sing N N 43  
ASN CA  HA   sing N N 44  
ASN C   O    doub N N 45  
ASN C   OXT  sing N N 46  
ASN CB  CG   sing N N 47  
ASN CB  HB2  sing N N 48  
ASN CB  HB3  sing N N 49  
ASN CG  OD1  doub N N 50  
ASN CG  ND2  sing N N 51  
ASN ND2 HD21 sing N N 52  
ASN ND2 HD22 sing N N 53  
ASN OXT HXT  sing N N 54  
ASP N   CA   sing N N 55  
ASP N   H    sing N N 56  
ASP N   H2   sing N N 57  
ASP CA  C    sing N N 58  
ASP CA  CB   sing N N 59  
ASP CA  HA   sing N N 60  
ASP C   O    doub N N 61  
ASP C   OXT  sing N N 62  
ASP CB  CG   sing N N 63  
ASP CB  HB2  sing N N 64  
ASP CB  HB3  sing N N 65  
ASP CG  OD1  doub N N 66  
ASP CG  OD2  sing N N 67  
ASP OD2 HD2  sing N N 68  
ASP OXT HXT  sing N N 69  
GLN N   CA   sing N N 70  
GLN N   H    sing N N 71  
GLN N   H2   sing N N 72  
GLN CA  C    sing N N 73  
GLN CA  CB   sing N N 74  
GLN CA  HA   sing N N 75  
GLN C   O    doub N N 76  
GLN C   OXT  sing N N 77  
GLN CB  CG   sing N N 78  
GLN CB  HB2  sing N N 79  
GLN CB  HB3  sing N N 80  
GLN CG  CD   sing N N 81  
GLN CG  HG2  sing N N 82  
GLN CG  HG3  sing N N 83  
GLN CD  OE1  doub N N 84  
GLN CD  NE2  sing N N 85  
GLN NE2 HE21 sing N N 86  
GLN NE2 HE22 sing N N 87  
GLN OXT HXT  sing N N 88  
GLU N   CA   sing N N 89  
GLU N   H    sing N N 90  
GLU N   H2   sing N N 91  
GLU CA  C    sing N N 92  
GLU CA  CB   sing N N 93  
GLU CA  HA   sing N N 94  
GLU C   O    doub N N 95  
GLU C   OXT  sing N N 96  
GLU CB  CG   sing N N 97  
GLU CB  HB2  sing N N 98  
GLU CB  HB3  sing N N 99  
GLU CG  CD   sing N N 100 
GLU CG  HG2  sing N N 101 
GLU CG  HG3  sing N N 102 
GLU CD  OE1  doub N N 103 
GLU CD  OE2  sing N N 104 
GLU OE2 HE2  sing N N 105 
GLU OXT HXT  sing N N 106 
GLY N   CA   sing N N 107 
GLY N   H    sing N N 108 
GLY N   H2   sing N N 109 
GLY CA  C    sing N N 110 
GLY CA  HA2  sing N N 111 
GLY CA  HA3  sing N N 112 
GLY C   O    doub N N 113 
GLY C   OXT  sing N N 114 
GLY OXT HXT  sing N N 115 
HIS N   CA   sing N N 116 
HIS N   H    sing N N 117 
HIS N   H2   sing N N 118 
HIS CA  C    sing N N 119 
HIS CA  CB   sing N N 120 
HIS CA  HA   sing N N 121 
HIS C   O    doub N N 122 
HIS C   OXT  sing N N 123 
HIS CB  CG   sing N N 124 
HIS CB  HB2  sing N N 125 
HIS CB  HB3  sing N N 126 
HIS CG  ND1  sing Y N 127 
HIS CG  CD2  doub Y N 128 
HIS ND1 CE1  doub Y N 129 
HIS ND1 HD1  sing N N 130 
HIS CD2 NE2  sing Y N 131 
HIS CD2 HD2  sing N N 132 
HIS CE1 NE2  sing Y N 133 
HIS CE1 HE1  sing N N 134 
HIS NE2 HE2  sing N N 135 
HIS OXT HXT  sing N N 136 
HOH O   H1   sing N N 137 
HOH O   H2   sing N N 138 
ILE N   CA   sing N N 139 
ILE N   H    sing N N 140 
ILE N   H2   sing N N 141 
ILE CA  C    sing N N 142 
ILE CA  CB   sing N N 143 
ILE CA  HA   sing N N 144 
ILE C   O    doub N N 145 
ILE C   OXT  sing N N 146 
ILE CB  CG1  sing N N 147 
ILE CB  CG2  sing N N 148 
ILE CB  HB   sing N N 149 
ILE CG1 CD1  sing N N 150 
ILE CG1 HG12 sing N N 151 
ILE CG1 HG13 sing N N 152 
ILE CG2 HG21 sing N N 153 
ILE CG2 HG22 sing N N 154 
ILE CG2 HG23 sing N N 155 
ILE CD1 HD11 sing N N 156 
ILE CD1 HD12 sing N N 157 
ILE CD1 HD13 sing N N 158 
ILE OXT HXT  sing N N 159 
LEU N   CA   sing N N 160 
LEU N   H    sing N N 161 
LEU N   H2   sing N N 162 
LEU CA  C    sing N N 163 
LEU CA  CB   sing N N 164 
LEU CA  HA   sing N N 165 
LEU C   O    doub N N 166 
LEU C   OXT  sing N N 167 
LEU CB  CG   sing N N 168 
LEU CB  HB2  sing N N 169 
LEU CB  HB3  sing N N 170 
LEU CG  CD1  sing N N 171 
LEU CG  CD2  sing N N 172 
LEU CG  HG   sing N N 173 
LEU CD1 HD11 sing N N 174 
LEU CD1 HD12 sing N N 175 
LEU CD1 HD13 sing N N 176 
LEU CD2 HD21 sing N N 177 
LEU CD2 HD22 sing N N 178 
LEU CD2 HD23 sing N N 179 
LEU OXT HXT  sing N N 180 
LYS N   CA   sing N N 181 
LYS N   H    sing N N 182 
LYS N   H2   sing N N 183 
LYS CA  C    sing N N 184 
LYS CA  CB   sing N N 185 
LYS CA  HA   sing N N 186 
LYS C   O    doub N N 187 
LYS C   OXT  sing N N 188 
LYS CB  CG   sing N N 189 
LYS CB  HB2  sing N N 190 
LYS CB  HB3  sing N N 191 
LYS CG  CD   sing N N 192 
LYS CG  HG2  sing N N 193 
LYS CG  HG3  sing N N 194 
LYS CD  CE   sing N N 195 
LYS CD  HD2  sing N N 196 
LYS CD  HD3  sing N N 197 
LYS CE  NZ   sing N N 198 
LYS CE  HE2  sing N N 199 
LYS CE  HE3  sing N N 200 
LYS NZ  HZ1  sing N N 201 
LYS NZ  HZ2  sing N N 202 
LYS NZ  HZ3  sing N N 203 
LYS OXT HXT  sing N N 204 
MET N   CA   sing N N 205 
MET N   H    sing N N 206 
MET N   H2   sing N N 207 
MET CA  C    sing N N 208 
MET CA  CB   sing N N 209 
MET CA  HA   sing N N 210 
MET C   O    doub N N 211 
MET C   OXT  sing N N 212 
MET CB  CG   sing N N 213 
MET CB  HB2  sing N N 214 
MET CB  HB3  sing N N 215 
MET CG  SD   sing N N 216 
MET CG  HG2  sing N N 217 
MET CG  HG3  sing N N 218 
MET SD  CE   sing N N 219 
MET CE  HE1  sing N N 220 
MET CE  HE2  sing N N 221 
MET CE  HE3  sing N N 222 
MET OXT HXT  sing N N 223 
MSE N   CA   sing N N 224 
MSE N   H    sing N N 225 
MSE N   H2   sing N N 226 
MSE CA  C    sing N N 227 
MSE CA  CB   sing N N 228 
MSE CA  HA   sing N N 229 
MSE C   O    doub N N 230 
MSE C   OXT  sing N N 231 
MSE OXT HXT  sing N N 232 
MSE CB  CG   sing N N 233 
MSE CB  HB2  sing N N 234 
MSE CB  HB3  sing N N 235 
MSE CG  SE   sing N N 236 
MSE CG  HG2  sing N N 237 
MSE CG  HG3  sing N N 238 
MSE SE  CE   sing N N 239 
MSE CE  HE1  sing N N 240 
MSE CE  HE2  sing N N 241 
MSE CE  HE3  sing N N 242 
PHE N   CA   sing N N 243 
PHE N   H    sing N N 244 
PHE N   H2   sing N N 245 
PHE CA  C    sing N N 246 
PHE CA  CB   sing N N 247 
PHE CA  HA   sing N N 248 
PHE C   O    doub N N 249 
PHE C   OXT  sing N N 250 
PHE CB  CG   sing N N 251 
PHE CB  HB2  sing N N 252 
PHE CB  HB3  sing N N 253 
PHE CG  CD1  doub Y N 254 
PHE CG  CD2  sing Y N 255 
PHE CD1 CE1  sing Y N 256 
PHE CD1 HD1  sing N N 257 
PHE CD2 CE2  doub Y N 258 
PHE CD2 HD2  sing N N 259 
PHE CE1 CZ   doub Y N 260 
PHE CE1 HE1  sing N N 261 
PHE CE2 CZ   sing Y N 262 
PHE CE2 HE2  sing N N 263 
PHE CZ  HZ   sing N N 264 
PHE OXT HXT  sing N N 265 
PO4 P   O1   doub N N 266 
PO4 P   O2   sing N N 267 
PO4 P   O3   sing N N 268 
PO4 P   O4   sing N N 269 
PRO N   CA   sing N N 270 
PRO N   CD   sing N N 271 
PRO N   H    sing N N 272 
PRO CA  C    sing N N 273 
PRO CA  CB   sing N N 274 
PRO CA  HA   sing N N 275 
PRO C   O    doub N N 276 
PRO C   OXT  sing N N 277 
PRO CB  CG   sing N N 278 
PRO CB  HB2  sing N N 279 
PRO CB  HB3  sing N N 280 
PRO CG  CD   sing N N 281 
PRO CG  HG2  sing N N 282 
PRO CG  HG3  sing N N 283 
PRO CD  HD2  sing N N 284 
PRO CD  HD3  sing N N 285 
PRO OXT HXT  sing N N 286 
SER N   CA   sing N N 287 
SER N   H    sing N N 288 
SER N   H2   sing N N 289 
SER CA  C    sing N N 290 
SER CA  CB   sing N N 291 
SER CA  HA   sing N N 292 
SER C   O    doub N N 293 
SER C   OXT  sing N N 294 
SER CB  OG   sing N N 295 
SER CB  HB2  sing N N 296 
SER CB  HB3  sing N N 297 
SER OG  HG   sing N N 298 
SER OXT HXT  sing N N 299 
THR N   CA   sing N N 300 
THR N   H    sing N N 301 
THR N   H2   sing N N 302 
THR CA  C    sing N N 303 
THR CA  CB   sing N N 304 
THR CA  HA   sing N N 305 
THR C   O    doub N N 306 
THR C   OXT  sing N N 307 
THR CB  OG1  sing N N 308 
THR CB  CG2  sing N N 309 
THR CB  HB   sing N N 310 
THR OG1 HG1  sing N N 311 
THR CG2 HG21 sing N N 312 
THR CG2 HG22 sing N N 313 
THR CG2 HG23 sing N N 314 
THR OXT HXT  sing N N 315 
TRP N   CA   sing N N 316 
TRP N   H    sing N N 317 
TRP N   H2   sing N N 318 
TRP CA  C    sing N N 319 
TRP CA  CB   sing N N 320 
TRP CA  HA   sing N N 321 
TRP C   O    doub N N 322 
TRP C   OXT  sing N N 323 
TRP CB  CG   sing N N 324 
TRP CB  HB2  sing N N 325 
TRP CB  HB3  sing N N 326 
TRP CG  CD1  doub Y N 327 
TRP CG  CD2  sing Y N 328 
TRP CD1 NE1  sing Y N 329 
TRP CD1 HD1  sing N N 330 
TRP CD2 CE2  doub Y N 331 
TRP CD2 CE3  sing Y N 332 
TRP NE1 CE2  sing Y N 333 
TRP NE1 HE1  sing N N 334 
TRP CE2 CZ2  sing Y N 335 
TRP CE3 CZ3  doub Y N 336 
TRP CE3 HE3  sing N N 337 
TRP CZ2 CH2  doub Y N 338 
TRP CZ2 HZ2  sing N N 339 
TRP CZ3 CH2  sing Y N 340 
TRP CZ3 HZ3  sing N N 341 
TRP CH2 HH2  sing N N 342 
TRP OXT HXT  sing N N 343 
TYR N   CA   sing N N 344 
TYR N   H    sing N N 345 
TYR N   H2   sing N N 346 
TYR CA  C    sing N N 347 
TYR CA  CB   sing N N 348 
TYR CA  HA   sing N N 349 
TYR C   O    doub N N 350 
TYR C   OXT  sing N N 351 
TYR CB  CG   sing N N 352 
TYR CB  HB2  sing N N 353 
TYR CB  HB3  sing N N 354 
TYR CG  CD1  doub Y N 355 
TYR CG  CD2  sing Y N 356 
TYR CD1 CE1  sing Y N 357 
TYR CD1 HD1  sing N N 358 
TYR CD2 CE2  doub Y N 359 
TYR CD2 HD2  sing N N 360 
TYR CE1 CZ   doub Y N 361 
TYR CE1 HE1  sing N N 362 
TYR CE2 CZ   sing Y N 363 
TYR CE2 HE2  sing N N 364 
TYR CZ  OH   sing N N 365 
TYR OH  HH   sing N N 366 
TYR OXT HXT  sing N N 367 
VAL N   CA   sing N N 368 
VAL N   H    sing N N 369 
VAL N   H2   sing N N 370 
VAL CA  C    sing N N 371 
VAL CA  CB   sing N N 372 
VAL CA  HA   sing N N 373 
VAL C   O    doub N N 374 
VAL C   OXT  sing N N 375 
VAL CB  CG1  sing N N 376 
VAL CB  CG2  sing N N 377 
VAL CB  HB   sing N N 378 
VAL CG1 HG11 sing N N 379 
VAL CG1 HG12 sing N N 380 
VAL CG1 HG13 sing N N 381 
VAL CG2 HG21 sing N N 382 
VAL CG2 HG22 sing N N 383 
VAL CG2 HG23 sing N N 384 
VAL OXT HXT  sing N N 385 
# 
_atom_sites.entry_id                    1JB1 
_atom_sites.fract_transf_matrix[1][1]   -0.00200558 
_atom_sites.fract_transf_matrix[1][2]   0.00820552 
_atom_sites.fract_transf_matrix[1][3]   0.00659708 
_atom_sites.fract_transf_matrix[2][1]   -0.00518480 
_atom_sites.fract_transf_matrix[2][2]   0.00865014 
_atom_sites.fract_transf_matrix[2][3]   -0.00362883 
_atom_sites.fract_transf_matrix[3][1]   -0.01312699 
_atom_sites.fract_transf_matrix[3][2]   -0.00627046 
_atom_sites.fract_transf_matrix[3][3]   0.00380852 
_atom_sites.fract_transf_vector[1]      0.753407 
_atom_sites.fract_transf_vector[2]      0.513816 
_atom_sites.fract_transf_vector[3]      0.450922 
# 
loop_
_atom_type.symbol 
C  
N  
O  
P  
SE 
# 
loop_
_atom_site.group_PDB 
_atom_site.id 
_atom_site.type_symbol 
_atom_site.label_atom_id 
_atom_site.label_alt_id 
_atom_site.label_comp_id 
_atom_site.label_asym_id 
_atom_site.label_entity_id 
_atom_site.label_seq_id 
_atom_site.pdbx_PDB_ins_code 
_atom_site.Cartn_x 
_atom_site.Cartn_y 
_atom_site.Cartn_z 
_atom_site.occupancy 
_atom_site.B_iso_or_equiv 
_atom_site.pdbx_formal_charge 
_atom_site.auth_seq_id 
_atom_site.auth_comp_id 
_atom_site.auth_asym_id 
_atom_site.auth_atom_id 
_atom_site.pdbx_PDB_model_num 
ATOM   1    N  N   . GLU A 1 21  ? -11.503 21.024  1.296   1.00 87.21  ? 135 GLU A N   1 
ATOM   2    C  CA  . GLU A 1 21  ? -11.726 20.338  2.599   1.00 87.33  ? 135 GLU A CA  1 
ATOM   3    C  C   . GLU A 1 21  ? -10.858 19.086  2.711   1.00 87.16  ? 135 GLU A C   1 
ATOM   4    O  O   . GLU A 1 21  ? -9.959  18.867  1.897   1.00 87.33  ? 135 GLU A O   1 
ATOM   5    C  CB  . GLU A 1 21  ? -13.195 19.940  2.746   1.00 87.19  ? 135 GLU A CB  1 
ATOM   6    C  CG  . GLU A 1 21  ? -13.609 18.773  1.863   1.00 87.81  ? 135 GLU A CG  1 
ATOM   7    C  CD  . GLU A 1 21  ? -14.942 18.170  2.275   1.00 88.53  ? 135 GLU A CD  1 
ATOM   8    O  OE1 . GLU A 1 21  ? -15.316 17.115  1.720   1.00 88.46  ? 135 GLU A OE1 1 
ATOM   9    O  OE2 . GLU A 1 21  ? -15.616 18.750  3.155   1.00 89.32  ? 135 GLU A OE2 1 
ATOM   10   N  N   . ARG A 1 22  ? -11.145 18.264  3.719   1.00 81.81  ? 136 ARG A N   1 
ATOM   11   C  CA  . ARG A 1 22  ? -10.404 17.029  3.961   1.00 80.52  ? 136 ARG A CA  1 
ATOM   12   C  C   . ARG A 1 22  ? -11.322 15.949  4.528   1.00 78.70  ? 136 ARG A C   1 
ATOM   13   O  O   . ARG A 1 22  ? -12.499 16.199  4.781   1.00 78.02  ? 136 ARG A O   1 
ATOM   14   C  CB  . ARG A 1 22  ? -9.258  17.290  4.941   1.00 90.72  ? 136 ARG A CB  1 
ATOM   15   C  CG  . ARG A 1 22  ? -8.378  18.471  4.557   1.00 92.67  ? 136 ARG A CG  1 
ATOM   16   C  CD  . ARG A 1 22  ? -7.110  18.495  5.383   1.00 95.11  ? 136 ARG A CD  1 
ATOM   17   N  NE  . ARG A 1 22  ? -6.286  17.316  5.131   1.00 96.84  ? 136 ARG A NE  1 
ATOM   18   C  CZ  . ARG A 1 22  ? -5.195  17.009  5.820   1.00 97.98  ? 136 ARG A CZ  1 
ATOM   19   N  NH1 . ARG A 1 22  ? -4.792  17.795  6.812   1.00 98.42  ? 136 ARG A NH1 1 
ATOM   20   N  NH2 . ARG A 1 22  ? -4.504  15.916  5.517   1.00 98.39  ? 136 ARG A NH2 1 
ATOM   21   N  N   . ARG A 1 23  ? -10.779 14.750  4.725   1.00 81.04  ? 137 ARG A N   1 
ATOM   22   C  CA  . ARG A 1 23  ? -11.547 13.629  5.269   1.00 78.98  ? 137 ARG A CA  1 
ATOM   23   C  C   . ARG A 1 23  ? -10.611 12.635  5.941   1.00 77.29  ? 137 ARG A C   1 
ATOM   24   O  O   . ARG A 1 23  ? -9.392  12.752  5.840   1.00 77.35  ? 137 ARG A O   1 
ATOM   25   C  CB  . ARG A 1 23  ? -12.340 12.938  4.162   1.00 68.18  ? 137 ARG A CB  1 
ATOM   26   N  N   . SER A 1 24  ? -11.180 11.659  6.637   1.00 64.27  ? 138 SER A N   1 
ATOM   27   C  CA  . SER A 1 24  ? -10.369 10.668  7.323   1.00 63.76  ? 138 SER A CA  1 
ATOM   28   C  C   . SER A 1 24  ? -10.809 9.259   7.001   1.00 64.03  ? 138 SER A C   1 
ATOM   29   O  O   . SER A 1 24  ? -11.999 8.991   6.830   1.00 63.81  ? 138 SER A O   1 
ATOM   30   C  CB  . SER A 1 24  ? -10.423 10.880  8.835   1.00 71.64  ? 138 SER A CB  1 
ATOM   31   O  OG  . SER A 1 24  ? -9.773  12.082  9.205   1.00 72.52  ? 138 SER A OG  1 
HETATM 32   N  N   . MSE A 1 25  ? -9.832  8.360   6.926   1.00 72.31  ? 139 MSE A N   1 
HETATM 33   C  CA  . MSE A 1 25  ? -10.085 6.960   6.625   1.00 70.81  ? 139 MSE A CA  1 
HETATM 34   C  C   . MSE A 1 25  ? -9.279  6.029   7.511   1.00 69.02  ? 139 MSE A C   1 
HETATM 35   O  O   . MSE A 1 25  ? -8.267  6.422   8.101   1.00 69.00  ? 139 MSE A O   1 
HETATM 36   C  CB  . MSE A 1 25  ? -9.731  6.670   5.177   1.00 81.00  ? 139 MSE A CB  1 
HETATM 37   C  CG  . MSE A 1 25  ? -10.608 7.368   4.184   1.00 85.82  ? 139 MSE A CG  1 
HETATM 38   SE SE  . MSE A 1 25  ? -9.945  7.117   2.405   1.00 92.40  ? 139 MSE A SE  1 
HETATM 39   C  CE  . MSE A 1 25  ? -9.762  8.971   1.894   1.00 88.73  ? 139 MSE A CE  1 
ATOM   40   N  N   . HIS A 1 26  ? -9.743  4.789   7.601   1.00 67.30  ? 140 HIS A N   1 
ATOM   41   C  CA  . HIS A 1 26  ? -9.060  3.777   8.384   1.00 66.11  ? 140 HIS A CA  1 
ATOM   42   C  C   . HIS A 1 26  ? -7.993  3.180   7.462   1.00 65.45  ? 140 HIS A C   1 
ATOM   43   O  O   . HIS A 1 26  ? -7.987  3.438   6.256   1.00 65.13  ? 140 HIS A O   1 
ATOM   44   C  CB  . HIS A 1 26  ? -10.043 2.705   8.839   1.00 52.32  ? 140 HIS A CB  1 
ATOM   45   N  N   . GLY A 1 27  ? -7.086  2.396   8.030   1.00 73.45  ? 141 GLY A N   1 
ATOM   46   C  CA  . GLY A 1 27  ? -6.042  1.799   7.224   1.00 70.88  ? 141 GLY A CA  1 
ATOM   47   C  C   . GLY A 1 27  ? -4.743  2.544   7.417   1.00 68.74  ? 141 GLY A C   1 
ATOM   48   O  O   . GLY A 1 27  ? -4.731  3.653   7.951   1.00 69.11  ? 141 GLY A O   1 
ATOM   49   N  N   . VAL A 1 28  ? -3.645  1.936   6.980   1.00 59.09  ? 142 VAL A N   1 
ATOM   50   C  CA  . VAL A 1 28  ? -2.331  2.545   7.119   1.00 55.10  ? 142 VAL A CA  1 
ATOM   51   C  C   . VAL A 1 28  ? -1.790  3.001   5.769   1.00 52.91  ? 142 VAL A C   1 
ATOM   52   O  O   . VAL A 1 28  ? -1.985  2.339   4.751   1.00 52.04  ? 142 VAL A O   1 
ATOM   53   C  CB  . VAL A 1 28  ? -1.342  1.564   7.774   1.00 37.78  ? 142 VAL A CB  1 
ATOM   54   C  CG1 . VAL A 1 28  ? -1.392  0.227   7.062   1.00 37.78  ? 142 VAL A CG1 1 
ATOM   55   C  CG2 . VAL A 1 28  ? 0.051   2.137   7.732   1.00 37.27  ? 142 VAL A CG2 1 
ATOM   56   N  N   . LEU A 1 29  ? -1.110  4.141   5.775   1.00 49.21  ? 143 LEU A N   1 
ATOM   57   C  CA  . LEU A 1 29  ? -0.558  4.699   4.558   1.00 47.41  ? 143 LEU A CA  1 
ATOM   58   C  C   . LEU A 1 29  ? 0.956   4.609   4.516   1.00 46.68  ? 143 LEU A C   1 
ATOM   59   O  O   . LEU A 1 29  ? 1.658   5.422   5.126   1.00 47.26  ? 143 LEU A O   1 
ATOM   60   C  CB  . LEU A 1 29  ? -0.959  6.167   4.425   1.00 42.92  ? 143 LEU A CB  1 
ATOM   61   C  CG  . LEU A 1 29  ? -1.076  6.797   3.030   1.00 44.25  ? 143 LEU A CG  1 
ATOM   62   C  CD1 . LEU A 1 29  ? -0.395  8.156   3.074   1.00 42.89  ? 143 LEU A CD1 1 
ATOM   63   C  CD2 . LEU A 1 29  ? -0.458  5.911   1.933   1.00 44.48  ? 143 LEU A CD2 1 
ATOM   64   N  N   . VAL A 1 30  ? 1.463   3.625   3.787   1.00 39.35  ? 144 VAL A N   1 
ATOM   65   C  CA  . VAL A 1 30  ? 2.903   3.478   3.654   1.00 37.85  ? 144 VAL A CA  1 
ATOM   66   C  C   . VAL A 1 30  ? 3.331   4.066   2.323   1.00 36.19  ? 144 VAL A C   1 
ATOM   67   O  O   . VAL A 1 30  ? 2.503   4.372   1.469   1.00 36.43  ? 144 VAL A O   1 
ATOM   68   C  CB  . VAL A 1 30  ? 3.327   2.002   3.680   1.00 38.80  ? 144 VAL A CB  1 
ATOM   69   C  CG1 . VAL A 1 30  ? 2.960   1.378   5.019   1.00 39.07  ? 144 VAL A CG1 1 
ATOM   70   C  CG2 . VAL A 1 30  ? 2.652   1.260   2.538   1.00 37.94  ? 144 VAL A CG2 1 
ATOM   71   N  N   . ASP A 1 31  ? 4.634   4.235   2.167   1.00 35.90  ? 145 ASP A N   1 
ATOM   72   C  CA  . ASP A 1 31  ? 5.222   4.738   0.935   1.00 36.73  ? 145 ASP A CA  1 
ATOM   73   C  C   . ASP A 1 31  ? 6.181   3.650   0.440   1.00 35.75  ? 145 ASP A C   1 
ATOM   74   O  O   . ASP A 1 31  ? 7.221   3.391   1.046   1.00 35.26  ? 145 ASP A O   1 
ATOM   75   C  CB  . ASP A 1 31  ? 6.002   6.020   1.190   1.00 56.22  ? 145 ASP A CB  1 
ATOM   76   C  CG  . ASP A 1 31  ? 6.869   6.412   0.011   1.00 61.87  ? 145 ASP A CG  1 
ATOM   77   O  OD1 . ASP A 1 31  ? 7.642   7.391   0.134   1.00 63.51  ? 145 ASP A OD1 1 
ATOM   78   O  OD2 . ASP A 1 31  ? 6.778   5.736   -1.044  1.00 63.46  ? 145 ASP A OD2 1 
ATOM   79   N  N   . ILE A 1 32  ? 5.830   3.009   -0.661  1.00 37.10  ? 146 ILE A N   1 
ATOM   80   C  CA  . ILE A 1 32  ? 6.664   1.948   -1.191  1.00 37.06  ? 146 ILE A CA  1 
ATOM   81   C  C   . ILE A 1 32  ? 7.239   2.379   -2.532  1.00 38.01  ? 146 ILE A C   1 
ATOM   82   O  O   . ILE A 1 32  ? 6.504   2.716   -3.453  1.00 38.84  ? 146 ILE A O   1 
ATOM   83   C  CB  . ILE A 1 32  ? 5.833   0.665   -1.340  1.00 34.23  ? 146 ILE A CB  1 
ATOM   84   C  CG1 . ILE A 1 32  ? 5.119   0.385   -0.011  1.00 32.98  ? 146 ILE A CG1 1 
ATOM   85   C  CG2 . ILE A 1 32  ? 6.723   -0.496  -1.754  1.00 32.55  ? 146 ILE A CG2 1 
ATOM   86   C  CD1 . ILE A 1 32  ? 4.063   -0.691  -0.083  1.00 32.23  ? 146 ILE A CD1 1 
ATOM   87   N  N   . TYR A 1 33  ? 8.560   2.386   -2.633  1.00 44.36  ? 147 TYR A N   1 
ATOM   88   C  CA  . TYR A 1 33  ? 9.219   2.792   -3.866  1.00 46.34  ? 147 TYR A CA  1 
ATOM   89   C  C   . TYR A 1 33  ? 8.723   4.179   -4.306  1.00 47.83  ? 147 TYR A C   1 
ATOM   90   O  O   . TYR A 1 33  ? 8.601   4.468   -5.498  1.00 48.89  ? 147 TYR A O   1 
ATOM   91   C  CB  . TYR A 1 33  ? 8.964   1.739   -4.958  1.00 37.58  ? 147 TYR A CB  1 
ATOM   92   C  CG  . TYR A 1 33  ? 9.426   0.350   -4.566  1.00 35.72  ? 147 TYR A CG  1 
ATOM   93   C  CD1 . TYR A 1 33  ? 8.655   -0.777  -4.857  1.00 35.50  ? 147 TYR A CD1 1 
ATOM   94   C  CD2 . TYR A 1 33  ? 10.620  0.166   -3.874  1.00 37.30  ? 147 TYR A CD2 1 
ATOM   95   C  CE1 . TYR A 1 33  ? 9.060   -2.059  -4.464  1.00 36.26  ? 147 TYR A CE1 1 
ATOM   96   C  CE2 . TYR A 1 33  ? 11.039  -1.103  -3.472  1.00 38.55  ? 147 TYR A CE2 1 
ATOM   97   C  CZ  . TYR A 1 33  ? 10.254  -2.214  -3.765  1.00 39.36  ? 147 TYR A CZ  1 
ATOM   98   O  OH  . TYR A 1 33  ? 10.661  -3.462  -3.322  1.00 39.99  ? 147 TYR A OH  1 
ATOM   99   N  N   . GLY A 1 34  ? 8.457   5.044   -3.332  1.00 48.32  ? 148 GLY A N   1 
ATOM   100  C  CA  . GLY A 1 34  ? 7.982   6.376   -3.656  1.00 49.87  ? 148 GLY A CA  1 
ATOM   101  C  C   . GLY A 1 34  ? 6.558   6.339   -4.169  1.00 50.92  ? 148 GLY A C   1 
ATOM   102  O  O   . GLY A 1 34  ? 6.073   7.285   -4.781  1.00 53.80  ? 148 GLY A O   1 
ATOM   103  N  N   . LEU A 1 35  ? 5.878   5.234   -3.907  1.00 43.62  ? 149 LEU A N   1 
ATOM   104  C  CA  . LEU A 1 35  ? 4.510   5.052   -4.351  1.00 41.01  ? 149 LEU A CA  1 
ATOM   105  C  C   . LEU A 1 35  ? 3.573   5.037   -3.139  1.00 41.59  ? 149 LEU A C   1 
ATOM   106  O  O   . LEU A 1 35  ? 3.656   4.148   -2.281  1.00 40.42  ? 149 LEU A O   1 
ATOM   107  C  CB  . LEU A 1 35  ? 4.418   3.730   -5.101  1.00 49.28  ? 149 LEU A CB  1 
ATOM   108  C  CG  . LEU A 1 35  ? 3.188   3.479   -5.956  1.00 50.95  ? 149 LEU A CG  1 
ATOM   109  C  CD1 . LEU A 1 35  ? 3.287   4.306   -7.233  1.00 52.30  ? 149 LEU A CD1 1 
ATOM   110  C  CD2 . LEU A 1 35  ? 3.112   2.006   -6.284  1.00 52.67  ? 149 LEU A CD2 1 
ATOM   111  N  N   . GLY A 1 36  ? 2.687   6.025   -3.067  1.00 41.00  ? 150 GLY A N   1 
ATOM   112  C  CA  . GLY A 1 36  ? 1.755   6.091   -1.959  1.00 40.02  ? 150 GLY A CA  1 
ATOM   113  C  C   . GLY A 1 36  ? 0.751   4.958   -1.996  1.00 39.45  ? 150 GLY A C   1 
ATOM   114  O  O   . GLY A 1 36  ? -0.107  4.909   -2.878  1.00 38.55  ? 150 GLY A O   1 
ATOM   115  N  N   . VAL A 1 37  ? 0.852   4.051   -1.030  1.00 39.28  ? 151 VAL A N   1 
ATOM   116  C  CA  . VAL A 1 37  ? -0.041  2.900   -0.963  1.00 39.40  ? 151 VAL A CA  1 
ATOM   117  C  C   . VAL A 1 37  ? -0.808  2.919   0.344   1.00 42.29  ? 151 VAL A C   1 
ATOM   118  O  O   . VAL A 1 37  ? -0.221  2.964   1.424   1.00 44.23  ? 151 VAL A O   1 
ATOM   119  C  CB  . VAL A 1 37  ? 0.757   1.586   -1.080  1.00 27.09  ? 151 VAL A CB  1 
ATOM   120  C  CG1 . VAL A 1 37  ? -0.174  0.401   -1.124  1.00 24.26  ? 151 VAL A CG1 1 
ATOM   121  C  CG2 . VAL A 1 37  ? 1.603   1.625   -2.314  1.00 25.11  ? 151 VAL A CG2 1 
ATOM   122  N  N   . LEU A 1 38  ? -2.129  2.873   0.243   1.00 52.56  ? 152 LEU A N   1 
ATOM   123  C  CA  . LEU A 1 38  ? -2.983  2.917   1.421   1.00 56.17  ? 152 LEU A CA  1 
ATOM   124  C  C   . LEU A 1 38  ? -3.572  1.545   1.688   1.00 57.57  ? 152 LEU A C   1 
ATOM   125  O  O   . LEU A 1 38  ? -4.467  1.103   0.977   1.00 59.67  ? 152 LEU A O   1 
ATOM   126  C  CB  . LEU A 1 38  ? -4.091  3.959   1.191   1.00 53.50  ? 152 LEU A CB  1 
ATOM   127  C  CG  . LEU A 1 38  ? -5.105  4.369   2.266   1.00 52.94  ? 152 LEU A CG  1 
ATOM   128  C  CD1 . LEU A 1 38  ? -6.424  3.680   1.996   1.00 52.12  ? 152 LEU A CD1 1 
ATOM   129  C  CD2 . LEU A 1 38  ? -4.575  4.058   3.656   1.00 51.99  ? 152 LEU A CD2 1 
ATOM   130  N  N   . ILE A 1 39  ? -3.057  0.866   2.703   1.00 62.66  ? 153 ILE A N   1 
ATOM   131  C  CA  . ILE A 1 39  ? -3.541  -0.471  3.046   1.00 64.79  ? 153 ILE A CA  1 
ATOM   132  C  C   . ILE A 1 39  ? -4.834  -0.402  3.871   1.00 67.13  ? 153 ILE A C   1 
ATOM   133  O  O   . ILE A 1 39  ? -4.882  0.253   4.918   1.00 68.21  ? 153 ILE A O   1 
ATOM   134  C  CB  . ILE A 1 39  ? -2.475  -1.254  3.848   1.00 44.94  ? 153 ILE A CB  1 
ATOM   135  C  CG1 . ILE A 1 39  ? -1.118  -1.169  3.137   1.00 44.62  ? 153 ILE A CG1 1 
ATOM   136  C  CG2 . ILE A 1 39  ? -2.903  -2.705  3.993   1.00 43.36  ? 153 ILE A CG2 1 
ATOM   137  C  CD1 . ILE A 1 39  ? 0.030   -1.809  3.910   1.00 42.95  ? 153 ILE A CD1 1 
ATOM   138  N  N   . THR A 1 40  ? -5.876  -1.086  3.405   1.00 54.78  ? 154 THR A N   1 
ATOM   139  C  CA  . THR A 1 40  ? -7.161  -1.083  4.097   1.00 56.21  ? 154 THR A CA  1 
ATOM   140  C  C   . THR A 1 40  ? -7.680  -2.492  4.381   1.00 57.72  ? 154 THR A C   1 
ATOM   141  O  O   . THR A 1 40  ? -7.231  -3.463  3.769   1.00 58.33  ? 154 THR A O   1 
ATOM   142  C  CB  . THR A 1 40  ? -8.218  -0.335  3.273   1.00 61.73  ? 154 THR A CB  1 
ATOM   143  O  OG1 . THR A 1 40  ? -8.434  -1.019  2.032   1.00 64.65  ? 154 THR A OG1 1 
ATOM   144  C  CG2 . THR A 1 40  ? -7.753  1.070   2.979   1.00 60.71  ? 154 THR A CG2 1 
ATOM   145  N  N   . GLY A 1 41  ? -8.628  -2.602  5.312   1.00 59.54  ? 155 GLY A N   1 
ATOM   146  C  CA  . GLY A 1 41  ? -9.182  -3.904  5.646   1.00 61.45  ? 155 GLY A CA  1 
ATOM   147  C  C   . GLY A 1 41  ? -9.642  -4.045  7.087   1.00 62.34  ? 155 GLY A C   1 
ATOM   148  O  O   . GLY A 1 41  ? -8.989  -3.556  8.008   1.00 60.55  ? 155 GLY A O   1 
ATOM   149  N  N   . ASP A 1 42  ? -10.768 -4.731  7.269   1.00 68.11  ? 156 ASP A N   1 
ATOM   150  C  CA  . ASP A 1 42  ? -11.359 -4.962  8.588   1.00 70.85  ? 156 ASP A CA  1 
ATOM   151  C  C   . ASP A 1 42  ? -10.304 -5.147  9.676   1.00 71.20  ? 156 ASP A C   1 
ATOM   152  O  O   . ASP A 1 42  ? -9.377  -5.940  9.527   1.00 70.94  ? 156 ASP A O   1 
ATOM   153  C  CB  . ASP A 1 42  ? -12.279 -6.194  8.554   1.00 87.26  ? 156 ASP A CB  1 
ATOM   154  C  CG  . ASP A 1 42  ? -13.495 -6.001  7.652   1.00 89.25  ? 156 ASP A CG  1 
ATOM   155  O  OD1 . ASP A 1 42  ? -14.235 -6.985  7.434   1.00 89.27  ? 156 ASP A OD1 1 
ATOM   156  O  OD2 . ASP A 1 42  ? -13.717 -4.869  7.165   1.00 90.62  ? 156 ASP A OD2 1 
ATOM   157  N  N   . SER A 1 43  ? -10.465 -4.416  10.775  1.00 78.72  ? 157 SER A N   1 
ATOM   158  C  CA  . SER A 1 43  ? -9.527  -4.478  11.886  1.00 79.25  ? 157 SER A CA  1 
ATOM   159  C  C   . SER A 1 43  ? -9.097  -5.913  12.200  1.00 78.47  ? 157 SER A C   1 
ATOM   160  O  O   . SER A 1 43  ? -9.855  -6.863  11.986  1.00 78.25  ? 157 SER A O   1 
ATOM   161  C  CB  . SER A 1 43  ? -10.146 -3.829  13.125  1.00 83.15  ? 157 SER A CB  1 
ATOM   162  O  OG  . SER A 1 43  ? -9.164  -3.611  14.124  1.00 86.94  ? 157 SER A OG  1 
ATOM   163  N  N   . GLY A 1 44  ? -7.867  -6.059  12.691  1.00 73.28  ? 158 GLY A N   1 
ATOM   164  C  CA  . GLY A 1 44  ? -7.339  -7.370  13.034  1.00 70.44  ? 158 GLY A CA  1 
ATOM   165  C  C   . GLY A 1 44  ? -6.746  -8.165  11.882  1.00 69.04  ? 158 GLY A C   1 
ATOM   166  O  O   . GLY A 1 44  ? -5.983  -9.104  12.110  1.00 68.97  ? 158 GLY A O   1 
ATOM   167  N  N   . VAL A 1 45  ? -7.089  -7.796  10.648  1.00 64.75  ? 159 VAL A N   1 
ATOM   168  C  CA  . VAL A 1 45  ? -6.599  -8.489  9.456   1.00 62.86  ? 159 VAL A CA  1 
ATOM   169  C  C   . VAL A 1 45  ? -5.066  -8.441  9.327   1.00 61.88  ? 159 VAL A C   1 
ATOM   170  O  O   . VAL A 1 45  ? -4.454  -9.363  8.779   1.00 60.46  ? 159 VAL A O   1 
ATOM   171  C  CB  . VAL A 1 45  ? -7.258  -7.907  8.164   1.00 62.96  ? 159 VAL A CB  1 
ATOM   172  C  CG1 . VAL A 1 45  ? -6.657  -6.547  7.818   1.00 62.94  ? 159 VAL A CG1 1 
ATOM   173  C  CG2 . VAL A 1 45  ? -7.100  -8.883  7.012   1.00 62.82  ? 159 VAL A CG2 1 
ATOM   174  N  N   . GLY A 1 46  ? -4.452  -7.369  9.826   1.00 58.12  ? 160 GLY A N   1 
ATOM   175  C  CA  . GLY A 1 46  ? -3.004  -7.266  9.769   1.00 56.98  ? 160 GLY A CA  1 
ATOM   176  C  C   . GLY A 1 46  ? -2.420  -6.159  8.914   1.00 56.17  ? 160 GLY A C   1 
ATOM   177  O  O   . GLY A 1 46  ? -1.480  -6.384  8.160   1.00 56.45  ? 160 GLY A O   1 
ATOM   178  N  N   . LYS A 1 47  ? -2.961  -4.956  9.042   1.00 60.61  ? 161 LYS A N   1 
ATOM   179  C  CA  . LYS A 1 47  ? -2.480  -3.821  8.269   1.00 59.91  ? 161 LYS A CA  1 
ATOM   180  C  C   . LYS A 1 47  ? -1.283  -3.150  8.951   1.00 59.90  ? 161 LYS A C   1 
ATOM   181  O  O   . LYS A 1 47  ? -0.296  -2.792  8.298   1.00 59.98  ? 161 LYS A O   1 
ATOM   182  C  CB  . LYS A 1 47  ? -3.604  -2.799  8.097   1.00 60.70  ? 161 LYS A CB  1 
ATOM   183  C  CG  . LYS A 1 47  ? -4.924  -3.374  7.604   1.00 60.22  ? 161 LYS A CG  1 
ATOM   184  C  CD  . LYS A 1 47  ? -6.003  -2.279  7.556   1.00 62.70  ? 161 LYS A CD  1 
ATOM   185  C  CE  . LYS A 1 47  ? -6.256  -1.618  8.928   1.00 61.94  ? 161 LYS A CE  1 
ATOM   186  N  NZ  . LYS A 1 47  ? -6.890  -2.531  9.929   1.00 61.09  ? 161 LYS A NZ  1 
ATOM   187  N  N   . SER A 1 48  ? -1.377  -2.969  10.265  1.00 52.72  ? 162 SER A N   1 
ATOM   188  C  CA  . SER A 1 48  ? -0.302  -2.331  11.015  1.00 50.97  ? 162 SER A CA  1 
ATOM   189  C  C   . SER A 1 48  ? 0.937   -3.224  11.063  1.00 49.11  ? 162 SER A C   1 
ATOM   190  O  O   . SER A 1 48  ? 2.069   -2.749  10.895  1.00 45.90  ? 162 SER A O   1 
ATOM   191  C  CB  . SER A 1 48  ? -0.772  -2.006  12.437  1.00 56.72  ? 162 SER A CB  1 
ATOM   192  O  OG  . SER A 1 48  ? -1.826  -1.056  12.426  1.00 58.32  ? 162 SER A OG  1 
ATOM   193  N  N   . GLU A 1 49  ? 0.709   -4.518  11.286  1.00 52.58  ? 163 GLU A N   1 
ATOM   194  C  CA  . GLU A 1 49  ? 1.795   -5.483  11.361  1.00 50.36  ? 163 GLU A CA  1 
ATOM   195  C  C   . GLU A 1 49  ? 2.504   -5.524  10.013  1.00 48.74  ? 163 GLU A C   1 
ATOM   196  O  O   . GLU A 1 49  ? 3.733   -5.435  9.950   1.00 46.88  ? 163 GLU A O   1 
ATOM   197  C  CB  . GLU A 1 49  ? 1.262   -6.872  11.724  1.00 56.24  ? 163 GLU A CB  1 
ATOM   198  C  CG  . GLU A 1 49  ? 0.496   -6.942  13.045  1.00 59.70  ? 163 GLU A CG  1 
ATOM   199  C  CD  . GLU A 1 49  ? -0.909  -6.365  12.938  1.00 62.77  ? 163 GLU A CD  1 
ATOM   200  O  OE1 . GLU A 1 49  ? -1.614  -6.265  13.966  1.00 62.79  ? 163 GLU A OE1 1 
ATOM   201  O  OE2 . GLU A 1 49  ? -1.313  -6.011  11.813  1.00 66.16  ? 163 GLU A OE2 1 
ATOM   202  N  N   . THR A 1 50  ? 1.724   -5.634  8.938   1.00 40.18  ? 164 THR A N   1 
ATOM   203  C  CA  . THR A 1 50  ? 2.285   -5.672  7.595   1.00 39.35  ? 164 THR A CA  1 
ATOM   204  C  C   . THR A 1 50  ? 3.065   -4.390  7.268   1.00 37.97  ? 164 THR A C   1 
ATOM   205  O  O   . THR A 1 50  ? 4.124   -4.447  6.641   1.00 37.81  ? 164 THR A O   1 
ATOM   206  C  CB  . THR A 1 50  ? 1.178   -5.885  6.534   1.00 51.36  ? 164 THR A CB  1 
ATOM   207  O  OG1 . THR A 1 50  ? 1.744   -5.863  5.216   1.00 52.28  ? 164 THR A OG1 1 
ATOM   208  C  CG2 . THR A 1 50  ? 0.153   -4.791  6.625   1.00 55.89  ? 164 THR A CG2 1 
ATOM   209  N  N   . ALA A 1 51  ? 2.552   -3.237  7.688   1.00 39.69  ? 165 ALA A N   1 
ATOM   210  C  CA  . ALA A 1 51  ? 3.231   -1.967  7.426   1.00 37.67  ? 165 ALA A CA  1 
ATOM   211  C  C   . ALA A 1 51  ? 4.527   -1.886  8.225   1.00 36.60  ? 165 ALA A C   1 
ATOM   212  O  O   . ALA A 1 51  ? 5.444   -1.136  7.881   1.00 35.65  ? 165 ALA A O   1 
ATOM   213  C  CB  . ALA A 1 51  ? 2.323   -0.802  7.790   1.00 39.36  ? 165 ALA A CB  1 
ATOM   214  N  N   . LEU A 1 52  ? 4.594   -2.666  9.298   1.00 39.40  ? 166 LEU A N   1 
ATOM   215  C  CA  . LEU A 1 52  ? 5.770   -2.700  10.153  1.00 37.91  ? 166 LEU A CA  1 
ATOM   216  C  C   . LEU A 1 52  ? 6.884   -3.493  9.473   1.00 38.70  ? 166 LEU A C   1 
ATOM   217  O  O   . LEU A 1 52  ? 8.054   -3.156  9.603   1.00 40.27  ? 166 LEU A O   1 
ATOM   218  C  CB  . LEU A 1 52  ? 5.399   -3.326  11.494  1.00 30.52  ? 166 LEU A CB  1 
ATOM   219  C  CG  . LEU A 1 52  ? 6.351   -3.304  12.696  1.00 29.82  ? 166 LEU A CG  1 
ATOM   220  C  CD1 . LEU A 1 52  ? 6.954   -4.684  12.890  1.00 29.26  ? 166 LEU A CD1 1 
ATOM   221  C  CD2 . LEU A 1 52  ? 7.418   -2.241  12.521  1.00 28.78  ? 166 LEU A CD2 1 
ATOM   222  N  N   . GLU A 1 53  ? 6.530   -4.548  8.746   1.00 36.19  ? 167 GLU A N   1 
ATOM   223  C  CA  . GLU A 1 53  ? 7.545   -5.323  8.054   1.00 36.57  ? 167 GLU A CA  1 
ATOM   224  C  C   . GLU A 1 53  ? 8.021   -4.492  6.853   1.00 36.46  ? 167 GLU A C   1 
ATOM   225  O  O   . GLU A 1 53  ? 9.217   -4.497  6.506   1.00 35.09  ? 167 GLU A O   1 
ATOM   226  C  CB  . GLU A 1 53  ? 6.990   -6.676  7.574   1.00 51.74  ? 167 GLU A CB  1 
ATOM   227  C  CG  . GLU A 1 53  ? 8.073   -7.565  6.938   1.00 57.96  ? 167 GLU A CG  1 
ATOM   228  C  CD  . GLU A 1 53  ? 7.564   -8.866  6.294   1.00 61.23  ? 167 GLU A CD  1 
ATOM   229  O  OE1 . GLU A 1 53  ? 6.622   -9.491  6.839   1.00 64.72  ? 167 GLU A OE1 1 
ATOM   230  O  OE2 . GLU A 1 53  ? 8.134   -9.277  5.248   1.00 61.18  ? 167 GLU A OE2 1 
ATOM   231  N  N   . LEU A 1 54  ? 7.087   -3.772  6.228   1.00 32.07  ? 168 LEU A N   1 
ATOM   232  C  CA  . LEU A 1 54  ? 7.424   -2.938  5.077   1.00 32.78  ? 168 LEU A CA  1 
ATOM   233  C  C   . LEU A 1 54  ? 8.400   -1.832  5.458   1.00 33.02  ? 168 LEU A C   1 
ATOM   234  O  O   . LEU A 1 54  ? 9.288   -1.481  4.679   1.00 31.87  ? 168 LEU A O   1 
ATOM   235  C  CB  . LEU A 1 54  ? 6.164   -2.317  4.475   1.00 32.83  ? 168 LEU A CB  1 
ATOM   236  C  CG  . LEU A 1 54  ? 5.267   -3.291  3.711   1.00 33.83  ? 168 LEU A CG  1 
ATOM   237  C  CD1 . LEU A 1 54  ? 4.037   -2.552  3.200   1.00 33.10  ? 168 LEU A CD1 1 
ATOM   238  C  CD2 . LEU A 1 54  ? 6.049   -3.908  2.558   1.00 29.53  ? 168 LEU A CD2 1 
ATOM   239  N  N   . VAL A 1 55  ? 8.210   -1.277  6.653   1.00 36.63  ? 169 VAL A N   1 
ATOM   240  C  CA  . VAL A 1 55  ? 9.066   -0.216  7.176   1.00 35.82  ? 169 VAL A CA  1 
ATOM   241  C  C   . VAL A 1 55  ? 10.411  -0.830  7.497   1.00 36.20  ? 169 VAL A C   1 
ATOM   242  O  O   . VAL A 1 55  ? 11.469  -0.260  7.196   1.00 33.41  ? 169 VAL A O   1 
ATOM   243  C  CB  . VAL A 1 55  ? 8.489   0.382   8.483   1.00 31.71  ? 169 VAL A CB  1 
ATOM   244  C  CG1 . VAL A 1 55  ? 9.566   1.167   9.233   1.00 24.58  ? 169 VAL A CG1 1 
ATOM   245  C  CG2 . VAL A 1 55  ? 7.302   1.276   8.149   1.00 31.48  ? 169 VAL A CG2 1 
ATOM   246  N  N   . GLN A 1 56  ? 10.357  -2.001  8.118   1.00 36.19  ? 170 GLN A N   1 
ATOM   247  C  CA  . GLN A 1 56  ? 11.572  -2.705  8.486   1.00 38.41  ? 170 GLN A CA  1 
ATOM   248  C  C   . GLN A 1 56  ? 12.303  -3.066  7.202   1.00 37.33  ? 170 GLN A C   1 
ATOM   249  O  O   . GLN A 1 56  ? 13.518  -3.195  7.193   1.00 37.59  ? 170 GLN A O   1 
ATOM   250  C  CB  . GLN A 1 56  ? 11.232  -3.960  9.305   1.00 43.78  ? 170 GLN A CB  1 
ATOM   251  C  CG  . GLN A 1 56  ? 12.439  -4.649  9.909   1.00 46.40  ? 170 GLN A CG  1 
ATOM   252  C  CD  . GLN A 1 56  ? 13.163  -5.490  8.898   1.00 51.27  ? 170 GLN A CD  1 
ATOM   253  O  OE1 . GLN A 1 56  ? 14.400  -5.475  8.822   1.00 55.71  ? 170 GLN A OE1 1 
ATOM   254  N  NE2 . GLN A 1 56  ? 12.399  -6.244  8.105   1.00 53.45  ? 170 GLN A NE2 1 
ATOM   255  N  N   . ARG A 1 57  ? 11.545  -3.194  6.116   1.00 34.51  ? 171 ARG A N   1 
ATOM   256  C  CA  . ARG A 1 57  ? 12.091  -3.535  4.808   1.00 33.03  ? 171 ARG A CA  1 
ATOM   257  C  C   . ARG A 1 57  ? 12.574  -2.303  4.047   1.00 32.15  ? 171 ARG A C   1 
ATOM   258  O  O   . ARG A 1 57  ? 12.822  -2.365  2.838   1.00 33.00  ? 171 ARG A O   1 
ATOM   259  C  CB  . ARG A 1 57  ? 11.031  -4.258  3.982   1.00 37.18  ? 171 ARG A CB  1 
ATOM   260  C  CG  . ARG A 1 57  ? 11.389  -5.672  3.611   1.00 38.32  ? 171 ARG A CG  1 
ATOM   261  C  CD  . ARG A 1 57  ? 10.158  -6.459  3.157   1.00 41.15  ? 171 ARG A CD  1 
ATOM   262  N  NE  . ARG A 1 57  ? 10.515  -7.843  2.836   1.00 44.16  ? 171 ARG A NE  1 
ATOM   263  C  CZ  . ARG A 1 57  ? 11.149  -8.213  1.723   1.00 43.80  ? 171 ARG A CZ  1 
ATOM   264  N  NH1 . ARG A 1 57  ? 11.440  -9.492  1.527   1.00 44.68  ? 171 ARG A NH1 1 
ATOM   265  N  NH2 . ARG A 1 57  ? 11.470  -7.312  0.796   1.00 41.36  ? 171 ARG A NH2 1 
ATOM   266  N  N   . GLY A 1 58  ? 12.686  -1.178  4.741   1.00 29.52  ? 172 GLY A N   1 
ATOM   267  C  CA  . GLY A 1 58  ? 13.169  0.022   4.082   1.00 30.51  ? 172 GLY A CA  1 
ATOM   268  C  C   . GLY A 1 58  ? 12.164  1.005   3.502   1.00 31.55  ? 172 GLY A C   1 
ATOM   269  O  O   . GLY A 1 58  ? 12.572  2.013   2.929   1.00 31.22  ? 172 GLY A O   1 
ATOM   270  N  N   . HIS A 1 59  ? 10.868  0.736   3.638   1.00 34.29  ? 173 HIS A N   1 
ATOM   271  C  CA  . HIS A 1 59  ? 9.852   1.639   3.119   1.00 37.05  ? 173 HIS A CA  1 
ATOM   272  C  C   . HIS A 1 59  ? 9.379   2.684   4.149   1.00 39.46  ? 173 HIS A C   1 
ATOM   273  O  O   . HIS A 1 59  ? 9.548   2.511   5.355   1.00 40.90  ? 173 HIS A O   1 
ATOM   274  C  CB  . HIS A 1 59  ? 8.693   0.822   2.587   1.00 38.86  ? 173 HIS A CB  1 
ATOM   275  C  CG  . HIS A 1 59  ? 9.103   -0.148  1.532   1.00 39.68  ? 173 HIS A CG  1 
ATOM   276  N  ND1 . HIS A 1 59  ? 9.879   0.221   0.454   1.00 41.86  ? 173 HIS A ND1 1 
ATOM   277  C  CD2 . HIS A 1 59  ? 8.876   -1.475  1.397   1.00 40.87  ? 173 HIS A CD2 1 
ATOM   278  C  CE1 . HIS A 1 59  ? 10.115  -0.839  -0.299  1.00 41.02  ? 173 HIS A CE1 1 
ATOM   279  N  NE2 . HIS A 1 59  ? 9.519   -1.881  0.251   1.00 41.93  ? 173 HIS A NE2 1 
ATOM   280  N  N   . ARG A 1 60  ? 8.775   3.764   3.669   1.00 43.31  ? 174 ARG A N   1 
ATOM   281  C  CA  . ARG A 1 60  ? 8.352   4.844   4.553   1.00 44.16  ? 174 ARG A CA  1 
ATOM   282  C  C   . ARG A 1 60  ? 6.904   4.868   5.033   1.00 42.75  ? 174 ARG A C   1 
ATOM   283  O  O   . ARG A 1 60  ? 5.962   4.707   4.264   1.00 43.77  ? 174 ARG A O   1 
ATOM   284  C  CB  . ARG A 1 60  ? 8.716   6.181   3.897   1.00 54.57  ? 174 ARG A CB  1 
ATOM   285  C  CG  . ARG A 1 60  ? 10.241  6.356   3.728   1.00 60.94  ? 174 ARG A CG  1 
ATOM   286  C  CD  . ARG A 1 60  ? 10.639  7.528   2.828   1.00 63.85  ? 174 ARG A CD  1 
ATOM   287  N  NE  . ARG A 1 60  ? 10.304  7.302   1.422   1.00 71.89  ? 174 ARG A NE  1 
ATOM   288  C  CZ  . ARG A 1 60  ? 10.494  8.192   0.446   1.00 75.14  ? 174 ARG A CZ  1 
ATOM   289  N  NH1 . ARG A 1 60  ? 10.156  7.900   -0.809  1.00 74.71  ? 174 ARG A NH1 1 
ATOM   290  N  NH2 . ARG A 1 60  ? 11.022  9.379   0.722   1.00 77.57  ? 174 ARG A NH2 1 
ATOM   291  N  N   . LEU A 1 61  ? 6.740   5.059   6.334   1.00 35.45  ? 175 LEU A N   1 
ATOM   292  C  CA  . LEU A 1 61  ? 5.418   5.144   6.940   1.00 32.14  ? 175 LEU A CA  1 
ATOM   293  C  C   . LEU A 1 61  ? 4.952   6.603   6.975   1.00 32.27  ? 175 LEU A C   1 
ATOM   294  O  O   . LEU A 1 61  ? 5.731   7.520   7.280   1.00 26.83  ? 175 LEU A O   1 
ATOM   295  C  CB  . LEU A 1 61  ? 5.449   4.616   8.367   1.00 30.58  ? 175 LEU A CB  1 
ATOM   296  C  CG  . LEU A 1 61  ? 4.160   4.897   9.127   1.00 27.74  ? 175 LEU A CG  1 
ATOM   297  C  CD1 . LEU A 1 61  ? 3.105   3.916   8.676   1.00 27.32  ? 175 LEU A CD1 1 
ATOM   298  C  CD2 . LEU A 1 61  ? 4.399   4.771   10.619  1.00 29.96  ? 175 LEU A CD2 1 
ATOM   299  N  N   . ILE A 1 62  ? 3.681   6.804   6.645   1.00 38.03  ? 176 ILE A N   1 
ATOM   300  C  CA  . ILE A 1 62  ? 3.090   8.126   6.651   1.00 40.80  ? 176 ILE A CA  1 
ATOM   301  C  C   . ILE A 1 62  ? 2.005   8.215   7.724   1.00 43.57  ? 176 ILE A C   1 
ATOM   302  O  O   . ILE A 1 62  ? 2.030   9.102   8.567   1.00 45.12  ? 176 ILE A O   1 
ATOM   303  C  CB  . ILE A 1 62  ? 2.463   8.471   5.284   1.00 41.92  ? 176 ILE A CB  1 
ATOM   304  C  CG1 . ILE A 1 62  ? 3.546   8.937   4.308   1.00 41.14  ? 176 ILE A CG1 1 
ATOM   305  C  CG2 . ILE A 1 62  ? 1.401   9.559   5.452   1.00 42.97  ? 176 ILE A CG2 1 
ATOM   306  C  CD1 . ILE A 1 62  ? 4.265   7.834   3.613   1.00 37.13  ? 176 ILE A CD1 1 
ATOM   307  N  N   . ALA A 1 63  ? 1.058   7.289   7.695   1.00 41.65  ? 177 ALA A N   1 
ATOM   308  C  CA  . ALA A 1 63  ? -0.023  7.311   8.660   1.00 44.55  ? 177 ALA A CA  1 
ATOM   309  C  C   . ALA A 1 63  ? -0.487  5.909   8.973   1.00 46.83  ? 177 ALA A C   1 
ATOM   310  O  O   . ALA A 1 63  ? -0.623  5.091   8.073   1.00 48.10  ? 177 ALA A O   1 
ATOM   311  C  CB  . ALA A 1 63  ? -1.189  8.123   8.107   1.00 56.93  ? 177 ALA A CB  1 
ATOM   312  N  N   . ASP A 1 64  ? -0.746  5.643   10.251  1.00 51.92  ? 178 ASP A N   1 
ATOM   313  C  CA  . ASP A 1 64  ? -1.213  4.330   10.674  1.00 52.96  ? 178 ASP A CA  1 
ATOM   314  C  C   . ASP A 1 64  ? -2.569  4.375   11.372  1.00 53.64  ? 178 ASP A C   1 
ATOM   315  O  O   . ASP A 1 64  ? -2.837  5.275   12.162  1.00 52.47  ? 178 ASP A O   1 
ATOM   316  C  CB  . ASP A 1 64  ? -0.199  3.677   11.613  1.00 58.52  ? 178 ASP A CB  1 
ATOM   317  C  CG  . ASP A 1 64  ? -0.769  2.454   12.314  1.00 59.78  ? 178 ASP A CG  1 
ATOM   318  O  OD1 . ASP A 1 64  ? -0.724  2.403   13.567  1.00 60.47  ? 178 ASP A OD1 1 
ATOM   319  O  OD2 . ASP A 1 64  ? -1.271  1.545   11.613  1.00 58.20  ? 178 ASP A OD2 1 
ATOM   320  N  N   . ASP A 1 65  ? -3.407  3.384   11.072  1.00 64.25  ? 179 ASP A N   1 
ATOM   321  C  CA  . ASP A 1 65  ? -4.741  3.242   11.658  1.00 66.51  ? 179 ASP A CA  1 
ATOM   322  C  C   . ASP A 1 65  ? -5.774  4.245   11.158  1.00 67.03  ? 179 ASP A C   1 
ATOM   323  O  O   . ASP A 1 65  ? -6.907  3.871   10.839  1.00 68.07  ? 179 ASP A O   1 
ATOM   324  C  CB  . ASP A 1 65  ? -4.646  3.302   13.182  1.00 75.22  ? 179 ASP A CB  1 
ATOM   325  C  CG  . ASP A 1 65  ? -3.908  2.105   13.761  1.00 81.06  ? 179 ASP A CG  1 
ATOM   326  O  OD1 . ASP A 1 65  ? -3.410  2.190   14.912  1.00 81.30  ? 179 ASP A OD1 1 
ATOM   327  O  OD2 . ASP A 1 65  ? -3.829  1.068   13.057  1.00 83.69  ? 179 ASP A OD2 1 
ATOM   328  N  N   . ARG A 1 66  ? -5.383  5.510   11.076  1.00 45.00  ? 180 ARG A N   1 
ATOM   329  C  CA  . ARG A 1 66  ? -6.290  6.552   10.629  1.00 44.02  ? 180 ARG A CA  1 
ATOM   330  C  C   . ARG A 1 66  ? -5.540  7.518   9.724   1.00 42.10  ? 180 ARG A C   1 
ATOM   331  O  O   . ARG A 1 66  ? -4.469  8.013   10.091  1.00 39.54  ? 180 ARG A O   1 
ATOM   332  C  CB  . ARG A 1 66  ? -6.843  7.285   11.848  1.00 77.39  ? 180 ARG A CB  1 
ATOM   333  C  CG  . ARG A 1 66  ? -8.142  8.024   11.604  1.00 82.19  ? 180 ARG A CG  1 
ATOM   334  C  CD  . ARG A 1 66  ? -7.960  9.511   11.801  1.00 86.40  ? 180 ARG A CD  1 
ATOM   335  N  NE  . ARG A 1 66  ? -9.242  10.191  11.959  1.00 90.75  ? 180 ARG A NE  1 
ATOM   336  C  CZ  . ARG A 1 66  ? -9.369  11.504  12.114  1.00 92.91  ? 180 ARG A CZ  1 
ATOM   337  N  NH1 . ARG A 1 66  ? -10.576 12.040  12.254  1.00 93.21  ? 180 ARG A NH1 1 
ATOM   338  N  NH2 . ARG A 1 66  ? -8.288  12.283  12.122  1.00 92.83  ? 180 ARG A NH2 1 
ATOM   339  N  N   . VAL A 1 67  ? -6.103  7.790   8.546   1.00 52.34  ? 181 VAL A N   1 
ATOM   340  C  CA  . VAL A 1 67  ? -5.458  8.688   7.588   1.00 53.34  ? 181 VAL A CA  1 
ATOM   341  C  C   . VAL A 1 67  ? -6.286  9.922   7.197   1.00 55.60  ? 181 VAL A C   1 
ATOM   342  O  O   . VAL A 1 67  ? -7.488  9.825   6.956   1.00 56.96  ? 181 VAL A O   1 
ATOM   343  C  CB  . VAL A 1 67  ? -5.085  7.929   6.295   1.00 38.01  ? 181 VAL A CB  1 
ATOM   344  C  CG1 . VAL A 1 67  ? -4.154  8.773   5.460   1.00 37.46  ? 181 VAL A CG1 1 
ATOM   345  C  CG2 . VAL A 1 67  ? -4.431  6.602   6.625   1.00 36.23  ? 181 VAL A CG2 1 
ATOM   346  N  N   . ASP A 1 68  ? -5.631  11.078  7.128   1.00 65.28  ? 182 ASP A N   1 
ATOM   347  C  CA  . ASP A 1 68  ? -6.300  12.324  6.753   1.00 68.38  ? 182 ASP A CA  1 
ATOM   348  C  C   . ASP A 1 68  ? -5.962  12.734  5.314   1.00 70.98  ? 182 ASP A C   1 
ATOM   349  O  O   . ASP A 1 68  ? -4.880  13.273  5.050   1.00 71.18  ? 182 ASP A O   1 
ATOM   350  C  CB  . ASP A 1 68  ? -5.894  13.452  7.703   1.00 60.98  ? 182 ASP A CB  1 
ATOM   351  C  CG  . ASP A 1 68  ? -6.438  13.259  9.106   1.00 61.76  ? 182 ASP A CG  1 
ATOM   352  O  OD1 . ASP A 1 68  ? -6.108  14.082  9.988   1.00 61.30  ? 182 ASP A OD1 1 
ATOM   353  O  OD2 . ASP A 1 68  ? -7.196  12.292  9.330   1.00 61.36  ? 182 ASP A OD2 1 
ATOM   354  N  N   . VAL A 1 69  ? -6.899  12.494  4.397   1.00 62.47  ? 183 VAL A N   1 
ATOM   355  C  CA  . VAL A 1 69  ? -6.717  12.819  2.983   1.00 63.54  ? 183 VAL A CA  1 
ATOM   356  C  C   . VAL A 1 69  ? -7.180  14.221  2.602   1.00 65.10  ? 183 VAL A C   1 
ATOM   357  O  O   . VAL A 1 69  ? -8.192  14.714  3.102   1.00 64.61  ? 183 VAL A O   1 
ATOM   358  C  CB  . VAL A 1 69  ? -7.476  11.838  2.109   1.00 64.36  ? 183 VAL A CB  1 
ATOM   359  C  CG1 . VAL A 1 69  ? -7.097  10.427  2.496   1.00 65.97  ? 183 VAL A CG1 1 
ATOM   360  C  CG2 . VAL A 1 69  ? -8.967  12.058  2.269   1.00 64.95  ? 183 VAL A CG2 1 
ATOM   361  N  N   . TYR A 1 70  ? -6.438  14.846  1.695   1.00 79.14  ? 184 TYR A N   1 
ATOM   362  C  CA  . TYR A 1 70  ? -6.754  16.192  1.233   1.00 81.38  ? 184 TYR A CA  1 
ATOM   363  C  C   . TYR A 1 70  ? -6.436  16.323  -0.253  1.00 83.30  ? 184 TYR A C   1 
ATOM   364  O  O   . TYR A 1 70  ? -5.302  16.640  -0.623  1.00 84.11  ? 184 TYR A O   1 
ATOM   365  C  CB  . TYR A 1 70  ? -5.954  17.215  2.030   1.00 68.67  ? 184 TYR A CB  1 
ATOM   366  N  N   . GLN A 1 71  ? -7.446  16.085  -1.091  1.00 77.15  ? 185 GLN A N   1 
ATOM   367  C  CA  . GLN A 1 71  ? -7.322  16.163  -2.551  1.00 77.95  ? 185 GLN A CA  1 
ATOM   368  C  C   . GLN A 1 71  ? -6.571  17.414  -3.040  1.00 78.09  ? 185 GLN A C   1 
ATOM   369  O  O   . GLN A 1 71  ? -6.982  18.542  -2.767  1.00 76.73  ? 185 GLN A O   1 
ATOM   370  C  CB  . GLN A 1 71  ? -8.719  16.126  -3.184  1.00 80.29  ? 185 GLN A CB  1 
ATOM   371  C  CG  . GLN A 1 71  ? -8.725  15.886  -4.690  1.00 81.39  ? 185 GLN A CG  1 
ATOM   372  C  CD  . GLN A 1 71  ? -10.114 16.009  -5.313  1.00 81.38  ? 185 GLN A CD  1 
ATOM   373  O  OE1 . GLN A 1 71  ? -11.102 15.529  -4.758  1.00 82.40  ? 185 GLN A OE1 1 
ATOM   374  N  NE2 . GLN A 1 71  ? -10.186 16.639  -6.481  1.00 80.54  ? 185 GLN A NE2 1 
ATOM   375  N  N   . GLN A 1 72  ? -5.476  17.211  -3.770  1.00 76.76  ? 186 GLN A N   1 
ATOM   376  C  CA  . GLN A 1 72  ? -4.692  18.326  -4.287  1.00 78.37  ? 186 GLN A CA  1 
ATOM   377  C  C   . GLN A 1 72  ? -5.247  18.814  -5.629  1.00 79.81  ? 186 GLN A C   1 
ATOM   378  O  O   . GLN A 1 72  ? -5.579  19.988  -5.781  1.00 80.26  ? 186 GLN A O   1 
ATOM   379  C  CB  . GLN A 1 72  ? -3.234  17.918  -4.462  1.00 82.56  ? 186 GLN A CB  1 
ATOM   380  C  CG  . GLN A 1 72  ? -2.323  19.095  -4.734  1.00 84.20  ? 186 GLN A CG  1 
ATOM   381  C  CD  . GLN A 1 72  ? -0.943  18.673  -5.187  1.00 85.62  ? 186 GLN A CD  1 
ATOM   382  O  OE1 . GLN A 1 72  ? -0.023  19.494  -5.259  1.00 86.41  ? 186 GLN A OE1 1 
ATOM   383  N  NE2 . GLN A 1 72  ? -0.789  17.391  -5.506  1.00 85.44  ? 186 GLN A NE2 1 
ATOM   384  N  N   . ASP A 1 73  ? -5.325  17.915  -6.606  1.00 79.85  ? 187 ASP A N   1 
ATOM   385  C  CA  . ASP A 1 73  ? -5.870  18.259  -7.916  1.00 80.02  ? 187 ASP A CA  1 
ATOM   386  C  C   . ASP A 1 73  ? -7.196  17.532  -8.058  1.00 80.12  ? 187 ASP A C   1 
ATOM   387  O  O   . ASP A 1 73  ? -7.825  17.188  -7.062  1.00 79.23  ? 187 ASP A O   1 
ATOM   388  C  CB  . ASP A 1 73  ? -4.933  17.823  -9.052  1.00 84.33  ? 187 ASP A CB  1 
ATOM   389  C  CG  . ASP A 1 73  ? -3.640  18.619  -9.087  1.00 85.54  ? 187 ASP A CG  1 
ATOM   390  O  OD1 . ASP A 1 73  ? -3.680  19.837  -8.800  1.00 84.99  ? 187 ASP A OD1 1 
ATOM   391  O  OD2 . ASP A 1 73  ? -2.585  18.031  -9.416  1.00 85.79  ? 187 ASP A OD2 1 
ATOM   392  N  N   . GLU A 1 74  ? -7.619  17.302  -9.295  1.00 82.06  ? 188 GLU A N   1 
ATOM   393  C  CA  . GLU A 1 74  ? -8.866  16.596  -9.536  1.00 82.77  ? 188 GLU A CA  1 
ATOM   394  C  C   . GLU A 1 74  ? -8.495  15.163  -9.898  1.00 81.27  ? 188 GLU A C   1 
ATOM   395  O  O   . GLU A 1 74  ? -9.356  14.329  -10.188 1.00 80.85  ? 188 GLU A O   1 
ATOM   396  C  CB  . GLU A 1 74  ? -9.640  17.245  -10.690 1.00 99.44  ? 188 GLU A CB  1 
ATOM   397  C  CG  . GLU A 1 74  ? -11.079 16.746  -10.813 1.00 100.00 ? 188 GLU A CG  1 
ATOM   398  C  CD  . GLU A 1 74  ? -11.722 17.107  -12.137 1.00 100.00 ? 188 GLU A CD  1 
ATOM   399  O  OE1 . GLU A 1 74  ? -11.812 18.314  -12.455 1.00 100.00 ? 188 GLU A OE1 1 
ATOM   400  O  OE2 . GLU A 1 74  ? -12.140 16.176  -12.863 1.00 100.00 ? 188 GLU A OE2 1 
ATOM   401  N  N   . GLN A 1 75  ? -7.195  14.893  -9.873  1.00 79.41  ? 189 GLN A N   1 
ATOM   402  C  CA  . GLN A 1 75  ? -6.675  13.574  -10.203 1.00 78.35  ? 189 GLN A CA  1 
ATOM   403  C  C   . GLN A 1 75  ? -5.626  13.141  -9.183  1.00 75.58  ? 189 GLN A C   1 
ATOM   404  O  O   . GLN A 1 75  ? -5.182  11.997  -9.201  1.00 75.42  ? 189 GLN A O   1 
ATOM   405  C  CB  . GLN A 1 75  ? -6.038  13.590  -11.597 1.00 94.97  ? 189 GLN A CB  1 
ATOM   406  C  CG  . GLN A 1 75  ? -6.690  14.560  -12.582 1.00 100.00 ? 189 GLN A CG  1 
ATOM   407  C  CD  . GLN A 1 75  ? -6.327  16.023  -12.314 1.00 100.00 ? 189 GLN A CD  1 
ATOM   408  O  OE1 . GLN A 1 75  ? -6.845  16.936  -12.965 1.00 100.00 ? 189 GLN A OE1 1 
ATOM   409  N  NE2 . GLN A 1 75  ? -5.429  16.247  -11.356 1.00 100.00 ? 189 GLN A NE2 1 
ATOM   410  N  N   . THR A 1 76  ? -5.237  14.054  -8.292  1.00 64.52  ? 190 THR A N   1 
ATOM   411  C  CA  . THR A 1 76  ? -4.219  13.757  -7.286  1.00 60.99  ? 190 THR A CA  1 
ATOM   412  C  C   . THR A 1 76  ? -4.678  13.981  -5.846  1.00 58.51  ? 190 THR A C   1 
ATOM   413  O  O   . THR A 1 76  ? -5.037  15.091  -5.465  1.00 58.41  ? 190 THR A O   1 
ATOM   414  C  CB  . THR A 1 76  ? -2.966  14.607  -7.517  1.00 67.90  ? 190 THR A CB  1 
ATOM   415  O  OG1 . THR A 1 76  ? -3.043  15.796  -6.725  1.00 68.74  ? 190 THR A OG1 1 
ATOM   416  C  CG2 . THR A 1 76  ? -2.862  15.006  -8.989  1.00 68.18  ? 190 THR A CG2 1 
ATOM   417  N  N   . ILE A 1 77  ? -4.657  12.917  -5.049  1.00 66.39  ? 191 ILE A N   1 
ATOM   418  C  CA  . ILE A 1 77  ? -5.051  12.985  -3.643  1.00 64.38  ? 191 ILE A CA  1 
ATOM   419  C  C   . ILE A 1 77  ? -3.848  12.807  -2.725  1.00 63.60  ? 191 ILE A C   1 
ATOM   420  O  O   . ILE A 1 77  ? -2.921  12.058  -3.028  1.00 64.37  ? 191 ILE A O   1 
ATOM   421  C  CB  . ILE A 1 77  ? -6.096  11.905  -3.291  1.00 55.09  ? 191 ILE A CB  1 
ATOM   422  C  CG1 . ILE A 1 77  ? -7.474  12.350  -3.798  1.00 54.24  ? 191 ILE A CG1 1 
ATOM   423  C  CG2 . ILE A 1 77  ? -6.082  11.627  -1.777  1.00 51.42  ? 191 ILE A CG2 1 
ATOM   424  C  CD1 . ILE A 1 77  ? -8.573  11.373  -3.506  1.00 53.19  ? 191 ILE A CD1 1 
ATOM   425  N  N   . VAL A 1 78  ? -3.868  13.504  -1.599  1.00 65.13  ? 192 VAL A N   1 
ATOM   426  C  CA  . VAL A 1 78  ? -2.774  13.420  -0.653  1.00 63.89  ? 192 VAL A CA  1 
ATOM   427  C  C   . VAL A 1 78  ? -3.289  12.934  0.693   1.00 64.59  ? 192 VAL A C   1 
ATOM   428  O  O   . VAL A 1 78  ? -4.442  13.189  1.059   1.00 66.07  ? 192 VAL A O   1 
ATOM   429  C  CB  . VAL A 1 78  ? -2.088  14.785  -0.493  1.00 47.15  ? 192 VAL A CB  1 
ATOM   430  C  CG1 . VAL A 1 78  ? -0.992  14.707  0.559   1.00 46.16  ? 192 VAL A CG1 1 
ATOM   431  C  CG2 . VAL A 1 78  ? -1.510  15.221  -1.833  1.00 45.24  ? 192 VAL A CG2 1 
ATOM   432  N  N   . GLY A 1 79  ? -2.434  12.214  1.414   1.00 61.42  ? 193 GLY A N   1 
ATOM   433  C  CA  . GLY A 1 79  ? -2.808  11.692  2.715   1.00 59.84  ? 193 GLY A CA  1 
ATOM   434  C  C   . GLY A 1 79  ? -1.730  11.952  3.748   1.00 58.41  ? 193 GLY A C   1 
ATOM   435  O  O   . GLY A 1 79  ? -0.547  12.080  3.421   1.00 59.50  ? 193 GLY A O   1 
ATOM   436  N  N   . ALA A 1 80  ? -2.140  12.044  5.004   1.00 50.38  ? 194 ALA A N   1 
ATOM   437  C  CA  . ALA A 1 80  ? -1.201  12.286  6.090   1.00 48.79  ? 194 ALA A CA  1 
ATOM   438  C  C   . ALA A 1 80  ? -1.806  11.786  7.388   1.00 47.42  ? 194 ALA A C   1 
ATOM   439  O  O   . ALA A 1 80  ? -2.990  11.460  7.449   1.00 47.06  ? 194 ALA A O   1 
ATOM   440  C  CB  . ALA A 1 80  ? -0.879  13.771  6.193   1.00 41.58  ? 194 ALA A CB  1 
ATOM   441  N  N   . ALA A 1 81  ? -0.985  11.721  8.425   1.00 49.25  ? 195 ALA A N   1 
ATOM   442  C  CA  . ALA A 1 81  ? -1.445  11.247  9.724   1.00 48.72  ? 195 ALA A CA  1 
ATOM   443  C  C   . ALA A 1 81  ? -1.868  12.394  10.617  1.00 46.75  ? 195 ALA A C   1 
ATOM   444  O  O   . ALA A 1 81  ? -1.375  13.513  10.482  1.00 44.81  ? 195 ALA A O   1 
ATOM   445  C  CB  . ALA A 1 81  ? -0.326  10.452  10.420  1.00 52.31  ? 195 ALA A CB  1 
ATOM   446  N  N   . PRO A 1 82  ? -2.814  12.136  11.528  1.00 45.51  ? 196 PRO A N   1 
ATOM   447  C  CA  . PRO A 1 82  ? -3.250  13.195  12.436  1.00 45.35  ? 196 PRO A CA  1 
ATOM   448  C  C   . PRO A 1 82  ? -2.020  13.479  13.293  1.00 44.99  ? 196 PRO A C   1 
ATOM   449  O  O   . PRO A 1 82  ? -1.293  12.560  13.658  1.00 45.03  ? 196 PRO A O   1 
ATOM   450  C  CB  . PRO A 1 82  ? -4.358  12.524  13.240  1.00 46.00  ? 196 PRO A CB  1 
ATOM   451  C  CG  . PRO A 1 82  ? -4.925  11.529  12.274  1.00 45.98  ? 196 PRO A CG  1 
ATOM   452  C  CD  . PRO A 1 82  ? -3.675  10.948  11.653  1.00 46.65  ? 196 PRO A CD  1 
ATOM   453  N  N   . PRO A 1 83  ? -1.769  14.748  13.621  1.00 51.22  ? 197 PRO A N   1 
ATOM   454  C  CA  . PRO A 1 83  ? -0.617  15.151  14.439  1.00 51.02  ? 197 PRO A CA  1 
ATOM   455  C  C   . PRO A 1 83  ? -0.169  14.186  15.553  1.00 50.28  ? 197 PRO A C   1 
ATOM   456  O  O   . PRO A 1 83  ? 1.015   13.868  15.637  1.00 51.11  ? 197 PRO A O   1 
ATOM   457  C  CB  . PRO A 1 83  ? -1.051  16.508  14.980  1.00 67.38  ? 197 PRO A CB  1 
ATOM   458  C  CG  . PRO A 1 83  ? -1.813  17.076  13.800  1.00 68.10  ? 197 PRO A CG  1 
ATOM   459  C  CD  . PRO A 1 83  ? -2.664  15.894  13.365  1.00 66.54  ? 197 PRO A CD  1 
ATOM   460  N  N   . ILE A 1 84  ? -1.090  13.728  16.405  1.00 39.83  ? 198 ILE A N   1 
ATOM   461  C  CA  . ILE A 1 84  ? -0.722  12.802  17.486  1.00 41.02  ? 198 ILE A CA  1 
ATOM   462  C  C   . ILE A 1 84  ? -0.093  11.500  17.005  1.00 40.79  ? 198 ILE A C   1 
ATOM   463  O  O   . ILE A 1 84  ? 0.908   11.048  17.563  1.00 40.28  ? 198 ILE A O   1 
ATOM   464  C  CB  . ILE A 1 84  ? -1.928  12.376  18.357  1.00 52.70  ? 198 ILE A CB  1 
ATOM   465  C  CG1 . ILE A 1 84  ? -3.224  12.571  17.575  1.00 53.10  ? 198 ILE A CG1 1 
ATOM   466  C  CG2 . ILE A 1 84  ? -1.879  13.079  19.707  1.00 51.13  ? 198 ILE A CG2 1 
ATOM   467  C  CD1 . ILE A 1 84  ? -4.443  12.033  18.287  1.00 55.29  ? 198 ILE A CD1 1 
ATOM   468  N  N   . LEU A 1 85  ? -0.697  10.890  15.986  1.00 44.77  ? 199 LEU A N   1 
ATOM   469  C  CA  . LEU A 1 85  ? -0.201  9.629   15.445  1.00 43.38  ? 199 LEU A CA  1 
ATOM   470  C  C   . LEU A 1 85  ? 1.159   9.712   14.758  1.00 41.64  ? 199 LEU A C   1 
ATOM   471  O  O   . LEU A 1 85  ? 1.774   8.687   14.509  1.00 41.44  ? 199 LEU A O   1 
ATOM   472  C  CB  . LEU A 1 85  ? -1.214  9.029   14.469  1.00 42.98  ? 199 LEU A CB  1 
ATOM   473  C  CG  . LEU A 1 85  ? -2.630  8.720   14.965  1.00 43.62  ? 199 LEU A CG  1 
ATOM   474  C  CD1 . LEU A 1 85  ? -3.422  8.099   13.810  1.00 42.86  ? 199 LEU A CD1 1 
ATOM   475  C  CD2 . LEU A 1 85  ? -2.604  7.781   16.165  1.00 41.24  ? 199 LEU A CD2 1 
ATOM   476  N  N   . SER A 1 86  ? 1.632   10.918  14.461  1.00 38.70  ? 200 SER A N   1 
ATOM   477  C  CA  . SER A 1 86  ? 2.929   11.091  13.800  1.00 40.66  ? 200 SER A CA  1 
ATOM   478  C  C   . SER A 1 86  ? 4.064   10.175  14.295  1.00 40.96  ? 200 SER A C   1 
ATOM   479  O  O   . SER A 1 86  ? 4.355   10.109  15.496  1.00 38.86  ? 200 SER A O   1 
ATOM   480  C  CB  . SER A 1 86  ? 3.391   12.550  13.916  1.00 48.94  ? 200 SER A CB  1 
ATOM   481  O  OG  . SER A 1 86  ? 4.736   12.703  13.471  1.00 50.21  ? 200 SER A OG  1 
ATOM   482  N  N   . HIS A 1 87  ? 4.706   9.489   13.349  1.00 49.19  ? 201 HIS A N   1 
ATOM   483  C  CA  . HIS A 1 87  ? 5.822   8.582   13.632  1.00 49.69  ? 201 HIS A CA  1 
ATOM   484  C  C   . HIS A 1 87  ? 5.430   7.377   14.470  1.00 50.01  ? 201 HIS A C   1 
ATOM   485  O  O   . HIS A 1 87  ? 6.299   6.612   14.899  1.00 50.57  ? 201 HIS A O   1 
ATOM   486  C  CB  . HIS A 1 87  ? 6.945   9.314   14.369  1.00 43.65  ? 201 HIS A CB  1 
ATOM   487  C  CG  . HIS A 1 87  ? 7.606   10.387  13.566  1.00 45.55  ? 201 HIS A CG  1 
ATOM   488  N  ND1 . HIS A 1 87  ? 8.695   11.093  14.027  1.00 47.26  ? 201 HIS A ND1 1 
ATOM   489  C  CD2 . HIS A 1 87  ? 7.340   10.870  12.330  1.00 46.14  ? 201 HIS A CD2 1 
ATOM   490  C  CE1 . HIS A 1 87  ? 9.075   11.962  13.107  1.00 47.37  ? 201 HIS A CE1 1 
ATOM   491  N  NE2 . HIS A 1 87  ? 8.270   11.847  12.068  1.00 47.91  ? 201 HIS A NE2 1 
ATOM   492  N  N   . LEU A 1 88  ? 4.135   7.192   14.697  1.00 40.14  ? 202 LEU A N   1 
ATOM   493  C  CA  . LEU A 1 88  ? 3.690   6.096   15.539  1.00 40.71  ? 202 LEU A CA  1 
ATOM   494  C  C   . LEU A 1 88  ? 2.925   5.005   14.829  1.00 41.90  ? 202 LEU A C   1 
ATOM   495  O  O   . LEU A 1 88  ? 2.310   5.218   13.776  1.00 42.48  ? 202 LEU A O   1 
ATOM   496  C  CB  . LEU A 1 88  ? 2.862   6.644   16.707  1.00 44.34  ? 202 LEU A CB  1 
ATOM   497  C  CG  . LEU A 1 88  ? 3.627   7.539   17.691  1.00 43.88  ? 202 LEU A CG  1 
ATOM   498  C  CD1 . LEU A 1 88  ? 2.657   8.200   18.656  1.00 40.74  ? 202 LEU A CD1 1 
ATOM   499  C  CD2 . LEU A 1 88  ? 4.665   6.704   18.435  1.00 41.90  ? 202 LEU A CD2 1 
ATOM   500  N  N   . LEU A 1 89  ? 2.961   3.826   15.436  1.00 41.00  ? 203 LEU A N   1 
ATOM   501  C  CA  . LEU A 1 89  ? 2.313   2.663   14.879  1.00 42.40  ? 203 LEU A CA  1 
ATOM   502  C  C   . LEU A 1 89  ? 1.985   1.718   16.020  1.00 43.94  ? 203 LEU A C   1 
ATOM   503  O  O   . LEU A 1 89  ? 2.857   1.359   16.816  1.00 44.08  ? 203 LEU A O   1 
ATOM   504  C  CB  . LEU A 1 89  ? 3.269   1.988   13.899  1.00 50.40  ? 203 LEU A CB  1 
ATOM   505  C  CG  . LEU A 1 89  ? 2.736   1.023   12.841  1.00 52.07  ? 203 LEU A CG  1 
ATOM   506  C  CD1 . LEU A 1 89  ? 3.906   0.564   11.973  1.00 52.63  ? 203 LEU A CD1 1 
ATOM   507  C  CD2 . LEU A 1 89  ? 2.039   -0.164  13.495  1.00 51.35  ? 203 LEU A CD2 1 
ATOM   508  N  N   . GLU A 1 90  ? 0.721   1.320   16.109  1.00 62.39  ? 204 GLU A N   1 
ATOM   509  C  CA  . GLU A 1 90  ? 0.298   0.406   17.161  1.00 65.12  ? 204 GLU A CA  1 
ATOM   510  C  C   . GLU A 1 90  ? 0.370   -1.025  16.645  1.00 65.63  ? 204 GLU A C   1 
ATOM   511  O  O   . GLU A 1 90  ? 0.137   -1.282  15.460  1.00 67.02  ? 204 GLU A O   1 
ATOM   512  C  CB  . GLU A 1 90  ? -1.135  0.739   17.611  1.00 53.23  ? 204 GLU A CB  1 
ATOM   513  N  N   . ILE A 1 91  ? 0.698   -1.956  17.528  1.00 55.16  ? 205 ILE A N   1 
ATOM   514  C  CA  . ILE A 1 91  ? 0.779   -3.351  17.130  1.00 56.75  ? 205 ILE A CA  1 
ATOM   515  C  C   . ILE A 1 91  ? 0.350   -4.252  18.278  1.00 55.93  ? 205 ILE A C   1 
ATOM   516  O  O   . ILE A 1 91  ? 1.044   -4.361  19.284  1.00 56.71  ? 205 ILE A O   1 
ATOM   517  C  CB  . ILE A 1 91  ? 2.218   -3.731  16.688  1.00 63.92  ? 205 ILE A CB  1 
ATOM   518  C  CG1 . ILE A 1 91  ? 2.320   -5.246  16.506  1.00 64.94  ? 205 ILE A CG1 1 
ATOM   519  C  CG2 . ILE A 1 91  ? 3.229   -3.243  17.712  1.00 64.31  ? 205 ILE A CG2 1 
ATOM   520  C  CD1 . ILE A 1 91  ? 3.726   -5.752  16.272  1.00 66.51  ? 205 ILE A CD1 1 
ATOM   521  N  N   . ARG A 1 92  ? -0.803  -4.889  18.123  1.00 56.70  ? 206 ARG A N   1 
ATOM   522  C  CA  . ARG A 1 92  ? -1.322  -5.782  19.148  1.00 56.83  ? 206 ARG A CA  1 
ATOM   523  C  C   . ARG A 1 92  ? -0.208  -6.688  19.673  1.00 57.07  ? 206 ARG A C   1 
ATOM   524  O  O   . ARG A 1 92  ? 0.215   -7.627  18.989  1.00 56.88  ? 206 ARG A O   1 
ATOM   525  C  CB  . ARG A 1 92  ? -2.457  -6.619  18.572  1.00 51.46  ? 206 ARG A CB  1 
ATOM   526  N  N   . GLY A 1 93  ? 0.268   -6.395  20.882  1.00 54.70  ? 207 GLY A N   1 
ATOM   527  C  CA  . GLY A 1 93  ? 1.328   -7.189  21.477  1.00 55.46  ? 207 GLY A CA  1 
ATOM   528  C  C   . GLY A 1 93  ? 2.503   -6.363  21.974  1.00 56.86  ? 207 GLY A C   1 
ATOM   529  O  O   . GLY A 1 93  ? 3.247   -6.805  22.849  1.00 57.93  ? 207 GLY A O   1 
ATOM   530  N  N   . LEU A 1 94  ? 2.677   -5.168  21.414  1.00 53.75  ? 208 LEU A N   1 
ATOM   531  C  CA  . LEU A 1 94  ? 3.767   -4.277  21.809  1.00 53.70  ? 208 LEU A CA  1 
ATOM   532  C  C   . LEU A 1 94  ? 3.213   -2.866  21.984  1.00 55.28  ? 208 LEU A C   1 
ATOM   533  O  O   . LEU A 1 94  ? 3.909   -1.960  22.456  1.00 54.98  ? 208 LEU A O   1 
ATOM   534  C  CB  . LEU A 1 94  ? 4.854   -4.234  20.731  1.00 51.43  ? 208 LEU A CB  1 
ATOM   535  C  CG  . LEU A 1 94  ? 5.094   -5.426  19.799  1.00 51.17  ? 208 LEU A CG  1 
ATOM   536  C  CD1 . LEU A 1 94  ? 6.164   -5.029  18.799  1.00 49.54  ? 208 LEU A CD1 1 
ATOM   537  C  CD2 . LEU A 1 94  ? 5.518   -6.662  20.578  1.00 51.27  ? 208 LEU A CD2 1 
ATOM   538  N  N   . GLY A 1 95  ? 1.958   -2.681  21.581  1.00 68.08  ? 209 GLY A N   1 
ATOM   539  C  CA  . GLY A 1 95  ? 1.337   -1.376  21.693  1.00 68.54  ? 209 GLY A CA  1 
ATOM   540  C  C   . GLY A 1 95  ? 1.975   -0.342  20.780  1.00 68.80  ? 209 GLY A C   1 
ATOM   541  O  O   . GLY A 1 95  ? 2.599   -0.669  19.771  1.00 69.85  ? 209 GLY A O   1 
ATOM   542  N  N   . ILE A 1 96  ? 1.808   0.921   21.143  1.00 63.30  ? 210 ILE A N   1 
ATOM   543  C  CA  . ILE A 1 96  ? 2.347   2.032   20.371  1.00 61.72  ? 210 ILE A CA  1 
ATOM   544  C  C   . ILE A 1 96  ? 3.868   1.918   20.152  1.00 59.07  ? 210 ILE A C   1 
ATOM   545  O  O   . ILE A 1 96  ? 4.622   1.614   21.082  1.00 56.43  ? 210 ILE A O   1 
ATOM   546  C  CB  . ILE A 1 96  ? 2.017   3.367   21.083  1.00 71.01  ? 210 ILE A CB  1 
ATOM   547  C  CG1 . ILE A 1 96  ? 2.595   4.541   20.294  1.00 71.46  ? 210 ILE A CG1 1 
ATOM   548  C  CG2 . ILE A 1 96  ? 2.557   3.334   22.519  1.00 71.54  ? 210 ILE A CG2 1 
ATOM   549  C  CD1 . ILE A 1 96  ? 2.491   5.867   21.015  1.00 74.57  ? 210 ILE A CD1 1 
ATOM   550  N  N   . ILE A 1 97  ? 4.300   2.187   18.917  1.00 48.90  ? 211 ILE A N   1 
ATOM   551  C  CA  . ILE A 1 97  ? 5.706   2.119   18.519  1.00 45.90  ? 211 ILE A CA  1 
ATOM   552  C  C   . ILE A 1 97  ? 6.172   3.316   17.687  1.00 44.61  ? 211 ILE A C   1 
ATOM   553  O  O   . ILE A 1 97  ? 5.534   3.672   16.692  1.00 45.13  ? 211 ILE A O   1 
ATOM   554  C  CB  . ILE A 1 97  ? 5.953   0.840   17.690  1.00 54.57  ? 211 ILE A CB  1 
ATOM   555  C  CG1 . ILE A 1 97  ? 5.914   -0.376  18.610  1.00 56.45  ? 211 ILE A CG1 1 
ATOM   556  C  CG2 . ILE A 1 97  ? 7.269   0.938   16.924  1.00 53.17  ? 211 ILE A CG2 1 
ATOM   557  C  CD1 . ILE A 1 97  ? 6.008   -1.703  17.884  1.00 59.41  ? 211 ILE A CD1 1 
ATOM   558  N  N   . ASP A 1 98  ? 7.288   3.930   18.078  1.00 41.70  ? 212 ASP A N   1 
ATOM   559  C  CA  . ASP A 1 98  ? 7.835   5.059   17.319  1.00 41.31  ? 212 ASP A CA  1 
ATOM   560  C  C   . ASP A 1 98  ? 8.843   4.523   16.304  1.00 39.93  ? 212 ASP A C   1 
ATOM   561  O  O   . ASP A 1 98  ? 9.962   4.165   16.687  1.00 38.96  ? 212 ASP A O   1 
ATOM   562  C  CB  . ASP A 1 98  ? 8.549   6.058   18.241  1.00 45.14  ? 212 ASP A CB  1 
ATOM   563  C  CG  . ASP A 1 98  ? 9.264   7.166   17.464  1.00 46.22  ? 212 ASP A CG  1 
ATOM   564  O  OD1 . ASP A 1 98  ? 9.649   6.931   16.303  1.00 49.75  ? 212 ASP A OD1 1 
ATOM   565  O  OD2 . ASP A 1 98  ? 9.468   8.271   18.008  1.00 46.61  ? 212 ASP A OD2 1 
ATOM   566  N  N   . VAL A 1 99  ? 8.466   4.497   15.022  1.00 41.70  ? 213 VAL A N   1 
ATOM   567  C  CA  . VAL A 1 99  ? 9.361   3.981   13.980  1.00 40.93  ? 213 VAL A CA  1 
ATOM   568  C  C   . VAL A 1 99  ? 10.593  4.839   13.756  1.00 41.28  ? 213 VAL A C   1 
ATOM   569  O  O   . VAL A 1 99  ? 11.631  4.348   13.307  1.00 39.83  ? 213 VAL A O   1 
ATOM   570  C  CB  . VAL A 1 99  ? 8.635   3.767   12.615  1.00 29.44  ? 213 VAL A CB  1 
ATOM   571  C  CG1 . VAL A 1 99  ? 7.672   2.591   12.725  1.00 27.48  ? 213 VAL A CG1 1 
ATOM   572  C  CG2 . VAL A 1 99  ? 7.909   5.016   12.194  1.00 26.17  ? 213 VAL A CG2 1 
HETATM 573  N  N   . MSE A 1 100 ? 10.488  6.118   14.073  1.00 36.60  ? 214 MSE A N   1 
HETATM 574  C  CA  . MSE A 1 100 ? 11.633  7.000   13.921  1.00 39.70  ? 214 MSE A CA  1 
HETATM 575  C  C   . MSE A 1 100 ? 12.728  6.508   14.855  1.00 38.18  ? 214 MSE A C   1 
HETATM 576  O  O   . MSE A 1 100 ? 13.894  6.426   14.477  1.00 35.89  ? 214 MSE A O   1 
HETATM 577  C  CB  . MSE A 1 100 ? 11.251  8.428   14.291  1.00 55.17  ? 214 MSE A CB  1 
HETATM 578  C  CG  . MSE A 1 100 ? 11.090  9.330   13.108  1.00 63.00  ? 214 MSE A CG  1 
HETATM 579  SE SE  . MSE A 1 100 ? 12.596  10.506  12.969  1.00 76.33  ? 214 MSE A SE  1 
HETATM 580  C  CE  . MSE A 1 100 ? 13.990  9.182   12.889  1.00 74.76  ? 214 MSE A CE  1 
ATOM   581  N  N   . ASN A 1 101 ? 12.325  6.170   16.076  1.00 43.20  ? 215 ASN A N   1 
ATOM   582  C  CA  . ASN A 1 101 ? 13.241  5.698   17.110  1.00 43.91  ? 215 ASN A CA  1 
ATOM   583  C  C   . ASN A 1 101 ? 13.948  4.411   16.753  1.00 42.26  ? 215 ASN A C   1 
ATOM   584  O  O   . ASN A 1 101 ? 15.175  4.316   16.853  1.00 41.78  ? 215 ASN A O   1 
ATOM   585  C  CB  . ASN A 1 101 ? 12.491  5.464   18.423  1.00 59.14  ? 215 ASN A CB  1 
ATOM   586  C  CG  . ASN A 1 101 ? 12.131  6.745   19.130  1.00 62.19  ? 215 ASN A CG  1 
ATOM   587  O  OD1 . ASN A 1 101 ? 11.331  6.732   20.076  1.00 63.85  ? 215 ASN A OD1 1 
ATOM   588  N  ND2 . ASN A 1 101 ? 12.719  7.864   18.689  1.00 60.26  ? 215 ASN A ND2 1 
ATOM   589  N  N   . LEU A 1 102 ? 13.157  3.419   16.355  1.00 40.78  ? 216 LEU A N   1 
ATOM   590  C  CA  . LEU A 1 102 ? 13.670  2.102   16.022  1.00 38.97  ? 216 LEU A CA  1 
ATOM   591  C  C   . LEU A 1 102 ? 14.373  1.944   14.681  1.00 39.82  ? 216 LEU A C   1 
ATOM   592  O  O   . LEU A 1 102 ? 15.283  1.128   14.557  1.00 41.29  ? 216 LEU A O   1 
ATOM   593  C  CB  . LEU A 1 102 ? 12.538  1.088   16.101  1.00 33.37  ? 216 LEU A CB  1 
ATOM   594  C  CG  . LEU A 1 102 ? 11.789  1.061   17.427  1.00 32.32  ? 216 LEU A CG  1 
ATOM   595  C  CD1 . LEU A 1 102 ? 11.055  -0.251  17.515  1.00 34.83  ? 216 LEU A CD1 1 
ATOM   596  C  CD2 . LEU A 1 102 ? 12.749  1.189   18.602  1.00 32.65  ? 216 LEU A CD2 1 
ATOM   597  N  N   . PHE A 1 103 ? 13.979  2.734   13.686  1.00 39.64  ? 217 PHE A N   1 
ATOM   598  C  CA  . PHE A 1 103 ? 14.567  2.596   12.370  1.00 37.07  ? 217 PHE A CA  1 
ATOM   599  C  C   . PHE A 1 103 ? 15.236  3.820   11.760  1.00 38.19  ? 217 PHE A C   1 
ATOM   600  O  O   . PHE A 1 103 ? 15.876  3.707   10.715  1.00 40.36  ? 217 PHE A O   1 
ATOM   601  C  CB  . PHE A 1 103 ? 13.498  2.093   11.415  1.00 33.39  ? 217 PHE A CB  1 
ATOM   602  C  CG  . PHE A 1 103 ? 12.858  0.812   11.842  1.00 32.98  ? 217 PHE A CG  1 
ATOM   603  C  CD1 . PHE A 1 103 ? 13.539  -0.397  11.713  1.00 33.72  ? 217 PHE A CD1 1 
ATOM   604  C  CD2 . PHE A 1 103 ? 11.558  0.806   12.351  1.00 34.28  ? 217 PHE A CD2 1 
ATOM   605  C  CE1 . PHE A 1 103 ? 12.933  -1.611  12.078  1.00 33.08  ? 217 PHE A CE1 1 
ATOM   606  C  CE2 . PHE A 1 103 ? 10.937  -0.395  12.723  1.00 34.73  ? 217 PHE A CE2 1 
ATOM   607  C  CZ  . PHE A 1 103 ? 11.630  -1.610  12.584  1.00 34.16  ? 217 PHE A CZ  1 
ATOM   608  N  N   . GLY A 1 104 ? 15.106  4.986   12.377  1.00 33.68  ? 218 GLY A N   1 
ATOM   609  C  CA  . GLY A 1 104 ? 15.731  6.162   11.790  1.00 34.04  ? 218 GLY A CA  1 
ATOM   610  C  C   . GLY A 1 104 ? 14.820  6.917   10.827  1.00 36.10  ? 218 GLY A C   1 
ATOM   611  O  O   . GLY A 1 104 ? 13.753  6.426   10.435  1.00 35.68  ? 218 GLY A O   1 
ATOM   612  N  N   . ALA A 1 105 ? 15.255  8.115   10.445  1.00 46.59  ? 219 ALA A N   1 
ATOM   613  C  CA  . ALA A 1 105 ? 14.508  9.008   9.555   1.00 48.52  ? 219 ALA A CA  1 
ATOM   614  C  C   . ALA A 1 105 ? 13.930  8.386   8.274   1.00 50.79  ? 219 ALA A C   1 
ATOM   615  O  O   . ALA A 1 105 ? 12.863  8.798   7.805   1.00 50.85  ? 219 ALA A O   1 
ATOM   616  C  CB  . ALA A 1 105 ? 15.382  10.193  9.193   1.00 37.33  ? 219 ALA A CB  1 
ATOM   617  N  N   . GLY A 1 106 ? 14.625  7.404   7.709   1.00 58.53  ? 220 GLY A N   1 
ATOM   618  C  CA  . GLY A 1 106 ? 14.143  6.786   6.487   1.00 59.17  ? 220 GLY A CA  1 
ATOM   619  C  C   . GLY A 1 106 ? 12.960  5.845   6.653   1.00 60.01  ? 220 GLY A C   1 
ATOM   620  O  O   . GLY A 1 106 ? 12.627  5.083   5.730   1.00 63.15  ? 220 GLY A O   1 
ATOM   621  N  N   . ALA A 1 107 ? 12.310  5.877   7.810   1.00 38.75  ? 221 ALA A N   1 
ATOM   622  C  CA  . ALA A 1 107 ? 11.185  4.988   8.026   1.00 35.17  ? 221 ALA A CA  1 
ATOM   623  C  C   . ALA A 1 107 ? 9.883   5.773   8.096   1.00 35.60  ? 221 ALA A C   1 
ATOM   624  O  O   . ALA A 1 107 ? 8.791   5.203   8.206   1.00 33.66  ? 221 ALA A O   1 
ATOM   625  C  CB  . ALA A 1 107 ? 11.402  4.206   9.286   1.00 29.89  ? 221 ALA A CB  1 
ATOM   626  N  N   . VAL A 1 108 ? 10.003  7.091   8.002   1.00 34.03  ? 222 VAL A N   1 
ATOM   627  C  CA  . VAL A 1 108 ? 8.841   7.959   8.064   1.00 33.91  ? 222 VAL A CA  1 
ATOM   628  C  C   . VAL A 1 108 ? 8.832   9.024   6.970   1.00 35.18  ? 222 VAL A C   1 
ATOM   629  O  O   . VAL A 1 108 ? 9.870   9.401   6.427   1.00 32.91  ? 222 VAL A O   1 
ATOM   630  C  CB  . VAL A 1 108 ? 8.764   8.668   9.440   1.00 35.41  ? 222 VAL A CB  1 
ATOM   631  C  CG1 . VAL A 1 108 ? 8.397   7.680   10.513  1.00 33.91  ? 222 VAL A CG1 1 
ATOM   632  C  CG2 . VAL A 1 108 ? 10.101  9.315   9.769   1.00 33.27  ? 222 VAL A CG2 1 
ATOM   633  N  N   . ARG A 1 109 ? 7.637   9.502   6.652   1.00 42.93  ? 223 ARG A N   1 
ATOM   634  C  CA  . ARG A 1 109 ? 7.464   10.551  5.656   1.00 44.36  ? 223 ARG A CA  1 
ATOM   635  C  C   . ARG A 1 109 ? 6.225   11.329  6.062   1.00 44.97  ? 223 ARG A C   1 
ATOM   636  O  O   . ARG A 1 109 ? 5.204   10.737  6.401   1.00 45.17  ? 223 ARG A O   1 
ATOM   637  C  CB  . ARG A 1 109 ? 7.273   9.955   4.265   1.00 52.19  ? 223 ARG A CB  1 
ATOM   638  C  CG  . ARG A 1 109 ? 7.590   10.931  3.167   1.00 52.61  ? 223 ARG A CG  1 
ATOM   639  C  CD  . ARG A 1 109 ? 7.180   10.394  1.824   1.00 55.79  ? 223 ARG A CD  1 
ATOM   640  N  NE  . ARG A 1 109 ? 7.242   11.428  0.800   1.00 57.08  ? 223 ARG A NE  1 
ATOM   641  C  CZ  . ARG A 1 109 ? 6.603   11.363  -0.362  1.00 58.60  ? 223 ARG A CZ  1 
ATOM   642  N  NH1 . ARG A 1 109 ? 5.851   10.307  -0.658  1.00 58.62  ? 223 ARG A NH1 1 
ATOM   643  N  NH2 . ARG A 1 109 ? 6.699   12.365  -1.221  1.00 60.62  ? 223 ARG A NH2 1 
ATOM   644  N  N   . GLU A 1 110 ? 6.320   12.652  6.033   1.00 44.84  ? 224 GLU A N   1 
ATOM   645  C  CA  . GLU A 1 110 ? 5.207   13.517  6.420   1.00 48.56  ? 224 GLU A CA  1 
ATOM   646  C  C   . GLU A 1 110 ? 3.917   13.320  5.619   1.00 48.60  ? 224 GLU A C   1 
ATOM   647  O  O   . GLU A 1 110 ? 2.887   12.939  6.186   1.00 47.57  ? 224 GLU A O   1 
ATOM   648  C  CB  . GLU A 1 110 ? 5.653   14.971  6.346   1.00 79.55  ? 224 GLU A CB  1 
ATOM   649  C  CG  . GLU A 1 110 ? 6.691   15.317  7.387   1.00 86.32  ? 224 GLU A CG  1 
ATOM   650  C  CD  . GLU A 1 110 ? 7.360   16.646  7.114   1.00 92.35  ? 224 GLU A CD  1 
ATOM   651  O  OE1 . GLU A 1 110 ? 6.638   17.643  6.875   1.00 94.86  ? 224 GLU A OE1 1 
ATOM   652  O  OE2 . GLU A 1 110 ? 8.612   16.690  7.139   1.00 96.39  ? 224 GLU A OE2 1 
ATOM   653  N  N   . ASP A 1 111 ? 3.967   13.587  4.315   1.00 61.70  ? 225 ASP A N   1 
ATOM   654  C  CA  . ASP A 1 111 ? 2.786   13.425  3.460   1.00 64.02  ? 225 ASP A CA  1 
ATOM   655  C  C   . ASP A 1 111 ? 3.115   12.662  2.171   1.00 63.23  ? 225 ASP A C   1 
ATOM   656  O  O   . ASP A 1 111 ? 4.273   12.315  1.918   1.00 63.37  ? 225 ASP A O   1 
ATOM   657  C  CB  . ASP A 1 111 ? 2.184   14.792  3.098   1.00 73.32  ? 225 ASP A CB  1 
ATOM   658  C  CG  . ASP A 1 111 ? 3.151   15.669  2.314   1.00 76.43  ? 225 ASP A CG  1 
ATOM   659  O  OD1 . ASP A 1 111 ? 4.021   16.313  2.943   1.00 77.92  ? 225 ASP A OD1 1 
ATOM   660  O  OD2 . ASP A 1 111 ? 3.051   15.705  1.065   1.00 76.87  ? 225 ASP A OD2 1 
ATOM   661  N  N   . THR A 1 112 ? 2.091   12.407  1.362   1.00 53.91  ? 226 THR A N   1 
ATOM   662  C  CA  . THR A 1 112 ? 2.271   11.690  0.102   1.00 52.41  ? 226 THR A CA  1 
ATOM   663  C  C   . THR A 1 112 ? 0.988   11.488  -0.694  1.00 51.09  ? 226 THR A C   1 
ATOM   664  O  O   . THR A 1 112 ? -0.121  11.515  -0.152  1.00 50.51  ? 226 THR A O   1 
ATOM   665  C  CB  . THR A 1 112 ? 2.856   10.293  0.318   1.00 54.25  ? 226 THR A CB  1 
ATOM   666  O  OG1 . THR A 1 112 ? 2.850   9.591   -0.929  1.00 55.23  ? 226 THR A OG1 1 
ATOM   667  C  CG2 . THR A 1 112 ? 2.017   9.507   1.309   1.00 53.92  ? 226 THR A CG2 1 
ATOM   668  N  N   . THR A 1 113 ? 1.159   11.252  -1.988  1.00 46.20  ? 227 THR A N   1 
ATOM   669  C  CA  . THR A 1 113 ? 0.036   11.017  -2.878  1.00 44.32  ? 227 THR A CA  1 
ATOM   670  C  C   . THR A 1 113 ? -0.347  9.547   -2.810  1.00 43.81  ? 227 THR A C   1 
ATOM   671  O  O   . THR A 1 113 ? 0.527   8.677   -2.784  1.00 42.43  ? 227 THR A O   1 
ATOM   672  C  CB  . THR A 1 113 ? 0.408   11.345  -4.326  1.00 43.80  ? 227 THR A CB  1 
ATOM   673  O  OG1 . THR A 1 113 ? 0.815   12.717  -4.413  1.00 44.62  ? 227 THR A OG1 1 
ATOM   674  C  CG2 . THR A 1 113 ? -0.777  11.105  -5.243  1.00 45.04  ? 227 THR A CG2 1 
ATOM   675  N  N   . ILE A 1 114 ? -1.651  9.275   -2.771  1.00 46.48  ? 228 ILE A N   1 
ATOM   676  C  CA  . ILE A 1 114 ? -2.139  7.903   -2.736  1.00 46.96  ? 228 ILE A CA  1 
ATOM   677  C  C   . ILE A 1 114 ? -2.359  7.448   -4.171  1.00 47.74  ? 228 ILE A C   1 
ATOM   678  O  O   . ILE A 1 114 ? -3.399  7.719   -4.759  1.00 47.44  ? 228 ILE A O   1 
ATOM   679  C  CB  . ILE A 1 114 ? -3.481  7.781   -2.012  1.00 47.95  ? 228 ILE A CB  1 
ATOM   680  C  CG1 . ILE A 1 114 ? -3.423  8.492   -0.659  1.00 45.68  ? 228 ILE A CG1 1 
ATOM   681  C  CG2 . ILE A 1 114 ? -3.828  6.299   -1.838  1.00 47.65  ? 228 ILE A CG2 1 
ATOM   682  C  CD1 . ILE A 1 114 ? -4.638  8.215   0.208   1.00 43.65  ? 228 ILE A CD1 1 
ATOM   683  N  N   . SER A 1 115 ? -1.379  6.743   -4.722  1.00 53.87  ? 229 SER A N   1 
ATOM   684  C  CA  . SER A 1 115 ? -1.442  6.268   -6.097  1.00 53.82  ? 229 SER A CA  1 
ATOM   685  C  C   . SER A 1 115 ? -2.132  4.914   -6.234  1.00 53.22  ? 229 SER A C   1 
ATOM   686  O  O   . SER A 1 115 ? -2.584  4.545   -7.321  1.00 53.67  ? 229 SER A O   1 
ATOM   687  C  CB  . SER A 1 115 ? -0.025  6.180   -6.657  1.00 54.38  ? 229 SER A CB  1 
ATOM   688  O  OG  . SER A 1 115 ? 0.700   7.354   -6.326  1.00 54.40  ? 229 SER A OG  1 
ATOM   689  N  N   . LEU A 1 116 ? -2.222  4.185   -5.126  1.00 41.11  ? 230 LEU A N   1 
ATOM   690  C  CA  . LEU A 1 116 ? -2.837  2.865   -5.131  1.00 40.59  ? 230 LEU A CA  1 
ATOM   691  C  C   . LEU A 1 116 ? -3.347  2.474   -3.754  1.00 39.53  ? 230 LEU A C   1 
ATOM   692  O  O   . LEU A 1 116 ? -2.870  2.962   -2.736  1.00 39.51  ? 230 LEU A O   1 
ATOM   693  C  CB  . LEU A 1 116 ? -1.810  1.823   -5.607  1.00 56.24  ? 230 LEU A CB  1 
ATOM   694  C  CG  . LEU A 1 116 ? -2.113  0.331   -5.413  1.00 57.79  ? 230 LEU A CG  1 
ATOM   695  C  CD1 . LEU A 1 116 ? -3.110  -0.162  -6.449  1.00 55.80  ? 230 LEU A CD1 1 
ATOM   696  C  CD2 . LEU A 1 116 ? -0.820  -0.455  -5.524  1.00 59.73  ? 230 LEU A CD2 1 
ATOM   697  N  N   . ILE A 1 117 ? -4.336  1.599   -3.727  1.00 46.16  ? 231 ILE A N   1 
ATOM   698  C  CA  . ILE A 1 117 ? -4.865  1.119   -2.468  1.00 48.78  ? 231 ILE A CA  1 
ATOM   699  C  C   . ILE A 1 117 ? -4.919  -0.398  -2.567  1.00 50.20  ? 231 ILE A C   1 
ATOM   700  O  O   . ILE A 1 117 ? -5.176  -0.958  -3.631  1.00 50.69  ? 231 ILE A O   1 
ATOM   701  C  CB  . ILE A 1 117 ? -6.291  1.673   -2.155  1.00 55.81  ? 231 ILE A CB  1 
ATOM   702  C  CG1 . ILE A 1 117 ? -7.241  0.505   -1.855  1.00 55.08  ? 231 ILE A CG1 1 
ATOM   703  C  CG2 . ILE A 1 117 ? -6.794  2.548   -3.297  1.00 55.75  ? 231 ILE A CG2 1 
ATOM   704  C  CD1 . ILE A 1 117 ? -8.639  0.915   -1.514  1.00 58.03  ? 231 ILE A CD1 1 
ATOM   705  N  N   . VAL A 1 118 ? -4.666  -1.057  -1.447  1.00 48.96  ? 232 VAL A N   1 
ATOM   706  C  CA  . VAL A 1 118 ? -4.682  -2.499  -1.397  1.00 49.80  ? 232 VAL A CA  1 
ATOM   707  C  C   . VAL A 1 118 ? -5.634  -2.886  -0.278  1.00 52.75  ? 232 VAL A C   1 
ATOM   708  O  O   . VAL A 1 118 ? -5.419  -2.518  0.879   1.00 52.12  ? 232 VAL A O   1 
ATOM   709  C  CB  . VAL A 1 118 ? -3.274  -3.041  -1.092  1.00 43.04  ? 232 VAL A CB  1 
ATOM   710  C  CG1 . VAL A 1 118 ? -3.273  -4.562  -1.118  1.00 41.52  ? 232 VAL A CG1 1 
ATOM   711  C  CG2 . VAL A 1 118 ? -2.289  -2.483  -2.091  1.00 41.79  ? 232 VAL A CG2 1 
ATOM   712  N  N   . HIS A 1 119 ? -6.691  -3.611  -0.629  1.00 50.88  ? 233 HIS A N   1 
ATOM   713  C  CA  . HIS A 1 119 ? -7.668  -4.045  0.355   1.00 54.81  ? 233 HIS A CA  1 
ATOM   714  C  C   . HIS A 1 119 ? -7.385  -5.476  0.766   1.00 56.24  ? 233 HIS A C   1 
ATOM   715  O  O   . HIS A 1 119 ? -7.513  -6.393  -0.040  1.00 56.74  ? 233 HIS A O   1 
ATOM   716  C  CB  . HIS A 1 119 ? -9.082  -3.968  -0.218  1.00 83.07  ? 233 HIS A CB  1 
ATOM   717  C  CG  . HIS A 1 119 ? -10.147 -4.394  0.747   1.00 86.13  ? 233 HIS A CG  1 
ATOM   718  N  ND1 . HIS A 1 119 ? -11.442 -4.660  0.357   1.00 87.89  ? 233 HIS A ND1 1 
ATOM   719  C  CD2 . HIS A 1 119 ? -10.110 -4.593  2.086   1.00 87.36  ? 233 HIS A CD2 1 
ATOM   720  C  CE1 . HIS A 1 119 ? -12.155 -5.007  1.413   1.00 88.32  ? 233 HIS A CE1 1 
ATOM   721  N  NE2 . HIS A 1 119 ? -11.370 -4.975  2.475   1.00 87.85  ? 233 HIS A NE2 1 
ATOM   722  N  N   . LEU A 1 120 ? -7.003  -5.662  2.024   1.00 63.66  ? 234 LEU A N   1 
ATOM   723  C  CA  . LEU A 1 120 ? -6.705  -6.990  2.536   1.00 66.44  ? 234 LEU A CA  1 
ATOM   724  C  C   . LEU A 1 120 ? -7.997  -7.678  2.978   1.00 70.00  ? 234 LEU A C   1 
ATOM   725  O  O   . LEU A 1 120 ? -8.614  -7.265  3.964   1.00 71.04  ? 234 LEU A O   1 
ATOM   726  C  CB  . LEU A 1 120 ? -5.728  -6.894  3.719   1.00 53.15  ? 234 LEU A CB  1 
ATOM   727  C  CG  . LEU A 1 120 ? -4.279  -6.417  3.510   1.00 50.75  ? 234 LEU A CG  1 
ATOM   728  C  CD1 . LEU A 1 120 ? -3.599  -6.267  4.855   1.00 48.93  ? 234 LEU A CD1 1 
ATOM   729  C  CD2 . LEU A 1 120 ? -3.501  -7.403  2.665   1.00 49.14  ? 234 LEU A CD2 1 
ATOM   730  N  N   . GLU A 1 121 ? -8.409  -8.716  2.246   1.00 68.00  ? 235 GLU A N   1 
ATOM   731  C  CA  . GLU A 1 121 ? -9.627  -9.466  2.574   1.00 71.89  ? 235 GLU A CA  1 
ATOM   732  C  C   . GLU A 1 121 ? -9.296  -10.919 2.942   1.00 73.66  ? 235 GLU A C   1 
ATOM   733  O  O   . GLU A 1 121 ? -8.224  -11.178 3.476   1.00 74.30  ? 235 GLU A O   1 
ATOM   734  C  CB  . GLU A 1 121 ? -10.618 -9.407  1.403   1.00 95.24  ? 235 GLU A CB  1 
ATOM   735  C  CG  . GLU A 1 121 ? -12.023 -9.909  1.748   1.00 97.33  ? 235 GLU A CG  1 
ATOM   736  C  CD  . GLU A 1 121 ? -13.083 -9.415  0.778   1.00 98.56  ? 235 GLU A CD  1 
ATOM   737  O  OE1 . GLU A 1 121 ? -12.860 -9.523  -0.449  1.00 99.09  ? 235 GLU A OE1 1 
ATOM   738  O  OE2 . GLU A 1 121 ? -14.139 -8.925  1.243   1.00 97.99  ? 235 GLU A OE2 1 
ATOM   739  N  N   . ASN A 1 122 ? -10.188 -11.870 2.672   1.00 92.98  ? 236 ASN A N   1 
ATOM   740  C  CA  . ASN A 1 122 ? -9.896  -13.260 3.036   1.00 96.50  ? 236 ASN A CA  1 
ATOM   741  C  C   . ASN A 1 122 ? -10.092 -14.365 1.992   1.00 97.84  ? 236 ASN A C   1 
ATOM   742  O  O   . ASN A 1 122 ? -9.150  -14.693 1.266   1.00 97.91  ? 236 ASN A O   1 
ATOM   743  C  CB  . ASN A 1 122 ? -10.643 -13.633 4.320   1.00 100.00 ? 236 ASN A CB  1 
ATOM   744  C  CG  . ASN A 1 122 ? -10.008 -13.016 5.559   1.00 100.00 ? 236 ASN A CG  1 
ATOM   745  O  OD1 . ASN A 1 122 ? -9.822  -11.799 5.638   1.00 100.00 ? 236 ASN A OD1 1 
ATOM   746  N  ND2 . ASN A 1 122 ? -9.670  -13.858 6.533   1.00 100.00 ? 236 ASN A ND2 1 
ATOM   747  N  N   . TRP A 1 123 ? -11.284 -14.953 1.906   1.00 100.00 ? 237 TRP A N   1 
ATOM   748  C  CA  . TRP A 1 123 ? -11.464 -16.034 0.936   1.00 100.00 ? 237 TRP A CA  1 
ATOM   749  C  C   . TRP A 1 123 ? -12.793 -16.249 0.210   1.00 100.00 ? 237 TRP A C   1 
ATOM   750  O  O   . TRP A 1 123 ? -13.879 -16.140 0.784   1.00 100.00 ? 237 TRP A O   1 
ATOM   751  C  CB  . TRP A 1 123 ? -11.027 -17.358 1.573   1.00 100.00 ? 237 TRP A CB  1 
ATOM   752  C  CG  . TRP A 1 123 ? -9.696  -17.825 1.067   1.00 100.00 ? 237 TRP A CG  1 
ATOM   753  C  CD1 . TRP A 1 123 ? -8.700  -18.413 1.793   1.00 100.00 ? 237 TRP A CD1 1 
ATOM   754  C  CD2 . TRP A 1 123 ? -9.215  -17.744 -0.285  1.00 100.00 ? 237 TRP A CD2 1 
ATOM   755  N  NE1 . TRP A 1 123 ? -7.627  -18.702 0.979   1.00 100.00 ? 237 TRP A NE1 1 
ATOM   756  C  CE2 . TRP A 1 123 ? -7.918  -18.304 -0.301  1.00 100.00 ? 237 TRP A CE2 1 
ATOM   757  C  CE3 . TRP A 1 123 ? -9.755  -17.256 -1.486  1.00 100.00 ? 237 TRP A CE3 1 
ATOM   758  C  CZ2 . TRP A 1 123 ? -7.151  -18.389 -1.472  1.00 100.00 ? 237 TRP A CZ2 1 
ATOM   759  C  CZ3 . TRP A 1 123 ? -8.993  -17.341 -2.650  1.00 100.00 ? 237 TRP A CZ3 1 
ATOM   760  C  CH2 . TRP A 1 123 ? -7.705  -17.904 -2.631  1.00 100.00 ? 237 TRP A CH2 1 
ATOM   761  N  N   . THR A 1 124 ? -12.662 -16.573 -1.075  1.00 99.71  ? 238 THR A N   1 
ATOM   762  C  CA  . THR A 1 124 ? -13.779 -16.846 -1.970  1.00 100.00 ? 238 THR A CA  1 
ATOM   763  C  C   . THR A 1 124 ? -13.176 -17.394 -3.269  1.00 100.00 ? 238 THR A C   1 
ATOM   764  O  O   . THR A 1 124 ? -12.347 -18.306 -3.233  1.00 100.00 ? 238 THR A O   1 
ATOM   765  C  CB  . THR A 1 124 ? -14.591 -15.569 -2.278  1.00 98.59  ? 238 THR A CB  1 
ATOM   766  O  OG1 . THR A 1 124 ? -14.913 -14.898 -1.052  1.00 97.71  ? 238 THR A OG1 1 
ATOM   767  C  CG2 . THR A 1 124 ? -15.894 -15.925 -2.997  1.00 99.14  ? 238 THR A CG2 1 
ATOM   768  N  N   . PRO A 1 125 ? -13.572 -16.838 -4.411  1.00 100.00 ? 239 PRO A N   1 
ATOM   769  C  CA  . PRO A 1 125 ? -13.048 -17.302 -5.692  1.00 100.00 ? 239 PRO A CA  1 
ATOM   770  C  C   . PRO A 1 125 ? -12.744 -16.144 -6.646  1.00 100.00 ? 239 PRO A C   1 
ATOM   771  O  O   . PRO A 1 125 ? -13.461 -15.140 -6.664  1.00 100.00 ? 239 PRO A O   1 
ATOM   772  C  CB  . PRO A 1 125 ? -14.037 -18.272 -6.340  1.00 93.44  ? 239 PRO A CB  1 
ATOM   773  N  N   . ASP A 1 126 ? -11.674 -16.300 -7.426  1.00 96.90  ? 240 ASP A N   1 
ATOM   774  C  CA  . ASP A 1 126 ? -11.231 -15.301 -8.404  1.00 96.78  ? 240 ASP A CA  1 
ATOM   775  C  C   . ASP A 1 126 ? -9.762  -15.540 -8.751  1.00 96.57  ? 240 ASP A C   1 
ATOM   776  O  O   . ASP A 1 126 ? -8.936  -15.785 -7.868  1.00 95.62  ? 240 ASP A O   1 
ATOM   777  C  CB  . ASP A 1 126 ? -11.409 -13.878 -7.853  1.00 89.46  ? 240 ASP A CB  1 
ATOM   778  N  N   . GLN A 1 139 ? -9.586  -4.746  -11.385 1.00 89.20  ? 253 GLN A N   1 
ATOM   779  C  CA  . GLN A 1 139 ? -9.175  -3.393  -11.743 1.00 89.11  ? 253 GLN A CA  1 
ATOM   780  C  C   . GLN A 1 139 ? -10.118 -2.340  -11.166 1.00 88.35  ? 253 GLN A C   1 
ATOM   781  O  O   . GLN A 1 139 ? -10.556 -1.432  -11.874 1.00 87.64  ? 253 GLN A O   1 
ATOM   782  C  CB  . GLN A 1 139 ? -9.125  -3.245  -13.264 1.00 91.86  ? 253 GLN A CB  1 
ATOM   783  C  CG  . GLN A 1 139 ? -8.096  -4.129  -13.943 1.00 93.50  ? 253 GLN A CG  1 
ATOM   784  C  CD  . GLN A 1 139 ? -7.969  -3.835  -15.425 1.00 94.32  ? 253 GLN A CD  1 
ATOM   785  O  OE1 . GLN A 1 139 ? -7.707  -2.698  -15.823 1.00 93.88  ? 253 GLN A OE1 1 
ATOM   786  N  NE2 . GLN A 1 139 ? -8.153  -4.858  -16.252 1.00 94.73  ? 253 GLN A NE2 1 
ATOM   787  N  N   . LEU A 1 140 ? -10.412 -2.460  -9.874  1.00 81.24  ? 254 LEU A N   1 
ATOM   788  C  CA  . LEU A 1 140 ? -11.314 -1.534  -9.198  1.00 80.65  ? 254 LEU A CA  1 
ATOM   789  C  C   . LEU A 1 140 ? -10.736 -0.128  -8.983  1.00 80.01  ? 254 LEU A C   1 
ATOM   790  O  O   . LEU A 1 140 ? -9.700  0.231   -9.550  1.00 78.65  ? 254 LEU A O   1 
ATOM   791  C  CB  . LEU A 1 140 ? -11.748 -2.131  -7.858  1.00 81.37  ? 254 LEU A CB  1 
ATOM   792  N  N   . ILE A 1 141 ? -11.435 0.662   -8.168  1.00 84.11  ? 255 ILE A N   1 
ATOM   793  C  CA  . ILE A 1 141 ? -11.034 2.030   -7.844  1.00 82.94  ? 255 ILE A CA  1 
ATOM   794  C  C   . ILE A 1 141 ? -11.772 2.490   -6.581  1.00 81.99  ? 255 ILE A C   1 
ATOM   795  O  O   . ILE A 1 141 ? -12.363 1.666   -5.878  1.00 81.53  ? 255 ILE A O   1 
ATOM   796  C  CB  . ILE A 1 141 ? -11.353 3.002   -9.012  1.00 78.98  ? 255 ILE A CB  1 
ATOM   797  C  CG1 . ILE A 1 141 ? -12.051 2.255   -10.151 1.00 79.18  ? 255 ILE A CG1 1 
ATOM   798  C  CG2 . ILE A 1 141 ? -10.077 3.627   -9.529  1.00 78.38  ? 255 ILE A CG2 1 
ATOM   799  C  CD1 . ILE A 1 141 ? -12.277 3.097   -11.399 1.00 79.93  ? 255 ILE A CD1 1 
ATOM   800  N  N   . PHE A 1 142 ? -11.732 3.793   -6.291  1.00 83.66  ? 256 PHE A N   1 
ATOM   801  C  CA  . PHE A 1 142 ? -12.416 4.339   -5.113  1.00 82.25  ? 256 PHE A CA  1 
ATOM   802  C  C   . PHE A 1 142 ? -12.334 5.873   -4.968  1.00 81.78  ? 256 PHE A C   1 
ATOM   803  O  O   . PHE A 1 142 ? -11.638 6.549   -5.731  1.00 81.41  ? 256 PHE A O   1 
ATOM   804  C  CB  . PHE A 1 142 ? -11.876 3.671   -3.851  1.00 67.33  ? 256 PHE A CB  1 
ATOM   805  N  N   . ASP A 1 143 ? -13.061 6.393   -3.975  1.00 61.51  ? 257 ASP A N   1 
ATOM   806  C  CA  . ASP A 1 143 ? -13.136 7.820   -3.631  1.00 60.39  ? 257 ASP A CA  1 
ATOM   807  C  C   . ASP A 1 143 ? -12.194 8.784   -4.367  1.00 60.34  ? 257 ASP A C   1 
ATOM   808  O  O   . ASP A 1 143 ? -11.281 9.346   -3.760  1.00 59.37  ? 257 ASP A O   1 
ATOM   809  C  CB  . ASP A 1 143 ? -12.949 7.975   -2.130  1.00 69.65  ? 257 ASP A CB  1 
ATOM   810  N  N   . VAL A 1 144 ? -12.479 8.993   -5.658  1.00 98.09  ? 258 VAL A N   1 
ATOM   811  C  CA  . VAL A 1 144 ? -11.738 9.847   -6.617  1.00 96.90  ? 258 VAL A CA  1 
ATOM   812  C  C   . VAL A 1 144 ? -10.972 8.881   -7.511  1.00 95.22  ? 258 VAL A C   1 
ATOM   813  O  O   . VAL A 1 144 ? -9.792  9.085   -7.795  1.00 95.76  ? 258 VAL A O   1 
ATOM   814  C  CB  . VAL A 1 144 ? -10.700 10.818  -5.965  1.00 70.47  ? 258 VAL A CB  1 
ATOM   815  C  CG1 . VAL A 1 144 ? -9.991  11.632  -7.059  1.00 67.69  ? 258 VAL A CG1 1 
ATOM   816  C  CG2 . VAL A 1 144 ? -11.386 11.764  -4.993  1.00 70.44  ? 258 VAL A CG2 1 
ATOM   817  N  N   . PRO A 1 145 ? -11.669 7.847   -8.019  1.00 81.97  ? 259 PRO A N   1 
ATOM   818  C  CA  . PRO A 1 145 ? -11.095 6.814   -8.878  1.00 79.34  ? 259 PRO A CA  1 
ATOM   819  C  C   . PRO A 1 145 ? -9.586  6.630   -8.750  1.00 75.57  ? 259 PRO A C   1 
ATOM   820  O  O   . PRO A 1 145 ? -8.800  7.205   -9.504  1.00 75.19  ? 259 PRO A O   1 
ATOM   821  C  CB  . PRO A 1 145 ? -11.567 7.250   -10.252 1.00 72.02  ? 259 PRO A CB  1 
ATOM   822  C  CG  . PRO A 1 145 ? -13.026 7.572   -9.942  1.00 73.16  ? 259 PRO A CG  1 
ATOM   823  C  CD  . PRO A 1 145 ? -13.041 8.128   -8.486  1.00 73.88  ? 259 PRO A CD  1 
ATOM   824  N  N   . VAL A 1 146 ? -9.195  5.837   -7.757  1.00 48.93  ? 260 VAL A N   1 
ATOM   825  C  CA  . VAL A 1 146 ? -7.788  5.547   -7.518  1.00 45.36  ? 260 VAL A CA  1 
ATOM   826  C  C   . VAL A 1 146 ? -7.540  4.047   -7.658  1.00 43.11  ? 260 VAL A C   1 
ATOM   827  O  O   . VAL A 1 146 ? -8.233  3.224   -7.050  1.00 40.24  ? 260 VAL A O   1 
ATOM   828  C  CB  . VAL A 1 146 ? -7.317  6.037   -6.114  1.00 42.75  ? 260 VAL A CB  1 
ATOM   829  C  CG1 . VAL A 1 146 ? -7.134  7.549   -6.133  1.00 41.01  ? 260 VAL A CG1 1 
ATOM   830  C  CG2 . VAL A 1 146 ? -8.331  5.643   -5.046  1.00 40.95  ? 260 VAL A CG2 1 
ATOM   831  N  N   . PRO A 1 147 ? -6.553  3.678   -8.490  1.00 45.15  ? 261 PRO A N   1 
ATOM   832  C  CA  . PRO A 1 147 ? -6.193  2.282   -8.731  1.00 45.48  ? 261 PRO A CA  1 
ATOM   833  C  C   . PRO A 1 147 ? -6.320  1.481   -7.446  1.00 46.67  ? 261 PRO A C   1 
ATOM   834  O  O   . PRO A 1 147 ? -5.818  1.885   -6.399  1.00 47.54  ? 261 PRO A O   1 
ATOM   835  C  CB  . PRO A 1 147 ? -4.763  2.392   -9.221  1.00 50.42  ? 261 PRO A CB  1 
ATOM   836  C  CG  . PRO A 1 147 ? -4.819  3.650   -10.037 1.00 50.91  ? 261 PRO A CG  1 
ATOM   837  C  CD  . PRO A 1 147 ? -5.601  4.588   -9.151  1.00 50.12  ? 261 PRO A CD  1 
ATOM   838  N  N   . LYS A 1 148 ? -6.996  0.347   -7.518  1.00 56.07  ? 262 LYS A N   1 
ATOM   839  C  CA  . LYS A 1 148 ? -7.183  -0.452  -6.327  1.00 58.18  ? 262 LYS A CA  1 
ATOM   840  C  C   . LYS A 1 148 ? -7.128  -1.945  -6.613  1.00 59.48  ? 262 LYS A C   1 
ATOM   841  O  O   . LYS A 1 148 ? -7.545  -2.398  -7.682  1.00 60.15  ? 262 LYS A O   1 
ATOM   842  C  CB  . LYS A 1 148 ? -8.522  -0.076  -5.688  1.00 56.64  ? 262 LYS A CB  1 
ATOM   843  C  CG  . LYS A 1 148 ? -9.005  -1.011  -4.603  1.00 56.74  ? 262 LYS A CG  1 
ATOM   844  C  CD  . LYS A 1 148 ? -10.373 -0.578  -4.113  1.00 59.28  ? 262 LYS A CD  1 
ATOM   845  C  CE  . LYS A 1 148 ? -11.033 -1.670  -3.277  1.00 61.21  ? 262 LYS A CE  1 
ATOM   846  N  NZ  . LYS A 1 148 ? -12.383 -1.263  -2.793  1.00 61.36  ? 262 LYS A NZ  1 
ATOM   847  N  N   . ILE A 1 149 ? -6.598  -2.701  -5.657  1.00 59.52  ? 263 ILE A N   1 
ATOM   848  C  CA  . ILE A 1 149 ? -6.505  -4.150  -5.788  1.00 61.29  ? 263 ILE A CA  1 
ATOM   849  C  C   . ILE A 1 149 ? -6.875  -4.758  -4.447  1.00 62.11  ? 263 ILE A C   1 
ATOM   850  O  O   . ILE A 1 149 ? -6.735  -4.111  -3.407  1.00 63.48  ? 263 ILE A O   1 
ATOM   851  C  CB  . ILE A 1 149 ? -5.079  -4.625  -6.173  1.00 57.18  ? 263 ILE A CB  1 
ATOM   852  C  CG1 . ILE A 1 149 ? -4.166  -4.602  -4.944  1.00 55.60  ? 263 ILE A CG1 1 
ATOM   853  C  CG2 . ILE A 1 149 ? -4.513  -3.730  -7.278  1.00 55.41  ? 263 ILE A CG2 1 
ATOM   854  C  CD1 . ILE A 1 149 ? -2.953  -5.478  -5.079  1.00 55.32  ? 263 ILE A CD1 1 
ATOM   855  N  N   . THR A 1 150 ? -7.340  -6.001  -4.473  1.00 62.39  ? 264 THR A N   1 
ATOM   856  C  CA  . THR A 1 150 ? -7.757  -6.689  -3.260  1.00 63.62  ? 264 THR A CA  1 
ATOM   857  C  C   . THR A 1 150 ? -7.017  -8.013  -3.148  1.00 64.48  ? 264 THR A C   1 
ATOM   858  O  O   . THR A 1 150 ? -7.087  -8.854  -4.046  1.00 65.24  ? 264 THR A O   1 
ATOM   859  C  CB  . THR A 1 150 ? -9.295  -6.947  -3.277  1.00 62.41  ? 264 THR A CB  1 
ATOM   860  O  OG1 . THR A 1 150 ? -9.691  -7.655  -2.095  1.00 61.93  ? 264 THR A OG1 1 
ATOM   861  C  CG2 . THR A 1 150 ? -9.681  -7.769  -4.497  1.00 63.39  ? 264 THR A CG2 1 
ATOM   862  N  N   . VAL A 1 151 ? -6.294  -8.199  -2.052  1.00 58.42  ? 265 VAL A N   1 
ATOM   863  C  CA  . VAL A 1 151 ? -5.561  -9.439  -1.877  1.00 59.40  ? 265 VAL A CA  1 
ATOM   864  C  C   . VAL A 1 151 ? -6.137  -10.210 -0.697  1.00 60.69  ? 265 VAL A C   1 
ATOM   865  O  O   . VAL A 1 151 ? -6.513  -9.623  0.319   1.00 60.52  ? 265 VAL A O   1 
ATOM   866  C  CB  . VAL A 1 151 ? -4.029  -9.183  -1.669  1.00 55.47  ? 265 VAL A CB  1 
ATOM   867  C  CG1 . VAL A 1 151 ? -3.480  -8.373  -2.830  1.00 54.01  ? 265 VAL A CG1 1 
ATOM   868  C  CG2 . VAL A 1 151 ? -3.774  -8.463  -0.362  1.00 54.55  ? 265 VAL A CG2 1 
ATOM   869  N  N   . PRO A 1 152 ? -6.235  -11.541 -0.830  1.00 74.27  ? 266 PRO A N   1 
ATOM   870  C  CA  . PRO A 1 152 ? -6.770  -12.410 0.223   1.00 75.81  ? 266 PRO A CA  1 
ATOM   871  C  C   . PRO A 1 152 ? -5.758  -12.717 1.329   1.00 76.41  ? 266 PRO A C   1 
ATOM   872  O  O   . PRO A 1 152 ? -4.571  -12.882 1.061   1.00 77.25  ? 266 PRO A O   1 
ATOM   873  C  CB  . PRO A 1 152 ? -7.178  -13.661 -0.553  1.00 66.17  ? 266 PRO A CB  1 
ATOM   874  C  CG  . PRO A 1 152 ? -6.131  -13.739 -1.613  1.00 64.70  ? 266 PRO A CG  1 
ATOM   875  C  CD  . PRO A 1 152 ? -6.007  -12.302 -2.074  1.00 64.38  ? 266 PRO A CD  1 
ATOM   876  N  N   . VAL A 1 153 ? -6.231  -12.791 2.568   1.00 67.02  ? 267 VAL A N   1 
ATOM   877  C  CA  . VAL A 1 153 ? -5.356  -13.092 3.694   1.00 68.17  ? 267 VAL A CA  1 
ATOM   878  C  C   . VAL A 1 153 ? -5.506  -14.564 4.076   1.00 69.52  ? 267 VAL A C   1 
ATOM   879  O  O   . VAL A 1 153 ? -6.598  -15.019 4.417   1.00 70.09  ? 267 VAL A O   1 
ATOM   880  C  CB  . VAL A 1 153 ? -5.687  -12.201 4.922   1.00 54.19  ? 267 VAL A CB  1 
ATOM   881  C  CG1 . VAL A 1 153 ? -4.706  -12.484 6.052   1.00 52.71  ? 267 VAL A CG1 1 
ATOM   882  C  CG2 . VAL A 1 153 ? -5.620  -10.730 4.533   1.00 53.45  ? 267 VAL A CG2 1 
ATOM   883  N  N   . LYS A 1 154 ? -4.407  -15.308 4.014   1.00 75.85  ? 268 LYS A N   1 
ATOM   884  C  CA  . LYS A 1 154 ? -4.436  -16.727 4.348   1.00 77.12  ? 268 LYS A CA  1 
ATOM   885  C  C   . LYS A 1 154 ? -3.033  -17.272 4.581   1.00 77.60  ? 268 LYS A C   1 
ATOM   886  O  O   . LYS A 1 154 ? -2.074  -16.819 3.956   1.00 77.86  ? 268 LYS A O   1 
ATOM   887  C  CB  . LYS A 1 154 ? -5.119  -17.512 3.225   1.00 72.23  ? 268 LYS A CB  1 
ATOM   888  N  N   . VAL A 1 155 ? -2.928  -18.245 5.484   1.00 81.91  ? 269 VAL A N   1 
ATOM   889  C  CA  . VAL A 1 155 ? -1.656  -18.895 5.821   1.00 82.85  ? 269 VAL A CA  1 
ATOM   890  C  C   . VAL A 1 155 ? -0.744  -19.099 4.596   1.00 83.34  ? 269 VAL A C   1 
ATOM   891  O  O   . VAL A 1 155 ? -1.217  -19.455 3.508   1.00 83.25  ? 269 VAL A O   1 
ATOM   892  C  CB  . VAL A 1 155 ? -1.911  -20.286 6.481   1.00 70.48  ? 269 VAL A CB  1 
ATOM   893  C  CG1 . VAL A 1 155 ? -0.595  -20.975 6.795   1.00 70.06  ? 269 VAL A CG1 1 
ATOM   894  C  CG2 . VAL A 1 155 ? -2.737  -20.121 7.745   1.00 69.83  ? 269 VAL A CG2 1 
ATOM   895  N  N   . GLY A 1 156 ? 0.558   -18.871 4.783   1.00 86.60  ? 270 GLY A N   1 
ATOM   896  C  CA  . GLY A 1 156 ? 1.519   -19.043 3.700   1.00 86.17  ? 270 GLY A CA  1 
ATOM   897  C  C   . GLY A 1 156 ? 1.586   -17.911 2.679   1.00 85.59  ? 270 GLY A C   1 
ATOM   898  O  O   . GLY A 1 156 ? 1.945   -18.122 1.510   1.00 85.28  ? 270 GLY A O   1 
ATOM   899  N  N   . ARG A 1 157 ? 1.248   -16.702 3.117   1.00 82.20  ? 271 ARG A N   1 
ATOM   900  C  CA  . ARG A 1 157 ? 1.266   -15.550 2.231   1.00 80.17  ? 271 ARG A CA  1 
ATOM   901  C  C   . ARG A 1 157 ? 1.862   -14.331 2.919   1.00 78.24  ? 271 ARG A C   1 
ATOM   902  O  O   . ARG A 1 157 ? 1.287   -13.795 3.865   1.00 79.48  ? 271 ARG A O   1 
ATOM   903  C  CB  . ARG A 1 157 ? -0.153  -15.243 1.747   1.00 69.41  ? 271 ARG A CB  1 
ATOM   904  N  N   . ASN A 1 158 ? 3.022   -13.901 2.442   1.00 61.85  ? 272 ASN A N   1 
ATOM   905  C  CA  . ASN A 1 158 ? 3.687   -12.737 2.998   1.00 58.92  ? 272 ASN A CA  1 
ATOM   906  C  C   . ASN A 1 158 ? 3.060   -11.482 2.396   1.00 57.45  ? 272 ASN A C   1 
ATOM   907  O  O   . ASN A 1 158 ? 3.440   -11.040 1.304   1.00 57.72  ? 272 ASN A O   1 
ATOM   908  C  CB  . ASN A 1 158 ? 5.175   -12.773 2.663   1.00 57.47  ? 272 ASN A CB  1 
ATOM   909  C  CG  . ASN A 1 158 ? 5.968   -11.786 3.478   1.00 57.38  ? 272 ASN A CG  1 
ATOM   910  O  OD1 . ASN A 1 158 ? 5.566   -10.628 3.627   1.00 55.80  ? 272 ASN A OD1 1 
ATOM   911  N  ND2 . ASN A 1 158 ? 7.104   -12.234 4.015   1.00 55.53  ? 272 ASN A ND2 1 
ATOM   912  N  N   . LEU A 1 159 ? 2.096   -10.910 3.105   1.00 53.47  ? 273 LEU A N   1 
ATOM   913  C  CA  . LEU A 1 159 ? 1.422   -9.718  2.621   1.00 51.94  ? 273 LEU A CA  1 
ATOM   914  C  C   . LEU A 1 159 ? 2.396   -8.589  2.325   1.00 50.15  ? 273 LEU A C   1 
ATOM   915  O  O   . LEU A 1 159 ? 2.195   -7.822  1.382   1.00 49.55  ? 273 LEU A O   1 
ATOM   916  C  CB  . LEU A 1 159 ? 0.386   -9.252  3.634   1.00 63.13  ? 273 LEU A CB  1 
ATOM   917  C  CG  . LEU A 1 159 ? -0.889  -10.089 3.734   1.00 64.19  ? 273 LEU A CG  1 
ATOM   918  C  CD1 . LEU A 1 159 ? -0.567  -11.561 3.950   1.00 63.83  ? 273 LEU A CD1 1 
ATOM   919  C  CD2 . LEU A 1 159 ? -1.720  -9.542  4.882   1.00 65.96  ? 273 LEU A CD2 1 
ATOM   920  N  N   . ALA A 1 160 ? 3.453   -8.492  3.125   1.00 43.60  ? 274 ALA A N   1 
ATOM   921  C  CA  . ALA A 1 160 ? 4.455   -7.454  2.923   1.00 41.15  ? 274 ALA A CA  1 
ATOM   922  C  C   . ALA A 1 160 ? 5.089   -7.534  1.529   1.00 40.00  ? 274 ALA A C   1 
ATOM   923  O  O   . ALA A 1 160 ? 5.224   -6.517  0.830   1.00 37.15  ? 274 ALA A O   1 
ATOM   924  C  CB  . ALA A 1 160 ? 5.526   -7.559  3.985   1.00 47.95  ? 274 ALA A CB  1 
ATOM   925  N  N   . ILE A 1 161 ? 5.476   -8.737  1.119   1.00 38.71  ? 275 ILE A N   1 
ATOM   926  C  CA  . ILE A 1 161 ? 6.083   -8.877  -0.190  1.00 39.16  ? 275 ILE A CA  1 
ATOM   927  C  C   . ILE A 1 161 ? 5.059   -8.773  -1.304  1.00 37.91  ? 275 ILE A C   1 
ATOM   928  O  O   . ILE A 1 161 ? 5.354   -8.258  -2.383  1.00 36.25  ? 275 ILE A O   1 
ATOM   929  C  CB  . ILE A 1 161 ? 6.847   -10.194 -0.314  1.00 55.67  ? 275 ILE A CB  1 
ATOM   930  C  CG1 . ILE A 1 161 ? 7.917   -10.241 0.776   1.00 58.84  ? 275 ILE A CG1 1 
ATOM   931  C  CG2 . ILE A 1 161 ? 7.511   -10.288 -1.696  1.00 53.97  ? 275 ILE A CG2 1 
ATOM   932  C  CD1 . ILE A 1 161 ? 8.872   -11.398 0.657   1.00 60.65  ? 275 ILE A CD1 1 
ATOM   933  N  N   . ILE A 1 162 ? 3.851   -9.254  -1.054  1.00 47.89  ? 276 ILE A N   1 
ATOM   934  C  CA  . ILE A 1 162 ? 2.820   -9.160  -2.081  1.00 47.84  ? 276 ILE A CA  1 
ATOM   935  C  C   . ILE A 1 162 ? 2.487   -7.691  -2.340  1.00 47.00  ? 276 ILE A C   1 
ATOM   936  O  O   . ILE A 1 162 ? 2.240   -7.294  -3.476  1.00 47.05  ? 276 ILE A O   1 
ATOM   937  C  CB  . ILE A 1 162 ? 1.563   -9.924  -1.668  1.00 42.82  ? 276 ILE A CB  1 
ATOM   938  C  CG1 . ILE A 1 162 ? 1.858   -11.419 -1.729  1.00 43.25  ? 276 ILE A CG1 1 
ATOM   939  C  CG2 . ILE A 1 162 ? 0.407   -9.558  -2.567  1.00 41.73  ? 276 ILE A CG2 1 
ATOM   940  C  CD1 . ILE A 1 162 ? 0.694   -12.286 -1.378  1.00 46.16  ? 276 ILE A CD1 1 
ATOM   941  N  N   . ILE A 1 163 ? 2.494   -6.886  -1.285  1.00 39.93  ? 277 ILE A N   1 
ATOM   942  C  CA  . ILE A 1 163 ? 2.218   -5.468  -1.434  1.00 39.61  ? 277 ILE A CA  1 
ATOM   943  C  C   . ILE A 1 163 ? 3.430   -4.821  -2.101  1.00 40.08  ? 277 ILE A C   1 
ATOM   944  O  O   . ILE A 1 163 ? 3.286   -3.881  -2.877  1.00 39.95  ? 277 ILE A O   1 
ATOM   945  C  CB  . ILE A 1 163 ? 1.890   -4.825  -0.056  1.00 39.16  ? 277 ILE A CB  1 
ATOM   946  C  CG1 . ILE A 1 163 ? 0.571   -5.422  0.456   1.00 39.13  ? 277 ILE A CG1 1 
ATOM   947  C  CG2 . ILE A 1 163 ? 1.770   -3.297  -0.171  1.00 35.87  ? 277 ILE A CG2 1 
ATOM   948  C  CD1 . ILE A 1 163 ? 0.198   -5.017  1.861   1.00 42.40  ? 277 ILE A CD1 1 
ATOM   949  N  N   . GLU A 1 164 ? 4.625   -5.331  -1.814  1.00 43.26  ? 278 GLU A N   1 
ATOM   950  C  CA  . GLU A 1 164 ? 5.823   -4.795  -2.453  1.00 43.26  ? 278 GLU A CA  1 
ATOM   951  C  C   . GLU A 1 164 ? 5.721   -5.083  -3.946  1.00 41.73  ? 278 GLU A C   1 
ATOM   952  O  O   . GLU A 1 164 ? 5.975   -4.211  -4.780  1.00 42.20  ? 278 GLU A O   1 
ATOM   953  C  CB  . GLU A 1 164 ? 7.099   -5.435  -1.879  1.00 46.86  ? 278 GLU A CB  1 
ATOM   954  C  CG  . GLU A 1 164 ? 7.550   -4.804  -0.576  1.00 50.47  ? 278 GLU A CG  1 
ATOM   955  C  CD  . GLU A 1 164 ? 8.944   -5.229  -0.130  1.00 52.62  ? 278 GLU A CD  1 
ATOM   956  O  OE1 . GLU A 1 164 ? 9.142   -6.420  0.199   1.00 54.08  ? 278 GLU A OE1 1 
ATOM   957  O  OE2 . GLU A 1 164 ? 9.846   -4.361  -0.103  1.00 53.30  ? 278 GLU A OE2 1 
ATOM   958  N  N   . VAL A 1 165 ? 5.339   -6.310  -4.282  1.00 39.59  ? 279 VAL A N   1 
ATOM   959  C  CA  . VAL A 1 165 ? 5.193   -6.697  -5.681  1.00 38.89  ? 279 VAL A CA  1 
ATOM   960  C  C   . VAL A 1 165 ? 4.077   -5.881  -6.335  1.00 38.43  ? 279 VAL A C   1 
ATOM   961  O  O   . VAL A 1 165 ? 4.236   -5.360  -7.444  1.00 37.85  ? 279 VAL A O   1 
ATOM   962  C  CB  . VAL A 1 165 ? 4.868   -8.192  -5.821  1.00 32.82  ? 279 VAL A CB  1 
ATOM   963  C  CG1 . VAL A 1 165 ? 4.633   -8.529  -7.290  1.00 35.30  ? 279 VAL A CG1 1 
ATOM   964  C  CG2 . VAL A 1 165 ? 6.014   -9.028  -5.273  1.00 31.94  ? 279 VAL A CG2 1 
ATOM   965  N  N   . ALA A 1 166 ? 2.952   -5.769  -5.640  1.00 32.70  ? 280 ALA A N   1 
ATOM   966  C  CA  . ALA A 1 166 ? 1.831   -5.006  -6.155  1.00 33.72  ? 280 ALA A CA  1 
ATOM   967  C  C   . ALA A 1 166 ? 2.292   -3.629  -6.606  1.00 35.17  ? 280 ALA A C   1 
ATOM   968  O  O   . ALA A 1 166 ? 1.884   -3.143  -7.659  1.00 35.78  ? 280 ALA A O   1 
ATOM   969  C  CB  . ALA A 1 166 ? 0.766   -4.867  -5.093  1.00 43.29  ? 280 ALA A CB  1 
ATOM   970  N  N   . ALA A 1 167 ? 3.155   -3.005  -5.810  1.00 39.62  ? 281 ALA A N   1 
ATOM   971  C  CA  . ALA A 1 167 ? 3.655   -1.675  -6.130  1.00 41.24  ? 281 ALA A CA  1 
ATOM   972  C  C   . ALA A 1 167 ? 4.625   -1.711  -7.301  1.00 43.74  ? 281 ALA A C   1 
ATOM   973  O  O   . ALA A 1 167 ? 4.474   -0.942  -8.246  1.00 44.04  ? 281 ALA A O   1 
ATOM   974  C  CB  . ALA A 1 167 ? 4.324   -1.054  -4.908  1.00 42.44  ? 281 ALA A CB  1 
HETATM 975  N  N   . MSE A 1 168 ? 5.619   -2.597  -7.239  1.00 43.11  ? 282 MSE A N   1 
HETATM 976  C  CA  . MSE A 1 168 ? 6.591   -2.710  -8.320  1.00 43.85  ? 282 MSE A CA  1 
HETATM 977  C  C   . MSE A 1 168 ? 5.822   -2.852  -9.614  1.00 41.88  ? 282 MSE A C   1 
HETATM 978  O  O   . MSE A 1 168 ? 6.090   -2.181  -10.602 1.00 40.37  ? 282 MSE A O   1 
HETATM 979  C  CB  . MSE A 1 168 ? 7.442   -3.962  -8.161  1.00 62.20  ? 282 MSE A CB  1 
HETATM 980  C  CG  . MSE A 1 168 ? 8.528   -3.911  -7.126  1.00 71.31  ? 282 MSE A CG  1 
HETATM 981  SE SE  . MSE A 1 168 ? 9.267   -5.706  -6.888  1.00 84.19  ? 282 MSE A SE  1 
HETATM 982  C  CE  . MSE A 1 168 ? 8.699   -6.027  -5.062  1.00 79.14  ? 282 MSE A CE  1 
ATOM   983  N  N   . ASN A 1 169 ? 4.854   -3.751  -9.587  1.00 46.87  ? 283 ASN A N   1 
ATOM   984  C  CA  . ASN A 1 169 ? 4.045   -4.040  -10.748 1.00 48.23  ? 283 ASN A CA  1 
ATOM   985  C  C   . ASN A 1 169 ? 3.282   -2.828  -11.287 1.00 48.27  ? 283 ASN A C   1 
ATOM   986  O  O   . ASN A 1 169 ? 3.355   -2.509  -12.481 1.00 48.27  ? 283 ASN A O   1 
ATOM   987  C  CB  . ASN A 1 169 ? 3.073   -5.157  -10.400 1.00 50.74  ? 283 ASN A CB  1 
ATOM   988  C  CG  . ASN A 1 169 ? 2.435   -5.750  -11.613 1.00 50.98  ? 283 ASN A CG  1 
ATOM   989  O  OD1 . ASN A 1 169 ? 1.663   -6.702  -11.516 1.00 52.70  ? 283 ASN A OD1 1 
ATOM   990  N  ND2 . ASN A 1 169 ? 2.751   -5.192  -12.776 1.00 50.78  ? 283 ASN A ND2 1 
ATOM   991  N  N   . PHE A 1 170 ? 2.535   -2.170  -10.409 1.00 49.61  ? 284 PHE A N   1 
ATOM   992  C  CA  . PHE A 1 170 ? 1.765   -0.997  -10.790 1.00 48.00  ? 284 PHE A CA  1 
ATOM   993  C  C   . PHE A 1 170 ? 2.691   -0.011  -11.483 1.00 47.78  ? 284 PHE A C   1 
ATOM   994  O  O   . PHE A 1 170 ? 2.335   0.639   -12.468 1.00 48.88  ? 284 PHE A O   1 
ATOM   995  C  CB  . PHE A 1 170 ? 1.177   -0.350  -9.545  1.00 38.98  ? 284 PHE A CB  1 
ATOM   996  C  CG  . PHE A 1 170 ? 0.743   1.073   -9.744  1.00 39.82  ? 284 PHE A CG  1 
ATOM   997  C  CD1 . PHE A 1 170 ? -0.590  1.381   -10.023 1.00 40.92  ? 284 PHE A CD1 1 
ATOM   998  C  CD2 . PHE A 1 170 ? 1.659   2.116   -9.623  1.00 39.23  ? 284 PHE A CD2 1 
ATOM   999  C  CE1 . PHE A 1 170 ? -1.004  2.708   -10.174 1.00 36.84  ? 284 PHE A CE1 1 
ATOM   1000 C  CE2 . PHE A 1 170 ? 1.253   3.445   -9.774  1.00 38.53  ? 284 PHE A CE2 1 
ATOM   1001 C  CZ  . PHE A 1 170 ? -0.081  3.736   -10.048 1.00 37.94  ? 284 PHE A CZ  1 
ATOM   1002 N  N   . ARG A 1 171 ? 3.889   0.092   -10.938 1.00 44.09  ? 285 ARG A N   1 
ATOM   1003 C  CA  . ARG A 1 171 ? 4.904   0.989   -11.444 1.00 42.97  ? 285 ARG A CA  1 
ATOM   1004 C  C   . ARG A 1 171 ? 5.409   0.509   -12.803 1.00 43.93  ? 285 ARG A C   1 
ATOM   1005 O  O   . ARG A 1 171 ? 5.611   1.315   -13.717 1.00 43.87  ? 285 ARG A O   1 
ATOM   1006 C  CB  . ARG A 1 171 ? 6.037   1.058   -10.417 1.00 37.20  ? 285 ARG A CB  1 
ATOM   1007 C  CG  . ARG A 1 171 ? 7.152   1.987   -10.752 1.00 36.83  ? 285 ARG A CG  1 
ATOM   1008 C  CD  . ARG A 1 171 ? 8.004   2.289   -9.528  1.00 37.69  ? 285 ARG A CD  1 
ATOM   1009 N  NE  . ARG A 1 171 ? 9.095   3.175   -9.899  1.00 41.20  ? 285 ARG A NE  1 
ATOM   1010 C  CZ  . ARG A 1 171 ? 10.105  2.817   -10.688 1.00 43.42  ? 285 ARG A CZ  1 
ATOM   1011 N  NH1 . ARG A 1 171 ? 10.167  1.583   -11.170 1.00 45.11  ? 285 ARG A NH1 1 
ATOM   1012 N  NH2 . ARG A 1 171 ? 11.034  3.699   -11.028 1.00 46.71  ? 285 ARG A NH2 1 
ATOM   1013 N  N   . ALA A 1 172 ? 5.594   -0.805  -12.929 1.00 40.88  ? 286 ALA A N   1 
ATOM   1014 C  CA  . ALA A 1 172 ? 6.078   -1.414  -14.164 1.00 41.31  ? 286 ALA A CA  1 
ATOM   1015 C  C   . ALA A 1 172 ? 5.160   -1.097  -15.340 1.00 43.02  ? 286 ALA A C   1 
ATOM   1016 O  O   . ALA A 1 172 ? 5.632   -0.749  -16.426 1.00 42.09  ? 286 ALA A O   1 
ATOM   1017 C  CB  . ALA A 1 172 ? 6.196   -2.909  -13.992 1.00 35.66  ? 286 ALA A CB  1 
ATOM   1018 N  N   . LYS A 1 173 ? 3.851   -1.217  -15.121 1.00 50.12  ? 287 LYS A N   1 
ATOM   1019 C  CA  . LYS A 1 173 ? 2.881   -0.936  -16.175 1.00 52.27  ? 287 LYS A CA  1 
ATOM   1020 C  C   . LYS A 1 173 ? 3.002   0.513   -16.643 1.00 52.62  ? 287 LYS A C   1 
ATOM   1021 O  O   . LYS A 1 173 ? 3.153   0.779   -17.830 1.00 54.60  ? 287 LYS A O   1 
ATOM   1022 C  CB  . LYS A 1 173 ? 1.463   -1.220  -15.688 1.00 55.99  ? 287 LYS A CB  1 
ATOM   1023 C  CG  . LYS A 1 173 ? 1.277   -2.643  -15.200 1.00 60.88  ? 287 LYS A CG  1 
ATOM   1024 C  CD  . LYS A 1 173 ? -0.197  -3.020  -15.060 1.00 64.61  ? 287 LYS A CD  1 
ATOM   1025 C  CE  . LYS A 1 173 ? -0.939  -2.093  -14.099 1.00 67.48  ? 287 LYS A CE  1 
ATOM   1026 N  NZ  . LYS A 1 173 ? -2.370  -2.499  -13.925 1.00 69.68  ? 287 LYS A NZ  1 
ATOM   1027 N  N   . SER A 1 174 ? 2.949   1.448   -15.708 1.00 45.66  ? 288 SER A N   1 
ATOM   1028 C  CA  . SER A 1 174 ? 3.077   2.858   -16.042 1.00 46.24  ? 288 SER A CA  1 
ATOM   1029 C  C   . SER A 1 174 ? 4.198   3.074   -17.061 1.00 47.69  ? 288 SER A C   1 
ATOM   1030 O  O   . SER A 1 174 ? 4.203   4.064   -17.792 1.00 48.44  ? 288 SER A O   1 
ATOM   1031 C  CB  . SER A 1 174 ? 3.387   3.661   -14.779 1.00 44.91  ? 288 SER A CB  1 
ATOM   1032 O  OG  . SER A 1 174 ? 2.495   3.313   -13.735 1.00 45.69  ? 288 SER A OG  1 
HETATM 1033 N  N   . MSE A 1 175 ? 5.155   2.153   -17.106 1.00 49.34  ? 289 MSE A N   1 
HETATM 1034 C  CA  . MSE A 1 175 ? 6.271   2.278   -18.029 1.00 50.61  ? 289 MSE A CA  1 
HETATM 1035 C  C   . MSE A 1 175 ? 6.044   1.454   -19.307 1.00 50.86  ? 289 MSE A C   1 
HETATM 1036 O  O   . MSE A 1 175 ? 6.859   1.470   -20.234 1.00 49.34  ? 289 MSE A O   1 
HETATM 1037 C  CB  . MSE A 1 175 ? 7.564   1.868   -17.319 1.00 60.09  ? 289 MSE A CB  1 
HETATM 1038 C  CG  . MSE A 1 175 ? 7.816   2.652   -16.033 1.00 66.26  ? 289 MSE A CG  1 
HETATM 1039 SE SE  . MSE A 1 175 ? 9.524   2.317   -15.136 1.00 74.85  ? 289 MSE A SE  1 
HETATM 1040 C  CE  . MSE A 1 175 ? 9.146   0.542   -14.466 1.00 72.83  ? 289 MSE A CE  1 
ATOM   1041 N  N   . GLY A 1 176 ? 4.920   0.744   -19.352 1.00 50.43  ? 290 GLY A N   1 
ATOM   1042 C  CA  . GLY A 1 176 ? 4.595   -0.049  -20.518 1.00 52.22  ? 290 GLY A CA  1 
ATOM   1043 C  C   . GLY A 1 176 ? 4.747   -1.542  -20.324 1.00 54.65  ? 290 GLY A C   1 
ATOM   1044 O  O   . GLY A 1 176 ? 4.131   -2.334  -21.036 1.00 56.39  ? 290 GLY A O   1 
ATOM   1045 N  N   . TYR A 1 177 ? 5.564   -1.943  -19.361 1.00 60.70  ? 291 TYR A N   1 
ATOM   1046 C  CA  . TYR A 1 177 ? 5.765   -3.363  -19.133 1.00 60.62  ? 291 TYR A CA  1 
ATOM   1047 C  C   . TYR A 1 177 ? 4.522   -3.966  -18.538 1.00 61.46  ? 291 TYR A C   1 
ATOM   1048 O  O   . TYR A 1 177 ? 4.051   -3.533  -17.487 1.00 62.61  ? 291 TYR A O   1 
ATOM   1049 C  CB  . TYR A 1 177 ? 6.982   -3.574  -18.250 1.00 55.78  ? 291 TYR A CB  1 
ATOM   1050 C  CG  . TYR A 1 177 ? 8.183   -2.916  -18.875 1.00 56.51  ? 291 TYR A CG  1 
ATOM   1051 C  CD1 . TYR A 1 177 ? 8.429   -1.554  -18.694 1.00 54.49  ? 291 TYR A CD1 1 
ATOM   1052 C  CD2 . TYR A 1 177 ? 9.009   -3.629  -19.745 1.00 56.50  ? 291 TYR A CD2 1 
ATOM   1053 C  CE1 . TYR A 1 177 ? 9.461   -0.917  -19.371 1.00 56.92  ? 291 TYR A CE1 1 
ATOM   1054 C  CE2 . TYR A 1 177 ? 10.046  -3.005  -20.427 1.00 57.18  ? 291 TYR A CE2 1 
ATOM   1055 C  CZ  . TYR A 1 177 ? 10.267  -1.650  -20.240 1.00 58.12  ? 291 TYR A CZ  1 
ATOM   1056 O  OH  . TYR A 1 177 ? 11.285  -1.032  -20.935 1.00 59.19  ? 291 TYR A OH  1 
ATOM   1057 N  N   . ASP A 1 178 ? 3.987   -4.960  -19.237 1.00 57.74  ? 292 ASP A N   1 
ATOM   1058 C  CA  . ASP A 1 178 ? 2.768   -5.630  -18.824 1.00 58.36  ? 292 ASP A CA  1 
ATOM   1059 C  C   . ASP A 1 178 ? 2.899   -7.139  -18.999 1.00 57.77  ? 292 ASP A C   1 
ATOM   1060 O  O   . ASP A 1 178 ? 3.666   -7.610  -19.840 1.00 58.87  ? 292 ASP A O   1 
ATOM   1061 C  CB  . ASP A 1 178 ? 1.616   -5.109  -19.677 1.00 83.98  ? 292 ASP A CB  1 
ATOM   1062 C  CG  . ASP A 1 178 ? 0.272   -5.620  -19.218 1.00 88.83  ? 292 ASP A CG  1 
ATOM   1063 O  OD1 . ASP A 1 178 ? -0.711  -5.438  -19.968 1.00 90.36  ? 292 ASP A OD1 1 
ATOM   1064 O  OD2 . ASP A 1 178 ? 0.194   -6.194  -18.107 1.00 92.55  ? 292 ASP A OD2 1 
ATOM   1065 N  N   . ALA A 1 179 ? 2.146   -7.893  -18.203 1.00 51.46  ? 293 ALA A N   1 
ATOM   1066 C  CA  . ALA A 1 179 ? 2.164   -9.349  -18.280 1.00 50.97  ? 293 ALA A CA  1 
ATOM   1067 C  C   . ALA A 1 179 ? 1.534   -9.763  -19.598 1.00 50.97  ? 293 ALA A C   1 
ATOM   1068 O  O   . ALA A 1 179 ? 1.913   -10.767 -20.209 1.00 50.67  ? 293 ALA A O   1 
ATOM   1069 C  CB  . ALA A 1 179 ? 1.372   -9.949  -17.119 1.00 62.79  ? 293 ALA A CB  1 
ATOM   1070 N  N   . THR A 1 180 ? 0.559   -8.974  -20.027 1.00 52.04  ? 294 THR A N   1 
ATOM   1071 C  CA  . THR A 1 180 ? -0.150  -9.235  -21.268 1.00 50.29  ? 294 THR A CA  1 
ATOM   1072 C  C   . THR A 1 180 ? 0.811   -9.201  -22.444 1.00 49.96  ? 294 THR A C   1 
ATOM   1073 O  O   . THR A 1 180 ? 0.781   -10.077 -23.300 1.00 48.71  ? 294 THR A O   1 
ATOM   1074 C  CB  . THR A 1 180 ? -1.224  -8.184  -21.483 1.00 52.66  ? 294 THR A CB  1 
ATOM   1075 O  OG1 . THR A 1 180 ? -1.850  -7.896  -20.226 1.00 53.40  ? 294 THR A OG1 1 
ATOM   1076 C  CG2 . THR A 1 180 ? -2.261  -8.688  -22.460 1.00 51.70  ? 294 THR A CG2 1 
ATOM   1077 N  N   . LYS A 1 181 ? 1.671   -8.189  -22.478 1.00 53.47  ? 295 LYS A N   1 
ATOM   1078 C  CA  . LYS A 1 181 ? 2.627   -8.057  -23.564 1.00 54.81  ? 295 LYS A CA  1 
ATOM   1079 C  C   . LYS A 1 181 ? 3.551   -9.257  -23.599 1.00 55.58  ? 295 LYS A C   1 
ATOM   1080 O  O   . LYS A 1 181 ? 3.801   -9.841  -24.652 1.00 56.06  ? 295 LYS A O   1 
ATOM   1081 C  CB  . LYS A 1 181 ? 3.428   -6.767  -23.406 1.00 64.98  ? 295 LYS A CB  1 
ATOM   1082 C  CG  . LYS A 1 181 ? 2.547   -5.531  -23.436 1.00 68.55  ? 295 LYS A CG  1 
ATOM   1083 C  CD  . LYS A 1 181 ? 3.349   -4.238  -23.453 1.00 70.67  ? 295 LYS A CD  1 
ATOM   1084 C  CE  . LYS A 1 181 ? 2.417   -3.029  -23.430 1.00 70.67  ? 295 LYS A CE  1 
ATOM   1085 N  NZ  . LYS A 1 181 ? 3.156   -1.733  -23.480 1.00 72.34  ? 295 LYS A NZ  1 
ATOM   1086 N  N   . THR A 1 182 ? 4.064   -9.630  -22.438 1.00 58.57  ? 296 THR A N   1 
ATOM   1087 C  CA  . THR A 1 182 ? 4.944   -10.780 -22.359 1.00 58.74  ? 296 THR A CA  1 
ATOM   1088 C  C   . THR A 1 182 ? 4.152   -12.014 -22.784 1.00 57.99  ? 296 THR A C   1 
ATOM   1089 O  O   . THR A 1 182 ? 4.674   -12.901 -23.455 1.00 56.97  ? 296 THR A O   1 
ATOM   1090 C  CB  . THR A 1 182 ? 5.487   -10.942 -20.920 1.00 56.92  ? 296 THR A CB  1 
ATOM   1091 O  OG1 . THR A 1 182 ? 6.406   -9.872  -20.648 1.00 57.52  ? 296 THR A OG1 1 
ATOM   1092 C  CG2 . THR A 1 182 ? 6.193   -12.285 -20.746 1.00 54.35  ? 296 THR A CG2 1 
ATOM   1093 N  N   . PHE A 1 183 ? 2.880   -12.046 -22.409 1.00 60.09  ? 297 PHE A N   1 
ATOM   1094 C  CA  . PHE A 1 183 ? 2.008   -13.162 -22.750 1.00 61.24  ? 297 PHE A CA  1 
ATOM   1095 C  C   . PHE A 1 183 ? 1.764   -13.272 -24.251 1.00 60.54  ? 297 PHE A C   1 
ATOM   1096 O  O   . PHE A 1 183 ? 1.710   -14.371 -24.802 1.00 60.09  ? 297 PHE A O   1 
ATOM   1097 C  CB  . PHE A 1 183 ? 0.664   -13.016 -22.054 1.00 83.06  ? 297 PHE A CB  1 
ATOM   1098 C  CG  . PHE A 1 183 ? -0.156  -14.256 -22.097 1.00 86.46  ? 297 PHE A CG  1 
ATOM   1099 C  CD1 . PHE A 1 183 ? -1.541  -14.190 -22.118 1.00 89.93  ? 297 PHE A CD1 1 
ATOM   1100 C  CD2 . PHE A 1 183 ? 0.462   -15.502 -22.110 1.00 87.74  ? 297 PHE A CD2 1 
ATOM   1101 C  CE1 . PHE A 1 183 ? -2.304  -15.354 -22.152 1.00 92.61  ? 297 PHE A CE1 1 
ATOM   1102 C  CE2 . PHE A 1 183 ? -0.285  -16.670 -22.143 1.00 90.81  ? 297 PHE A CE2 1 
ATOM   1103 C  CZ  . PHE A 1 183 ? -1.671  -16.601 -22.165 1.00 92.31  ? 297 PHE A CZ  1 
ATOM   1104 N  N   . GLU A 1 184 ? 1.586   -12.127 -24.906 1.00 51.85  ? 298 GLU A N   1 
ATOM   1105 C  CA  . GLU A 1 184 ? 1.369   -12.107 -26.341 1.00 49.99  ? 298 GLU A CA  1 
ATOM   1106 C  C   . GLU A 1 184 ? 2.679   -12.507 -27.008 1.00 49.35  ? 298 GLU A C   1 
ATOM   1107 O  O   . GLU A 1 184 ? 2.689   -13.154 -28.051 1.00 48.75  ? 298 GLU A O   1 
ATOM   1108 C  CB  . GLU A 1 184 ? 0.940   -10.708 -26.791 1.00 54.89  ? 298 GLU A CB  1 
ATOM   1109 N  N   . LYS A 1 185 ? 3.786   -12.127 -26.380 1.00 52.10  ? 299 LYS A N   1 
ATOM   1110 C  CA  . LYS A 1 185 ? 5.121   -12.438 -26.885 1.00 52.30  ? 299 LYS A CA  1 
ATOM   1111 C  C   . LYS A 1 185 ? 5.392   -13.945 -26.810 1.00 50.23  ? 299 LYS A C   1 
ATOM   1112 O  O   . LYS A 1 185 ? 5.994   -14.515 -27.721 1.00 49.73  ? 299 LYS A O   1 
ATOM   1113 C  CB  . LYS A 1 185 ? 6.168   -11.642 -26.083 1.00 82.02  ? 299 LYS A CB  1 
ATOM   1114 C  CG  . LYS A 1 185 ? 7.613   -11.756 -26.576 1.00 85.33  ? 299 LYS A CG  1 
ATOM   1115 C  CD  . LYS A 1 185 ? 8.361   -12.929 -25.928 1.00 89.24  ? 299 LYS A CD  1 
ATOM   1116 C  CE  . LYS A 1 185 ? 8.541   -12.736 -24.408 1.00 92.91  ? 299 LYS A CE  1 
ATOM   1117 N  NZ  . LYS A 1 185 ? 9.395   -11.560 -24.019 1.00 93.42  ? 299 LYS A NZ  1 
ATOM   1118 N  N   . ASN A 1 186 ? 4.945   -14.587 -25.731 1.00 45.28  ? 300 ASN A N   1 
ATOM   1119 C  CA  . ASN A 1 186 ? 5.128   -16.030 -25.565 1.00 43.53  ? 300 ASN A CA  1 
ATOM   1120 C  C   . ASN A 1 186 ? 4.289   -16.787 -26.583 1.00 42.98  ? 300 ASN A C   1 
ATOM   1121 O  O   . ASN A 1 186 ? 4.736   -17.778 -27.153 1.00 41.31  ? 300 ASN A O   1 
ATOM   1122 C  CB  . ASN A 1 186 ? 4.714   -16.483 -24.160 1.00 50.30  ? 300 ASN A CB  1 
ATOM   1123 C  CG  . ASN A 1 186 ? 5.764   -16.177 -23.105 1.00 49.84  ? 300 ASN A CG  1 
ATOM   1124 O  OD1 . ASN A 1 186 ? 5.559   -16.444 -21.915 1.00 47.10  ? 300 ASN A OD1 1 
ATOM   1125 N  ND2 . ASN A 1 186 ? 6.894   -15.620 -23.532 1.00 49.40  ? 300 ASN A ND2 1 
ATOM   1126 N  N   . LEU A 1 187 ? 3.067   -16.311 -26.801 1.00 46.75  ? 301 LEU A N   1 
ATOM   1127 C  CA  . LEU A 1 187 ? 2.148   -16.938 -27.741 1.00 47.33  ? 301 LEU A CA  1 
ATOM   1128 C  C   . LEU A 1 187 ? 2.771   -17.021 -29.134 1.00 49.15  ? 301 LEU A C   1 
ATOM   1129 O  O   . LEU A 1 187 ? 2.674   -18.051 -29.794 1.00 48.75  ? 301 LEU A O   1 
ATOM   1130 C  CB  . LEU A 1 187 ? 0.833   -16.158 -27.775 1.00 52.89  ? 301 LEU A CB  1 
ATOM   1131 C  CG  . LEU A 1 187 ? -0.402  -16.928 -28.247 1.00 51.38  ? 301 LEU A CG  1 
ATOM   1132 C  CD1 . LEU A 1 187 ? -1.650  -16.387 -27.577 1.00 51.23  ? 301 LEU A CD1 1 
ATOM   1133 C  CD2 . LEU A 1 187 ? -0.506  -16.823 -29.741 1.00 50.77  ? 301 LEU A CD2 1 
ATOM   1134 N  N   . ASN A 1 188 ? 3.412   -15.948 -29.583 1.00 53.17  ? 302 ASN A N   1 
ATOM   1135 C  CA  . ASN A 1 188 ? 4.069   -15.973 -30.883 1.00 57.03  ? 302 ASN A CA  1 
ATOM   1136 C  C   . ASN A 1 188 ? 5.018   -17.162 -30.917 1.00 59.95  ? 302 ASN A C   1 
ATOM   1137 O  O   . ASN A 1 188 ? 4.963   -17.996 -31.821 1.00 60.80  ? 302 ASN A O   1 
ATOM   1138 C  CB  . ASN A 1 188 ? 4.883   -14.704 -31.109 1.00 70.17  ? 302 ASN A CB  1 
ATOM   1139 C  CG  . ASN A 1 188 ? 4.053   -13.575 -31.659 1.00 72.63  ? 302 ASN A CG  1 
ATOM   1140 O  OD1 . ASN A 1 188 ? 3.494   -13.680 -32.750 1.00 75.11  ? 302 ASN A OD1 1 
ATOM   1141 N  ND2 . ASN A 1 188 ? 3.969   -12.476 -30.910 1.00 74.24  ? 302 ASN A ND2 1 
ATOM   1142 N  N   . HIS A 1 189 ? 5.893   -17.226 -29.918 1.00 59.88  ? 303 HIS A N   1 
ATOM   1143 C  CA  . HIS A 1 189 ? 6.867   -18.298 -29.819 1.00 61.65  ? 303 HIS A CA  1 
ATOM   1144 C  C   . HIS A 1 189 ? 6.351   -19.620 -30.374 1.00 62.18  ? 303 HIS A C   1 
ATOM   1145 O  O   . HIS A 1 189 ? 7.016   -20.231 -31.202 1.00 62.60  ? 303 HIS A O   1 
ATOM   1146 C  CB  . HIS A 1 189 ? 7.298   -18.490 -28.368 1.00 81.87  ? 303 HIS A CB  1 
ATOM   1147 C  CG  . HIS A 1 189 ? 8.395   -19.493 -28.199 1.00 83.49  ? 303 HIS A CG  1 
ATOM   1148 N  ND1 . HIS A 1 189 ? 9.666   -19.294 -28.693 1.00 82.40  ? 303 HIS A ND1 1 
ATOM   1149 C  CD2 . HIS A 1 189 ? 8.399   -20.721 -27.630 1.00 84.16  ? 303 HIS A CD2 1 
ATOM   1150 C  CE1 . HIS A 1 189 ? 10.405  -20.358 -28.438 1.00 83.76  ? 303 HIS A CE1 1 
ATOM   1151 N  NE2 . HIS A 1 189 ? 9.661   -21.239 -27.795 1.00 84.95  ? 303 HIS A NE2 1 
ATOM   1152 N  N   . LEU A 1 190 ? 5.176   -20.060 -29.924 1.00 82.40  ? 304 LEU A N   1 
ATOM   1153 C  CA  . LEU A 1 190 ? 4.594   -21.321 -30.409 1.00 84.48  ? 304 LEU A CA  1 
ATOM   1154 C  C   . LEU A 1 190 ? 4.215   -21.207 -31.888 1.00 84.79  ? 304 LEU A C   1 
ATOM   1155 O  O   . LEU A 1 190 ? 4.722   -21.945 -32.739 1.00 85.30  ? 304 LEU A O   1 
ATOM   1156 C  CB  . LEU A 1 190 ? 3.331   -21.692 -29.625 1.00 75.79  ? 304 LEU A CB  1 
ATOM   1157 C  CG  . LEU A 1 190 ? 3.372   -21.794 -28.107 1.00 76.81  ? 304 LEU A CG  1 
ATOM   1158 C  CD1 . LEU A 1 190 ? 3.474   -20.396 -27.524 1.00 77.55  ? 304 LEU A CD1 1 
ATOM   1159 C  CD2 . LEU A 1 190 ? 2.109   -22.490 -27.605 1.00 77.36  ? 304 LEU A CD2 1 
ATOM   1160 N  N   . ILE A 1 191 ? 3.300   -20.286 -32.170 1.00 66.49  ? 305 ILE A N   1 
ATOM   1161 C  CA  . ILE A 1 191 ? 2.837   -20.041 -33.522 1.00 66.23  ? 305 ILE A CA  1 
ATOM   1162 C  C   . ILE A 1 191 ? 4.003   -20.026 -34.510 1.00 67.17  ? 305 ILE A C   1 
ATOM   1163 O  O   . ILE A 1 191 ? 3.913   -20.601 -35.591 1.00 67.97  ? 305 ILE A O   1 
ATOM   1164 C  CB  . ILE A 1 191 ? 2.103   -18.684 -33.607 1.00 56.37  ? 305 ILE A CB  1 
ATOM   1165 C  CG1 . ILE A 1 191 ? 0.814   -18.732 -32.797 1.00 55.29  ? 305 ILE A CG1 1 
ATOM   1166 C  CG2 . ILE A 1 191 ? 1.808   -18.333 -35.046 1.00 56.38  ? 305 ILE A CG2 1 
ATOM   1167 C  CD1 . ILE A 1 191 ? 0.043   -17.429 -32.846 1.00 56.19  ? 305 ILE A CD1 1 
ATOM   1168 N  N   . GLU A 1 192 ? 5.098   -19.375 -34.131 1.00 73.06  ? 306 GLU A N   1 
ATOM   1169 C  CA  . GLU A 1 192 ? 6.259   -19.275 -35.006 1.00 74.06  ? 306 GLU A CA  1 
ATOM   1170 C  C   . GLU A 1 192 ? 7.453   -20.094 -34.525 1.00 74.63  ? 306 GLU A C   1 
ATOM   1171 O  O   . GLU A 1 192 ? 8.596   -19.775 -34.848 1.00 75.01  ? 306 GLU A O   1 
ATOM   1172 C  CB  . GLU A 1 192 ? 6.680   -17.807 -35.148 1.00 73.08  ? 306 GLU A CB  1 
ATOM   1173 C  CG  . GLU A 1 192 ? 5.556   -16.840 -35.522 1.00 74.52  ? 306 GLU A CG  1 
ATOM   1174 C  CD  . GLU A 1 192 ? 4.874   -17.181 -36.842 1.00 76.08  ? 306 GLU A CD  1 
ATOM   1175 O  OE1 . GLU A 1 192 ? 5.579   -17.350 -37.864 1.00 77.59  ? 306 GLU A OE1 1 
ATOM   1176 O  OE2 . GLU A 1 192 ? 3.628   -17.269 -36.861 1.00 76.03  ? 306 GLU A OE2 1 
ATOM   1177 N  N   . HIS A 1 193 ? 7.190   -21.153 -33.764 1.00 84.69  ? 307 HIS A N   1 
ATOM   1178 C  CA  . HIS A 1 193 ? 8.257   -22.004 -33.239 1.00 84.52  ? 307 HIS A CA  1 
ATOM   1179 C  C   . HIS A 1 193 ? 9.099   -22.593 -34.360 1.00 85.19  ? 307 HIS A C   1 
ATOM   1180 O  O   . HIS A 1 193 ? 9.312   -23.805 -34.409 1.00 86.17  ? 307 HIS A O   1 
ATOM   1181 C  CB  . HIS A 1 193 ? 7.667   -23.122 -32.392 1.00 66.93  ? 307 HIS A CB  1 
HETATM 1182 P  P   . PO4 B 2 .   ? -4.912  -4.534  11.838  1.00 74.66  ? 400 PO4 A P   1 
HETATM 1183 O  O1  . PO4 B 2 .   ? -5.895  -4.310  12.934  1.00 75.52  ? 400 PO4 A O1  1 
HETATM 1184 O  O2  . PO4 B 2 .   ? -5.638  -4.863  10.580  1.00 73.35  ? 400 PO4 A O2  1 
HETATM 1185 O  O3  . PO4 B 2 .   ? -4.106  -3.297  11.638  1.00 73.11  ? 400 PO4 A O3  1 
HETATM 1186 O  O4  . PO4 B 2 .   ? -4.013  -5.665  12.200  1.00 71.72  ? 400 PO4 A O4  1 
HETATM 1187 O  O   . HOH C 3 .   ? -7.761  -1.351  13.333  1.00 30.34  ? 401 HOH A O   1 
HETATM 1188 O  O   . HOH C 3 .   ? 10.552  2.659   -0.386  1.00 25.31  ? 402 HOH A O   1 
HETATM 1189 O  O   . HOH C 3 .   ? 12.359  1.357   -1.150  1.00 29.41  ? 403 HOH A O   1 
HETATM 1190 O  O   . HOH C 3 .   ? 11.467  4.711   0.816   1.00 41.55  ? 404 HOH A O   1 
HETATM 1191 O  O   . HOH C 3 .   ? 2.489   7.822   11.844  1.00 45.09  ? 405 HOH A O   1 
HETATM 1192 O  O   . HOH C 3 .   ? -14.010 12.477  -5.277  1.00 34.89  ? 406 HOH A O   1 
HETATM 1193 O  O   . HOH C 3 .   ? -12.330 14.413  -0.674  1.00 49.91  ? 407 HOH A O   1 
HETATM 1194 O  O   . HOH C 3 .   ? 9.949   10.339  17.010  1.00 47.71  ? 408 HOH A O   1 
HETATM 1195 O  O   . HOH C 3 .   ? 8.009   -3.038  -23.906 1.00 45.69  ? 410 HOH A O   1 
HETATM 1196 O  O   . HOH C 3 .   ? 8.490   -23.069 -29.189 1.00 53.13  ? 411 HOH A O   1 
HETATM 1197 O  O   . HOH C 3 .   ? -4.281  15.696  8.977   1.00 52.10  ? 412 HOH A O   1 
HETATM 1198 O  O   . HOH C 3 .   ? 11.361  11.375  -0.915  1.00 52.59  ? 413 HOH A O   1 
HETATM 1199 O  O   . HOH C 3 .   ? -3.790  25.796  3.117   1.00 51.29  ? 414 HOH A O   1 
HETATM 1200 O  O   . HOH C 3 .   ? 2.212   22.676  4.395   1.00 44.82  ? 415 HOH A O   1 
HETATM 1201 O  O   . HOH C 3 .   ? -12.143 -0.711  5.360   1.00 44.89  ? 416 HOH A O   1 
HETATM 1202 O  O   . HOH C 3 .   ? -15.666 -5.956  1.216   1.00 56.20  ? 417 HOH A O   1 
HETATM 1203 O  O   . HOH C 3 .   ? 12.369  2.116   6.688   1.00 23.93  ? 418 HOH A O   1 
HETATM 1204 O  O   . HOH C 3 .   ? 12.730  -4.416  -0.859  1.00 45.07  ? 419 HOH A O   1 
HETATM 1205 O  O   . HOH C 3 .   ? 4.945   19.541  4.242   1.00 52.68  ? 420 HOH A O   1 
HETATM 1206 O  O   . HOH C 3 .   ? -13.909 -4.369  -11.734 1.00 62.51  ? 421 HOH A O   1 
HETATM 1207 O  O   . HOH C 3 .   ? -11.988 1.945   -1.626  1.00 52.30  ? 422 HOH A O   1 
HETATM 1208 O  O   . HOH C 3 .   ? 0.919   21.536  6.183   1.00 44.67  ? 423 HOH A O   1 
HETATM 1209 O  O   . HOH C 3 .   ? 5.743   22.369  -3.128  1.00 46.74  ? 424 HOH A O   1 
HETATM 1210 O  O   . HOH C 3 .   ? -5.300  21.489  5.819   1.00 72.69  ? 425 HOH A O   1 
HETATM 1211 O  O   . HOH C 3 .   ? -5.034  14.991  16.062  1.00 61.89  ? 426 HOH A O   1 
HETATM 1212 O  O   . HOH C 3 .   ? -20.833 0.782   -5.304  1.00 54.06  ? 427 HOH A O   1 
HETATM 1213 O  O   . HOH C 3 .   ? -3.054  -5.343  -20.375 1.00 46.40  ? 428 HOH A O   1 
HETATM 1214 O  O   . HOH C 3 .   ? 4.810   22.586  4.807   1.00 50.09  ? 429 HOH A O   1 
HETATM 1215 O  O   . HOH C 3 .   ? -8.840  25.384  3.944   1.00 66.96  ? 430 HOH A O   1 
HETATM 1216 O  O   . HOH C 3 .   ? -24.231 3.006   -13.558 1.00 49.47  ? 431 HOH A O   1 
HETATM 1217 O  O   . HOH C 3 .   ? 3.042   8.121   -5.316  1.00 38.53  ? 432 HOH A O   1 
HETATM 1218 O  O   . HOH C 3 .   ? -18.357 -1.262  5.984   1.00 71.97  ? 433 HOH A O   1 
HETATM 1219 O  O   . HOH C 3 .   ? -9.410  25.663  1.285   1.00 52.58  ? 434 HOH A O   1 
HETATM 1220 O  O   . HOH C 3 .   ? -12.820 13.724  -7.707  1.00 66.68  ? 435 HOH A O   1 
HETATM 1221 O  O   . HOH C 3 .   ? -1.596  -1.168  20.150  1.00 48.29  ? 436 HOH A O   1 
HETATM 1222 O  O   . HOH C 3 .   ? -1.700  -2.852  -10.458 1.00 48.30  ? 437 HOH A O   1 
HETATM 1223 O  O   . HOH C 3 .   ? -2.077  -11.062 -31.140 1.00 43.57  ? 438 HOH A O   1 
HETATM 1224 O  O   . HOH C 3 .   ? -13.110 -21.179 -1.490  0.50 64.16  ? 439 HOH A O   1 
HETATM 1225 O  O   . HOH C 3 .   ? -2.077  17.065  8.702   1.00 44.17  ? 440 HOH A O   1 
HETATM 1226 O  O   . HOH C 3 .   ? 10.650  -25.235 -28.206 1.00 59.08  ? 441 HOH A O   1 
HETATM 1227 O  O   . HOH C 3 .   ? 3.428   18.251  -0.369  1.00 47.54  ? 442 HOH A O   1 
HETATM 1228 O  O   . HOH C 3 .   ? -20.216 0.527   -8.033  1.00 56.42  ? 443 HOH A O   1 
HETATM 1229 O  O   . HOH C 3 .   ? -7.198  15.108  11.907  1.00 80.65  ? 444 HOH A O   1 
HETATM 1230 O  O   . HOH C 3 .   ? -1.567  -8.642  -32.489 1.00 46.25  ? 445 HOH A O   1 
HETATM 1231 O  O   . HOH C 3 .   ? -4.096  -10.311 -28.677 1.00 52.87  ? 446 HOH A O   1 
HETATM 1232 O  O   . HOH C 3 .   ? -9.319  1.048   11.302  1.00 50.17  ? 447 HOH A O   1 
HETATM 1233 O  O   . HOH C 3 .   ? 4.346   16.074  -1.830  1.00 53.11  ? 448 HOH A O   1 
HETATM 1234 O  O   . HOH C 3 .   ? 6.965   -7.090  -21.297 1.00 56.28  ? 449 HOH A O   1 
HETATM 1235 O  O   . HOH C 3 .   ? -7.333  17.162  15.786  1.00 41.29  ? 450 HOH A O   1 
HETATM 1236 O  O   . HOH C 3 .   ? -13.022 12.492  -2.821  1.00 53.73  ? 451 HOH A O   1 
# 
